data_5JA1
#
_entry.id   5JA1
#
_cell.length_a   161.185
_cell.length_b   57.679
_cell.length_c   183.945
_cell.angle_alpha   90.00
_cell.angle_beta   97.93
_cell.angle_gamma   90.00
#
_symmetry.space_group_name_H-M   'I 1 2 1'
#
loop_
_entity.id
_entity.type
_entity.pdbx_description
1 polymer 'Enterobactin synthase component F'
2 polymer 'Enterobactin biosynthesis protein YbdZ'
3 non-polymer "5'-({[(2R,3S)-3-amino-4-hydroxy-2-{[2-({N-[(2R)-2-hydroxy-3,3-dimethyl-4-(phosphonooxy)butanoyl]-beta-alanyl}amino)ethyl]sulfanyl}butyl]sulfonyl}amino)-5'-deoxyadenosine"
4 non-polymer 'CHLORIDE ION'
5 water water
#
loop_
_entity_poly.entity_id
_entity_poly.type
_entity_poly.pdbx_seq_one_letter_code
_entity_poly.pdbx_strand_id
1 'polypeptide(L)'
;GHMSQHLPLVAAQPGIWMAEKLSELPSAWSVAHYVELTGEVDSPLLARAVVAGLAQADTLRMRFTEDNGEVWQWVDDALT
FELPEIIDLRTNIDPHGTAQALMQADLQQDLRVDSGKPLVFHQLIQVADNRWYWYQRYHHLLVDGFSFPAITRQIANIYC
TWLRGEPTPASPFTPFADVVEEYQQYRESEAWQRDAAFWAEQRRQLPPPASLSPAPLPGRSASADILRLKLEFTDGEFRQ
LATQLSGVQRTDLALALAALWLGRLCNRMDYAAGFIFMRRLGSAALTATGPVLNVLPLGIHIAAQETLPELATRLAAQLK
KMRRHQRYDAEQIVRDSGRAAGDEPLFGPVLNIKVFDYQLDIPDVQAQTHTLATGPVNDLELALFPDVHGDLSIEILANK
QRYDEPTLIQHAERLKMLIAQFAADPALLCGDVDIMLPGEYAQLAQLNATQVEIPETTLSALVAEQAAKTPDAPALADAR
YLFSYREMREQVVALANLLRERGVKPGDSVAVALPRSVFLTLALHAIVEAGAAWLPLDTGYPDDRLKMMLEDARPSLLIT
TDDQLPRFSDVPNLTSLCYNAPLTPQGSAPLQLSQPHHTAYIIFTSGSTGRPKGVMVGQTAIVNRLLWMQNHYPLTGEDV
VAQKTPCSFDVSVWEFFWPFIAGAKLVMAEPEAHRDPLAMQQFFAEYGVTTTHFVPSMLAAFVASLTPQTARQSCATLKQ
VFCSGEALPADLCREWQQLTGAPLHNLYGPTEAAVDVSWYPAFGEELAQVRGSSVPIGYPVWNTGLRILDAMMHPVPPGV
AGDLYLTGIQLAQGYLGRPDLTASRFIADPFAPGERMYRTGDVARWLDNGAVEYLGRSDDQLKIRGQRIELGEIDRVMQA
LPDVEQAVTHACVINQAAATGGDARQLVGYLVSQSGLPLDTSALQAQLRETLPPHMVPVVLLQLPQLPLSANGKLDRKAL
PLPELKAQAPGRAPKAGSETIIAAAFSSLLGCDVQDADADFFALGGHSLLAMKLAAQLSRQVARQVTPGQVMVASTVAKL
ATIIDAEEDSTRRMGFETILPLREGNGPTLFCFHPASGFAWQFSVLSRYLDPQWSIIGIQSPRPNGPMQTAANLDEVCEA
HLATLLEQQPHGPYYLLGYSLGGTLAQGIAARLRARGEQVAFLGLLDTWPPETQNWQEKEANGLDPEVLAEINREREAFL
AAQQGSTSTELFTTIEGNYADAVRLLTTAHSVPFDGKATLFVAERTLQEGMSPERAWSPWIAELDIYRQDCAHVDIISPG
TFEKIGPIIRATLNR
;
A
2 'polypeptide(L)' GHMAFSNPFDDPQGAFYILRNAQGQFSLWPQQCVLPAGWDIVCQPQSQASCQQWLEAHWRTLTPTNFTQLQEAQ B
#
loop_
_chem_comp.id
_chem_comp.type
_chem_comp.name
_chem_comp.formula
75C non-polymer 5'-({[(2R,3S)-3-amino-4-hydroxy-2-{[2-({N-[(2R)-2-hydroxy-3,3-dimethyl-4-(phosphonooxy)butanoyl]-beta-alanyl}amino)ethyl]sulfanyl}butyl]sulfonyl}amino)-5'-deoxyadenosine 'C25 H44 N9 O13 P S2'
CL non-polymer 'CHLORIDE ION' 'Cl -1'
#
# COMPACT_ATOMS: atom_id res chain seq x y z
N SER A 23 -29.89 32.30 17.38
CA SER A 23 -28.56 32.21 16.82
C SER A 23 -28.54 32.66 15.36
N GLU A 24 -29.06 31.82 14.47
CA GLU A 24 -29.10 32.10 13.06
C GLU A 24 -30.50 31.85 12.51
N LEU A 25 -30.82 32.54 11.42
CA LEU A 25 -32.15 32.43 10.83
C LEU A 25 -32.32 31.04 10.20
N PRO A 26 -33.44 30.37 10.43
CA PRO A 26 -33.56 28.95 10.10
C PRO A 26 -33.88 28.70 8.63
N SER A 27 -34.13 27.42 8.32
CA SER A 27 -33.77 26.86 7.02
C SER A 27 -34.75 27.20 5.90
N ALA A 28 -36.03 27.37 6.22
CA ALA A 28 -37.08 27.60 5.22
C ALA A 28 -37.23 26.41 4.27
N TRP A 29 -37.58 25.27 4.85
CA TRP A 29 -38.14 24.15 4.10
C TRP A 29 -39.43 23.74 4.78
N SER A 30 -40.44 23.42 3.99
CA SER A 30 -41.78 23.26 4.52
C SER A 30 -42.27 21.82 4.36
N VAL A 31 -43.26 21.46 5.17
CA VAL A 31 -43.93 20.16 5.06
C VAL A 31 -45.22 20.37 4.29
N ALA A 32 -45.47 19.51 3.29
CA ALA A 32 -46.61 19.67 2.41
C ALA A 32 -47.36 18.35 2.29
N HIS A 33 -48.68 18.46 2.23
N HIS A 33 -48.69 18.46 2.31
CA HIS A 33 -49.56 17.30 2.12
CA HIS A 33 -49.57 17.31 2.15
C HIS A 33 -50.90 17.77 1.59
C HIS A 33 -50.85 17.79 1.48
N TYR A 34 -51.65 16.84 1.01
CA TYR A 34 -53.00 17.14 0.55
C TYR A 34 -53.93 16.01 0.95
N VAL A 35 -55.12 16.39 1.40
CA VAL A 35 -56.17 15.44 1.78
C VAL A 35 -57.10 15.29 0.59
N GLU A 36 -57.23 14.06 0.10
CA GLU A 36 -58.08 13.77 -1.05
C GLU A 36 -59.49 13.45 -0.55
N LEU A 37 -60.38 14.43 -0.65
CA LEU A 37 -61.75 14.28 -0.17
C LEU A 37 -62.64 13.79 -1.30
N THR A 38 -63.44 12.76 -1.02
CA THR A 38 -64.35 12.17 -1.98
C THR A 38 -65.77 12.28 -1.44
N GLY A 39 -66.62 13.01 -2.14
CA GLY A 39 -67.99 13.25 -1.74
C GLY A 39 -68.36 14.71 -1.87
N GLU A 40 -69.60 15.00 -1.49
CA GLU A 40 -70.11 16.36 -1.53
C GLU A 40 -69.39 17.21 -0.47
N VAL A 41 -68.68 18.23 -0.92
CA VAL A 41 -67.91 19.12 -0.06
C VAL A 41 -68.40 20.54 -0.25
N ASP A 42 -68.77 21.20 0.83
CA ASP A 42 -69.16 22.61 0.80
C ASP A 42 -67.88 23.44 0.74
N SER A 43 -67.51 23.86 -0.47
CA SER A 43 -66.17 24.44 -0.67
C SER A 43 -66.00 25.80 0.00
N PRO A 44 -66.88 26.79 -0.18
CA PRO A 44 -66.65 28.07 0.51
C PRO A 44 -66.87 27.99 2.01
N LEU A 45 -67.50 26.93 2.50
CA LEU A 45 -67.60 26.71 3.94
C LEU A 45 -66.31 26.12 4.49
N LEU A 46 -65.76 25.11 3.81
CA LEU A 46 -64.51 24.50 4.24
C LEU A 46 -63.37 25.51 4.23
N ALA A 47 -63.34 26.39 3.22
CA ALA A 47 -62.34 27.45 3.18
C ALA A 47 -62.50 28.39 4.37
N ARG A 48 -63.74 28.69 4.74
CA ARG A 48 -63.98 29.51 5.92
C ARG A 48 -63.63 28.76 7.20
N ALA A 49 -63.73 27.43 7.18
CA ALA A 49 -63.33 26.63 8.33
C ALA A 49 -61.81 26.56 8.47
N VAL A 50 -61.07 26.76 7.38
CA VAL A 50 -59.62 26.78 7.47
C VAL A 50 -59.16 28.00 8.26
N VAL A 51 -59.68 29.18 7.93
CA VAL A 51 -59.32 30.40 8.64
C VAL A 51 -59.68 30.28 10.11
N ALA A 52 -60.83 29.67 10.41
CA ALA A 52 -61.25 29.51 11.80
C ALA A 52 -60.33 28.54 12.55
N GLY A 53 -59.88 27.48 11.88
CA GLY A 53 -59.02 26.52 12.53
C GLY A 53 -57.62 27.07 12.75
N LEU A 54 -57.05 27.69 11.71
CA LEU A 54 -55.70 28.23 11.82
C LEU A 54 -55.62 29.34 12.85
N ALA A 55 -56.71 30.10 13.03
CA ALA A 55 -56.70 31.20 13.98
C ALA A 55 -56.72 30.72 15.43
N GLN A 56 -57.25 29.52 15.68
CA GLN A 56 -57.26 28.98 17.03
C GLN A 56 -55.85 28.69 17.52
N ALA A 57 -55.05 28.04 16.69
CA ALA A 57 -53.67 27.76 17.04
C ALA A 57 -52.84 29.03 16.91
N ASP A 58 -52.39 29.57 18.04
CA ASP A 58 -51.53 30.75 18.03
C ASP A 58 -50.07 30.41 17.79
N THR A 59 -49.73 29.11 17.69
CA THR A 59 -48.39 28.73 17.28
C THR A 59 -48.18 28.95 15.80
N LEU A 60 -49.25 28.81 15.00
CA LEU A 60 -49.18 29.07 13.57
C LEU A 60 -49.02 30.55 13.25
N ARG A 61 -49.20 31.44 14.23
CA ARG A 61 -48.92 32.85 14.06
C ARG A 61 -47.51 33.23 14.50
N MET A 62 -46.60 32.26 14.58
CA MET A 62 -45.23 32.53 14.96
C MET A 62 -44.54 33.38 13.89
N ARG A 63 -43.58 34.18 14.32
CA ARG A 63 -42.95 35.16 13.46
C ARG A 63 -41.46 35.22 13.75
N PHE A 64 -40.65 35.31 12.69
CA PHE A 64 -39.22 35.45 12.80
C PHE A 64 -38.81 36.79 12.18
N THR A 65 -37.85 37.46 12.82
CA THR A 65 -37.45 38.80 12.38
C THR A 65 -35.95 39.01 12.55
N VAL A 71 -31.05 37.99 15.54
CA VAL A 71 -32.23 37.26 15.08
C VAL A 71 -33.19 37.04 16.24
N TRP A 72 -34.49 37.07 15.96
CA TRP A 72 -35.51 36.91 16.99
C TRP A 72 -36.61 36.00 16.48
N GLN A 73 -37.22 35.27 17.42
CA GLN A 73 -38.32 34.36 17.14
C GLN A 73 -39.40 34.54 18.20
N TRP A 74 -40.63 34.80 17.78
CA TRP A 74 -41.69 35.16 18.70
C TRP A 74 -43.04 34.95 18.01
N VAL A 75 -44.12 35.37 18.68
CA VAL A 75 -45.48 35.15 18.23
C VAL A 75 -46.17 36.50 18.10
N ASP A 76 -46.66 36.80 16.90
CA ASP A 76 -47.39 38.04 16.62
C ASP A 76 -48.86 37.69 16.42
N ASP A 77 -49.68 38.00 17.42
CA ASP A 77 -51.11 37.71 17.37
C ASP A 77 -51.88 38.73 16.53
N ALA A 78 -51.21 39.74 15.98
CA ALA A 78 -51.85 40.66 15.05
C ALA A 78 -51.89 40.13 13.62
N LEU A 79 -51.34 38.95 13.38
CA LEU A 79 -51.35 38.36 12.05
C LEU A 79 -52.70 37.72 11.75
N THR A 80 -53.11 37.81 10.49
CA THR A 80 -54.37 37.27 10.03
C THR A 80 -54.12 36.19 8.98
N PHE A 81 -55.12 35.35 8.77
CA PHE A 81 -55.09 34.30 7.77
C PHE A 81 -56.12 34.59 6.69
N GLU A 82 -55.69 34.49 5.43
CA GLU A 82 -56.57 34.73 4.30
C GLU A 82 -57.24 33.43 3.87
N LEU A 83 -58.41 33.56 3.27
CA LEU A 83 -59.16 32.38 2.85
C LEU A 83 -58.38 31.63 1.78
N PRO A 84 -58.44 30.30 1.77
CA PRO A 84 -57.79 29.54 0.69
C PRO A 84 -58.47 29.82 -0.65
N GLU A 85 -57.65 30.00 -1.68
CA GLU A 85 -58.14 30.26 -3.01
C GLU A 85 -58.64 28.96 -3.65
N ILE A 86 -59.93 28.91 -3.96
CA ILE A 86 -60.54 27.72 -4.52
C ILE A 86 -60.32 27.69 -6.03
N ILE A 87 -59.89 26.54 -6.55
CA ILE A 87 -59.55 26.38 -7.95
C ILE A 87 -60.34 25.20 -8.51
N ASP A 88 -60.91 25.39 -9.70
CA ASP A 88 -61.82 24.41 -10.30
C ASP A 88 -61.20 23.88 -11.59
N LEU A 89 -60.67 22.65 -11.52
CA LEU A 89 -60.01 22.01 -12.66
C LEU A 89 -60.88 20.97 -13.33
N ARG A 90 -62.20 20.98 -13.08
CA ARG A 90 -63.08 19.99 -13.68
C ARG A 90 -63.17 20.15 -15.19
N THR A 91 -62.96 21.36 -15.70
CA THR A 91 -62.98 21.61 -17.13
C THR A 91 -61.58 21.64 -17.74
N ASN A 92 -60.59 21.14 -17.01
CA ASN A 92 -59.24 21.01 -17.55
C ASN A 92 -59.11 19.71 -18.33
N ILE A 93 -58.06 19.65 -19.16
CA ILE A 93 -57.82 18.45 -19.95
C ILE A 93 -57.32 17.31 -19.06
N ASP A 94 -56.61 17.64 -17.99
CA ASP A 94 -56.13 16.65 -17.04
C ASP A 94 -56.30 17.23 -15.64
N PRO A 95 -57.43 16.96 -14.98
CA PRO A 95 -57.65 17.55 -13.66
C PRO A 95 -56.63 17.13 -12.62
N HIS A 96 -56.26 15.84 -12.60
CA HIS A 96 -55.29 15.37 -11.62
C HIS A 96 -53.90 15.93 -11.89
N GLY A 97 -53.40 15.76 -13.12
CA GLY A 97 -52.05 16.20 -13.42
C GLY A 97 -51.83 17.68 -13.18
N THR A 98 -52.81 18.51 -13.56
CA THR A 98 -52.71 19.94 -13.30
C THR A 98 -52.72 20.22 -11.80
N ALA A 99 -53.50 19.46 -11.04
CA ALA A 99 -53.56 19.66 -9.60
C ALA A 99 -52.23 19.36 -8.93
N GLN A 100 -51.47 18.40 -9.46
CA GLN A 100 -50.13 18.14 -8.94
C GLN A 100 -49.20 19.30 -9.24
N ALA A 101 -49.26 19.83 -10.47
CA ALA A 101 -48.38 20.93 -10.85
C ALA A 101 -48.63 22.15 -9.99
N LEU A 102 -49.89 22.45 -9.68
CA LEU A 102 -50.22 23.56 -8.78
C LEU A 102 -49.55 23.39 -7.43
N MET A 103 -49.69 22.20 -6.83
CA MET A 103 -49.10 21.96 -5.52
C MET A 103 -47.58 21.89 -5.58
N GLN A 104 -47.02 21.49 -6.73
CA GLN A 104 -45.57 21.49 -6.89
C GLN A 104 -45.03 22.90 -7.13
N ALA A 105 -45.81 23.76 -7.80
CA ALA A 105 -45.35 25.11 -8.07
C ALA A 105 -45.22 25.93 -6.80
N ASP A 106 -46.09 25.69 -5.81
CA ASP A 106 -45.97 26.38 -4.54
C ASP A 106 -44.91 25.75 -3.64
N LEU A 107 -44.64 24.46 -3.82
CA LEU A 107 -43.71 23.75 -2.95
C LEU A 107 -42.26 23.94 -3.35
N GLN A 108 -42.00 24.17 -4.63
CA GLN A 108 -40.64 24.37 -5.13
C GLN A 108 -40.19 25.82 -5.06
N GLN A 109 -40.95 26.68 -4.39
CA GLN A 109 -40.55 28.05 -4.14
C GLN A 109 -40.00 28.17 -2.72
N ASP A 110 -38.88 28.87 -2.58
CA ASP A 110 -38.29 29.06 -1.26
C ASP A 110 -39.16 30.01 -0.43
N LEU A 111 -39.51 29.58 0.78
CA LEU A 111 -40.30 30.41 1.68
C LEU A 111 -39.43 31.48 2.32
N ARG A 112 -40.05 32.62 2.63
CA ARG A 112 -39.27 33.79 3.02
C ARG A 112 -38.74 33.66 4.45
N VAL A 113 -39.60 33.25 5.39
CA VAL A 113 -39.31 33.22 6.83
C VAL A 113 -39.21 34.65 7.37
N ASP A 114 -38.84 35.60 6.51
CA ASP A 114 -38.89 36.99 6.87
C ASP A 114 -40.34 37.47 6.92
N SER A 115 -40.50 38.75 7.30
CA SER A 115 -41.79 39.44 7.32
C SER A 115 -42.80 38.79 8.28
N GLY A 116 -43.94 39.43 8.48
CA GLY A 116 -45.00 38.81 9.24
C GLY A 116 -45.82 37.80 8.47
N LYS A 117 -45.48 37.58 7.19
CA LYS A 117 -46.13 36.62 6.31
C LYS A 117 -46.30 35.29 7.03
N PRO A 118 -47.53 34.93 7.41
CA PRO A 118 -47.75 33.63 8.03
C PRO A 118 -47.24 32.51 7.12
N LEU A 119 -46.43 31.63 7.70
CA LEU A 119 -45.75 30.59 6.94
C LEU A 119 -46.67 29.41 6.62
N VAL A 120 -47.98 29.64 6.61
CA VAL A 120 -48.99 28.62 6.36
C VAL A 120 -49.64 28.91 5.02
N PHE A 121 -50.04 27.84 4.33
CA PHE A 121 -50.72 27.98 3.05
C PHE A 121 -51.62 26.78 2.82
N HIS A 122 -52.89 27.05 2.52
CA HIS A 122 -53.87 26.04 2.14
C HIS A 122 -54.44 26.42 0.77
N GLN A 123 -55.04 25.45 0.08
CA GLN A 123 -55.40 25.69 -1.30
C GLN A 123 -56.85 25.36 -1.66
N LEU A 124 -57.20 24.07 -1.63
CA LEU A 124 -58.49 23.54 -2.11
C LEU A 124 -58.57 23.56 -3.63
N ILE A 125 -58.13 22.48 -4.27
CA ILE A 125 -58.23 22.30 -5.71
C ILE A 125 -59.32 21.28 -5.99
N GLN A 126 -60.24 21.61 -6.90
CA GLN A 126 -61.35 20.74 -7.24
C GLN A 126 -61.02 19.94 -8.50
N VAL A 127 -61.02 18.62 -8.37
CA VAL A 127 -60.62 17.73 -9.46
C VAL A 127 -61.87 17.17 -10.15
N ALA A 128 -62.93 16.96 -9.37
CA ALA A 128 -64.17 16.47 -9.93
C ALA A 128 -65.34 17.02 -9.13
N ASP A 129 -66.56 16.67 -9.55
CA ASP A 129 -67.75 17.08 -8.80
C ASP A 129 -67.73 16.55 -7.38
N ASN A 130 -67.15 15.36 -7.18
CA ASN A 130 -67.15 14.71 -5.88
C ASN A 130 -65.74 14.56 -5.30
N ARG A 131 -64.73 15.14 -5.95
CA ARG A 131 -63.35 14.91 -5.56
C ARG A 131 -62.63 16.25 -5.38
N TRP A 132 -61.93 16.39 -4.26
CA TRP A 132 -61.22 17.61 -3.90
C TRP A 132 -59.82 17.28 -3.42
N TYR A 133 -58.88 18.17 -3.73
CA TYR A 133 -57.50 18.09 -3.24
C TYR A 133 -57.29 19.25 -2.27
N TRP A 134 -57.10 18.93 -0.99
CA TRP A 134 -56.94 19.93 0.07
C TRP A 134 -55.45 20.06 0.40
N TYR A 135 -54.78 20.96 -0.30
CA TYR A 135 -53.34 21.14 -0.16
C TYR A 135 -53.02 21.94 1.11
N GLN A 136 -52.01 21.48 1.85
CA GLN A 136 -51.58 22.13 3.09
C GLN A 136 -50.06 22.23 3.10
N ARG A 137 -49.55 23.40 3.46
CA ARG A 137 -48.11 23.62 3.55
C ARG A 137 -47.79 24.41 4.81
N TYR A 138 -46.78 23.96 5.56
CA TYR A 138 -46.39 24.59 6.81
C TYR A 138 -44.87 24.64 6.91
N HIS A 139 -44.35 25.75 7.45
CA HIS A 139 -42.93 25.81 7.76
C HIS A 139 -42.57 24.80 8.84
N HIS A 140 -41.35 24.26 8.77
CA HIS A 140 -40.97 23.13 9.60
C HIS A 140 -40.87 23.48 11.09
N LEU A 141 -40.88 24.75 11.44
CA LEU A 141 -40.85 25.16 12.84
C LEU A 141 -42.24 25.40 13.40
N LEU A 142 -43.29 25.16 12.63
CA LEU A 142 -44.66 25.31 13.08
C LEU A 142 -45.32 23.97 13.40
N VAL A 143 -45.21 23.00 12.49
CA VAL A 143 -45.75 21.66 12.70
C VAL A 143 -44.74 20.63 12.23
N ASP A 144 -44.93 19.39 12.68
CA ASP A 144 -44.12 18.28 12.20
C ASP A 144 -45.04 17.17 11.69
N GLY A 145 -44.47 16.01 11.34
CA GLY A 145 -45.26 14.93 10.77
C GLY A 145 -46.29 14.34 11.70
N PHE A 146 -46.16 14.57 13.00
CA PHE A 146 -47.08 14.01 14.00
C PHE A 146 -48.19 14.97 14.38
N SER A 147 -47.96 16.28 14.27
CA SER A 147 -48.89 17.27 14.82
C SER A 147 -49.79 17.92 13.77
N PHE A 148 -49.46 17.83 12.49
CA PHE A 148 -50.31 18.49 11.50
C PHE A 148 -51.68 17.82 11.34
N PRO A 149 -51.83 16.50 11.52
CA PRO A 149 -53.18 15.94 11.49
C PRO A 149 -54.11 16.54 12.52
N ALA A 150 -53.56 17.06 13.63
CA ALA A 150 -54.40 17.70 14.65
C ALA A 150 -55.05 18.96 14.11
N ILE A 151 -54.34 19.71 13.25
CA ILE A 151 -54.91 20.91 12.67
C ILE A 151 -55.92 20.58 11.59
N THR A 152 -55.61 19.59 10.75
CA THR A 152 -56.56 19.17 9.73
C THR A 152 -57.85 18.65 10.34
N ARG A 153 -57.74 17.89 11.43
CA ARG A 153 -58.92 17.33 12.07
C ARG A 153 -59.76 18.42 12.74
N GLN A 154 -59.13 19.47 13.25
CA GLN A 154 -59.88 20.54 13.90
C GLN A 154 -60.62 21.39 12.89
N ILE A 155 -60.00 21.67 11.74
CA ILE A 155 -60.69 22.36 10.66
C ILE A 155 -61.88 21.53 10.18
N ALA A 156 -61.72 20.21 10.13
CA ALA A 156 -62.83 19.33 9.75
C ALA A 156 -63.91 19.30 10.83
N ASN A 157 -63.53 19.42 12.10
CA ASN A 157 -64.51 19.46 13.16
C ASN A 157 -65.35 20.73 13.08
N ILE A 158 -64.70 21.88 12.85
CA ILE A 158 -65.42 23.13 12.66
C ILE A 158 -66.37 23.00 11.46
N TYR A 159 -65.87 22.45 10.35
CA TYR A 159 -66.67 22.29 9.16
C TYR A 159 -67.90 21.43 9.43
N CYS A 160 -67.71 20.25 10.03
CA CYS A 160 -68.83 19.37 10.30
C CYS A 160 -69.80 19.98 11.30
N THR A 161 -69.27 20.71 12.30
CA THR A 161 -70.14 21.31 13.31
C THR A 161 -71.05 22.37 12.69
N TRP A 162 -70.51 23.20 11.79
CA TRP A 162 -71.34 24.18 11.10
C TRP A 162 -72.40 23.50 10.25
N LEU A 163 -72.07 22.37 9.62
CA LEU A 163 -73.02 21.65 8.79
C LEU A 163 -74.19 21.08 9.57
N ARG A 164 -74.11 21.08 10.90
CA ARG A 164 -75.22 20.71 11.76
C ARG A 164 -76.00 21.92 12.26
N GLY A 165 -75.52 23.13 12.00
CA GLY A 165 -76.17 24.32 12.51
C GLY A 165 -75.78 24.68 13.92
N GLU A 166 -74.54 24.44 14.30
CA GLU A 166 -74.04 24.65 15.64
C GLU A 166 -72.90 25.67 15.63
N PRO A 167 -72.64 26.34 16.75
CA PRO A 167 -71.57 27.34 16.79
C PRO A 167 -70.19 26.70 16.65
N THR A 168 -69.20 27.56 16.50
CA THR A 168 -67.82 27.11 16.26
C THR A 168 -67.27 26.45 17.51
N PRO A 169 -66.69 25.25 17.39
CA PRO A 169 -66.15 24.57 18.57
C PRO A 169 -64.96 25.33 19.17
N ALA A 170 -64.66 25.02 20.42
CA ALA A 170 -63.60 25.69 21.13
C ALA A 170 -62.23 25.26 20.59
N SER A 171 -61.18 25.89 21.11
CA SER A 171 -59.82 25.58 20.68
C SER A 171 -59.29 24.39 21.45
N PRO A 172 -58.98 23.27 20.79
CA PRO A 172 -58.40 22.13 21.51
C PRO A 172 -56.93 22.31 21.84
N PHE A 173 -56.24 23.23 21.17
CA PHE A 173 -54.81 23.41 21.34
C PHE A 173 -54.51 24.28 22.56
N THR A 174 -53.37 24.00 23.21
CA THR A 174 -52.95 24.86 24.31
C THR A 174 -52.17 26.04 23.75
N PRO A 175 -52.33 27.23 24.35
CA PRO A 175 -51.66 28.42 23.83
C PRO A 175 -50.14 28.30 23.87
N PHE A 176 -49.49 29.11 23.03
CA PHE A 176 -48.03 29.05 22.91
C PHE A 176 -47.34 29.47 24.20
N ALA A 177 -47.98 30.33 25.00
CA ALA A 177 -47.39 30.71 26.28
C ALA A 177 -47.33 29.52 27.23
N ASP A 178 -48.38 28.67 27.23
CA ASP A 178 -48.42 27.56 28.17
C ASP A 178 -47.43 26.46 27.79
N VAL A 179 -47.18 26.26 26.50
CA VAL A 179 -46.22 25.23 26.12
C VAL A 179 -44.80 25.71 26.37
N VAL A 180 -44.56 27.02 26.34
CA VAL A 180 -43.24 27.55 26.63
C VAL A 180 -42.93 27.42 28.12
N GLU A 181 -43.89 27.78 28.97
CA GLU A 181 -43.70 27.59 30.40
C GLU A 181 -43.67 26.11 30.77
N GLU A 182 -44.33 25.27 29.99
CA GLU A 182 -44.19 23.83 30.16
C GLU A 182 -42.75 23.39 29.98
N TYR A 183 -42.04 24.01 29.03
CA TYR A 183 -40.64 23.65 28.80
C TYR A 183 -39.74 24.22 29.89
N GLN A 184 -40.02 25.45 30.33
CA GLN A 184 -39.27 26.03 31.45
C GLN A 184 -39.64 25.36 32.77
N GLN A 185 -40.83 24.78 32.88
CA GLN A 185 -41.14 23.87 33.98
C GLN A 185 -40.14 22.72 34.00
N TYR A 186 -39.96 22.07 32.85
CA TYR A 186 -38.87 21.15 32.60
C TYR A 186 -37.56 21.93 32.59
N ARG A 187 -36.43 21.27 32.36
CA ARG A 187 -35.12 21.92 32.27
C ARG A 187 -34.68 22.54 33.59
N GLU A 188 -35.63 22.92 34.45
CA GLU A 188 -35.34 23.37 35.80
C GLU A 188 -35.62 22.30 36.84
N SER A 189 -36.07 21.12 36.42
CA SER A 189 -36.48 20.06 37.32
C SER A 189 -35.37 19.03 37.50
N GLU A 190 -35.64 18.01 38.32
CA GLU A 190 -34.72 16.90 38.50
C GLU A 190 -34.83 15.86 37.41
N ALA A 191 -35.88 15.91 36.57
CA ALA A 191 -35.93 15.06 35.39
C ALA A 191 -34.84 15.46 34.40
N TRP A 192 -34.71 16.76 34.14
CA TRP A 192 -33.48 17.31 33.58
C TRP A 192 -32.35 17.09 34.58
N GLN A 193 -31.11 17.08 34.06
CA GLN A 193 -29.90 16.71 34.79
C GLN A 193 -29.87 15.19 35.02
N ARG A 194 -31.03 14.59 35.28
CA ARG A 194 -31.12 13.13 35.25
C ARG A 194 -31.18 12.62 33.80
N ASP A 195 -31.98 13.27 32.95
CA ASP A 195 -31.94 12.97 31.53
C ASP A 195 -30.61 13.41 30.90
N ALA A 196 -30.03 14.49 31.40
CA ALA A 196 -28.74 14.95 30.88
C ALA A 196 -27.64 13.94 31.19
N ALA A 197 -27.64 13.40 32.41
CA ALA A 197 -26.63 12.41 32.77
C ALA A 197 -26.79 11.12 31.98
N PHE A 198 -28.02 10.78 31.59
CA PHE A 198 -28.24 9.57 30.81
C PHE A 198 -27.68 9.70 29.40
N TRP A 199 -28.09 10.76 28.69
CA TRP A 199 -27.62 10.97 27.33
C TRP A 199 -26.17 11.45 27.27
N ALA A 200 -25.58 11.81 28.42
CA ALA A 200 -24.15 12.05 28.45
C ALA A 200 -23.38 10.73 28.42
N GLU A 201 -23.83 9.75 29.21
CA GLU A 201 -23.24 8.42 29.17
C GLU A 201 -23.64 7.66 27.91
N GLN A 202 -24.71 8.07 27.25
CA GLN A 202 -25.11 7.43 26.00
C GLN A 202 -24.11 7.73 24.89
N ARG A 203 -23.73 9.00 24.74
CA ARG A 203 -22.77 9.36 23.71
C ARG A 203 -21.34 8.97 24.06
N ARG A 204 -21.09 8.61 25.33
CA ARG A 204 -19.76 8.15 25.72
C ARG A 204 -19.45 6.78 25.13
N GLN A 205 -20.40 5.85 25.22
CA GLN A 205 -20.27 4.53 24.61
C GLN A 205 -21.06 4.42 23.31
N LEU A 206 -21.26 5.53 22.62
CA LEU A 206 -21.98 5.54 21.36
C LEU A 206 -21.02 5.18 20.23
N PRO A 207 -21.23 4.06 19.53
CA PRO A 207 -20.35 3.70 18.41
C PRO A 207 -20.44 4.72 17.29
N PRO A 208 -19.52 4.67 16.33
CA PRO A 208 -19.60 5.60 15.19
C PRO A 208 -20.71 5.19 14.24
N PRO A 209 -21.25 6.12 13.46
CA PRO A 209 -22.37 5.81 12.59
C PRO A 209 -21.94 4.97 11.38
N ALA A 210 -22.93 4.31 10.80
CA ALA A 210 -22.76 3.50 9.59
C ALA A 210 -23.66 4.05 8.49
N SER A 211 -23.48 3.52 7.28
CA SER A 211 -24.25 3.97 6.14
C SER A 211 -24.25 2.91 5.06
N LEU A 212 -25.42 2.72 4.43
CA LEU A 212 -25.51 1.84 3.28
C LEU A 212 -24.83 2.40 2.04
N SER A 213 -24.37 3.66 2.09
CA SER A 213 -23.67 4.22 0.95
C SER A 213 -22.16 4.22 1.22
N PRO A 214 -21.36 3.86 0.21
CA PRO A 214 -19.90 3.91 0.36
C PRO A 214 -19.35 5.32 0.49
N ALA A 215 -20.18 6.34 0.26
CA ALA A 215 -19.74 7.73 0.34
C ALA A 215 -19.65 8.17 1.80
N PRO A 216 -18.77 9.13 2.10
CA PRO A 216 -18.71 9.67 3.46
C PRO A 216 -20.02 10.32 3.88
N LEU A 217 -20.21 10.41 5.19
CA LEU A 217 -21.48 10.86 5.74
C LEU A 217 -21.39 12.33 6.13
N PRO A 218 -22.16 13.22 5.49
CA PRO A 218 -22.08 14.64 5.83
C PRO A 218 -22.88 14.96 7.10
N GLY A 219 -22.56 16.12 7.67
CA GLY A 219 -23.23 16.53 8.90
C GLY A 219 -24.66 16.95 8.68
N ARG A 220 -24.92 17.73 7.64
CA ARG A 220 -26.25 18.16 7.26
C ARG A 220 -26.52 17.74 5.82
N SER A 221 -27.71 18.09 5.33
CA SER A 221 -28.09 17.78 3.96
C SER A 221 -28.89 18.93 3.38
N ALA A 222 -28.48 19.40 2.19
CA ALA A 222 -29.17 20.49 1.52
C ALA A 222 -30.57 20.07 1.06
N SER A 223 -30.62 19.22 0.02
CA SER A 223 -31.86 18.98 -0.71
C SER A 223 -32.98 18.48 0.20
N ALA A 224 -34.13 19.16 0.13
CA ALA A 224 -35.36 18.67 0.72
C ALA A 224 -36.14 17.77 -0.24
N ASP A 225 -35.74 17.72 -1.51
CA ASP A 225 -36.30 16.77 -2.47
C ASP A 225 -35.59 15.43 -2.28
N ILE A 226 -36.34 14.39 -1.92
CA ILE A 226 -35.74 13.12 -1.57
C ILE A 226 -36.30 12.00 -2.43
N LEU A 227 -35.99 10.75 -2.06
CA LEU A 227 -36.44 9.56 -2.78
C LEU A 227 -37.31 8.75 -1.84
N ARG A 228 -38.59 8.66 -2.16
CA ARG A 228 -39.56 7.91 -1.35
C ARG A 228 -39.79 6.55 -1.99
N LEU A 229 -39.81 5.51 -1.16
CA LEU A 229 -39.97 4.14 -1.63
C LEU A 229 -40.86 3.39 -0.64
N LYS A 230 -41.96 2.84 -1.13
CA LYS A 230 -42.88 2.04 -0.34
C LYS A 230 -42.90 0.63 -0.90
N LEU A 231 -42.70 -0.36 -0.03
CA LEU A 231 -42.63 -1.75 -0.44
C LEU A 231 -43.43 -2.62 0.52
N GLU A 232 -44.36 -3.41 -0.02
CA GLU A 232 -45.14 -4.35 0.76
C GLU A 232 -44.64 -5.76 0.47
N PHE A 233 -44.26 -6.48 1.53
CA PHE A 233 -43.77 -7.85 1.42
C PHE A 233 -44.96 -8.79 1.47
N THR A 234 -45.31 -9.38 0.32
CA THR A 234 -46.46 -10.27 0.21
C THR A 234 -46.04 -11.74 0.17
N ASP A 235 -44.82 -12.05 0.59
CA ASP A 235 -44.39 -13.45 0.63
C ASP A 235 -44.94 -14.21 1.83
N GLY A 236 -45.41 -13.50 2.86
CA GLY A 236 -45.92 -14.17 4.04
C GLY A 236 -44.87 -14.79 4.91
N GLU A 237 -43.60 -14.44 4.71
CA GLU A 237 -42.53 -14.98 5.55
C GLU A 237 -42.53 -14.33 6.93
N PHE A 238 -42.79 -13.02 6.99
CA PHE A 238 -42.84 -12.33 8.29
C PHE A 238 -44.01 -12.83 9.12
N ARG A 239 -45.16 -13.08 8.48
CA ARG A 239 -46.31 -13.61 9.20
C ARG A 239 -45.97 -14.93 9.88
N GLN A 240 -45.22 -15.79 9.19
CA GLN A 240 -44.83 -17.08 9.77
C GLN A 240 -43.74 -16.92 10.82
N LEU A 241 -42.92 -15.86 10.70
CA LEU A 241 -41.89 -15.62 11.71
C LEU A 241 -42.50 -15.19 13.03
N ALA A 242 -43.51 -14.31 12.98
CA ALA A 242 -44.13 -13.82 14.20
C ALA A 242 -45.03 -14.85 14.86
N THR A 243 -45.58 -15.79 14.09
CA THR A 243 -46.43 -16.82 14.68
C THR A 243 -45.61 -17.88 15.40
N GLN A 244 -44.33 -18.02 15.07
CA GLN A 244 -43.43 -18.88 15.84
C GLN A 244 -42.86 -18.15 17.05
N LEU A 245 -42.69 -16.84 16.96
CA LEU A 245 -42.29 -16.02 18.10
C LEU A 245 -43.50 -15.25 18.61
N SER A 246 -44.41 -16.00 19.24
CA SER A 246 -45.68 -15.41 19.68
C SER A 246 -45.45 -14.36 20.75
N GLY A 247 -44.59 -14.63 21.72
CA GLY A 247 -44.34 -13.70 22.80
C GLY A 247 -43.60 -12.44 22.40
N VAL A 248 -43.17 -12.33 21.15
CA VAL A 248 -42.44 -11.17 20.67
C VAL A 248 -43.42 -10.18 20.04
N GLN A 249 -43.38 -8.94 20.50
CA GLN A 249 -44.20 -7.90 19.90
C GLN A 249 -43.73 -7.62 18.49
N ARG A 250 -44.69 -7.40 17.59
CA ARG A 250 -44.38 -7.32 16.16
C ARG A 250 -43.57 -6.07 15.82
N THR A 251 -43.76 -4.98 16.58
CA THR A 251 -42.95 -3.79 16.34
C THR A 251 -41.52 -3.99 16.80
N ASP A 252 -41.33 -4.62 17.97
CA ASP A 252 -39.98 -4.92 18.42
C ASP A 252 -39.33 -6.00 17.57
N LEU A 253 -40.15 -6.88 16.98
CA LEU A 253 -39.61 -7.93 16.12
C LEU A 253 -39.15 -7.35 14.79
N ALA A 254 -39.99 -6.52 14.16
CA ALA A 254 -39.61 -5.86 12.92
C ALA A 254 -38.41 -4.96 13.12
N LEU A 255 -38.33 -4.31 14.29
CA LEU A 255 -37.19 -3.45 14.58
C LEU A 255 -35.91 -4.27 14.78
N ALA A 256 -36.03 -5.43 15.43
CA ALA A 256 -34.88 -6.31 15.55
C ALA A 256 -34.38 -6.76 14.18
N LEU A 257 -35.30 -6.94 13.22
CA LEU A 257 -34.90 -7.32 11.87
C LEU A 257 -34.11 -6.21 11.20
N ALA A 258 -34.62 -4.98 11.26
CA ALA A 258 -33.92 -3.86 10.62
C ALA A 258 -32.55 -3.63 11.24
N ALA A 259 -32.46 -3.67 12.57
CA ALA A 259 -31.18 -3.51 13.25
C ALA A 259 -30.16 -4.53 12.76
N LEU A 260 -30.59 -5.79 12.61
CA LEU A 260 -29.71 -6.82 12.07
C LEU A 260 -29.44 -6.60 10.59
N TRP A 261 -30.48 -6.22 9.84
CA TRP A 261 -30.35 -6.03 8.39
C TRP A 261 -29.34 -4.93 8.07
N LEU A 262 -29.37 -3.83 8.82
CA LEU A 262 -28.44 -2.73 8.57
C LEU A 262 -27.02 -3.12 8.96
N GLY A 263 -26.84 -3.78 10.11
CA GLY A 263 -25.51 -4.14 10.54
C GLY A 263 -24.84 -5.15 9.64
N ARG A 264 -25.61 -6.12 9.14
CA ARG A 264 -25.05 -7.13 8.25
C ARG A 264 -24.66 -6.51 6.90
N LEU A 265 -25.53 -5.67 6.33
CA LEU A 265 -25.23 -5.09 5.03
C LEU A 265 -24.02 -4.18 5.07
N CYS A 266 -23.78 -3.53 6.20
CA CYS A 266 -22.61 -2.69 6.38
C CYS A 266 -21.43 -3.45 6.97
N ASN A 267 -21.62 -4.73 7.32
CA ASN A 267 -20.59 -5.53 7.97
C ASN A 267 -20.06 -4.82 9.22
N ARG A 268 -20.99 -4.27 10.00
CA ARG A 268 -20.66 -3.57 11.24
C ARG A 268 -21.63 -4.01 12.31
N MET A 269 -21.12 -4.72 13.32
CA MET A 269 -21.94 -5.19 14.42
C MET A 269 -22.19 -4.11 15.47
N ASP A 270 -21.46 -3.01 15.41
CA ASP A 270 -21.66 -1.87 16.32
C ASP A 270 -21.75 -0.60 15.47
N TYR A 271 -22.89 0.08 15.55
CA TYR A 271 -23.09 1.30 14.77
C TYR A 271 -24.11 2.17 15.48
N ALA A 272 -24.09 3.46 15.15
CA ALA A 272 -25.00 4.44 15.74
C ALA A 272 -26.13 4.73 14.76
N ALA A 273 -27.37 4.58 15.23
CA ALA A 273 -28.55 4.86 14.44
C ALA A 273 -29.41 5.88 15.17
N GLY A 274 -30.41 6.40 14.47
CA GLY A 274 -31.36 7.33 15.06
C GLY A 274 -32.70 6.69 15.30
N PHE A 275 -33.47 7.23 16.24
CA PHE A 275 -34.77 6.68 16.60
C PHE A 275 -35.71 7.81 16.96
N ILE A 276 -36.98 7.66 16.59
CA ILE A 276 -37.96 8.74 16.71
C ILE A 276 -38.67 8.61 18.05
N PHE A 277 -38.37 9.53 18.97
CA PHE A 277 -39.06 9.66 20.24
C PHE A 277 -39.96 10.89 20.19
N MET A 278 -40.44 11.32 21.35
CA MET A 278 -41.34 12.46 21.43
C MET A 278 -41.04 13.30 22.66
N ARG A 279 -40.86 14.61 22.45
CA ARG A 279 -40.60 15.52 23.55
C ARG A 279 -41.84 15.83 24.38
N ARG A 280 -43.03 15.59 23.84
CA ARG A 280 -44.26 15.73 24.59
C ARG A 280 -45.05 14.43 24.48
N LEU A 281 -45.69 14.03 25.59
CA LEU A 281 -46.40 12.77 25.68
C LEU A 281 -47.81 13.03 26.18
N GLY A 282 -48.62 11.97 26.19
CA GLY A 282 -49.97 12.06 26.72
C GLY A 282 -50.82 13.04 25.96
N SER A 283 -51.62 13.80 26.70
CA SER A 283 -52.45 14.84 26.08
C SER A 283 -51.61 15.98 25.55
N ALA A 284 -50.47 16.27 26.18
CA ALA A 284 -49.60 17.36 25.75
C ALA A 284 -49.16 17.21 24.31
N ALA A 285 -49.11 15.99 23.78
CA ALA A 285 -48.75 15.75 22.39
C ALA A 285 -49.95 15.84 21.45
N LEU A 286 -51.11 15.33 21.88
CA LEU A 286 -52.32 15.44 21.06
C LEU A 286 -52.82 16.88 20.98
N THR A 287 -52.52 17.68 22.00
CA THR A 287 -52.95 19.07 22.08
C THR A 287 -51.99 20.03 21.37
N ALA A 288 -50.73 19.63 21.19
CA ALA A 288 -49.72 20.52 20.67
C ALA A 288 -49.92 20.82 19.19
N THR A 289 -49.55 22.03 18.79
CA THR A 289 -49.50 22.39 17.38
C THR A 289 -48.23 21.89 16.71
N GLY A 290 -47.22 21.51 17.49
CA GLY A 290 -45.98 20.98 16.95
C GLY A 290 -44.82 21.94 17.05
N PRO A 291 -43.58 21.44 16.85
CA PRO A 291 -43.21 20.04 16.59
C PRO A 291 -43.22 19.17 17.85
N VAL A 292 -43.09 17.84 17.68
CA VAL A 292 -43.20 16.90 18.79
C VAL A 292 -42.14 15.81 18.67
N LEU A 293 -41.91 15.34 17.44
CA LEU A 293 -40.98 14.22 17.23
C LEU A 293 -39.57 14.59 17.71
N ASN A 294 -38.81 13.57 18.08
CA ASN A 294 -37.48 13.77 18.67
C ASN A 294 -36.59 12.63 18.25
N VAL A 295 -35.62 12.91 17.37
CA VAL A 295 -34.72 11.88 16.87
C VAL A 295 -33.47 11.86 17.74
N LEU A 296 -33.24 10.73 18.41
CA LEU A 296 -32.16 10.62 19.38
C LEU A 296 -31.23 9.47 19.03
N PRO A 297 -29.94 9.59 19.37
CA PRO A 297 -28.98 8.53 19.04
C PRO A 297 -29.33 7.21 19.71
N LEU A 298 -29.01 6.12 19.03
CA LEU A 298 -29.29 4.77 19.51
C LEU A 298 -28.11 3.88 19.16
N GLY A 299 -27.33 3.49 20.17
CA GLY A 299 -26.26 2.53 19.94
C GLY A 299 -26.83 1.13 19.76
N ILE A 300 -26.41 0.46 18.68
CA ILE A 300 -26.95 -0.85 18.32
C ILE A 300 -25.79 -1.83 18.23
N HIS A 301 -25.84 -2.87 19.05
CA HIS A 301 -24.83 -3.93 19.06
C HIS A 301 -25.45 -5.22 18.56
N ILE A 302 -24.85 -5.81 17.53
CA ILE A 302 -25.30 -7.07 16.97
C ILE A 302 -24.35 -8.16 17.48
N ALA A 303 -24.86 -8.99 18.38
CA ALA A 303 -24.09 -10.12 18.89
C ALA A 303 -24.26 -11.31 17.95
N ALA A 304 -23.15 -11.80 17.42
CA ALA A 304 -23.20 -12.82 16.37
C ALA A 304 -23.79 -14.13 16.87
N GLN A 305 -23.59 -14.46 18.15
CA GLN A 305 -24.04 -15.73 18.70
C GLN A 305 -25.48 -15.69 19.20
N GLU A 306 -26.15 -14.55 19.13
CA GLU A 306 -27.51 -14.45 19.62
C GLU A 306 -28.52 -14.93 18.60
N THR A 307 -29.71 -15.27 19.08
CA THR A 307 -30.85 -15.55 18.21
C THR A 307 -31.66 -14.28 18.01
N LEU A 308 -32.59 -14.33 17.06
CA LEU A 308 -33.45 -13.18 16.80
C LEU A 308 -34.32 -12.80 18.00
N PRO A 309 -34.91 -13.74 18.77
CA PRO A 309 -35.66 -13.31 19.97
C PRO A 309 -34.80 -12.57 20.99
N GLU A 310 -33.58 -13.04 21.23
CA GLU A 310 -32.72 -12.38 22.21
C GLU A 310 -32.35 -10.97 21.78
N LEU A 311 -32.01 -10.80 20.50
CA LEU A 311 -31.78 -9.45 19.98
C LEU A 311 -33.03 -8.60 20.11
N ALA A 312 -34.20 -9.18 19.79
CA ALA A 312 -35.45 -8.44 19.93
C ALA A 312 -35.73 -8.08 21.38
N THR A 313 -35.32 -8.91 22.32
CA THR A 313 -35.55 -8.63 23.73
C THR A 313 -34.62 -7.53 24.24
N ARG A 314 -33.32 -7.67 23.99
CA ARG A 314 -32.37 -6.66 24.47
C ARG A 314 -32.64 -5.30 23.85
N LEU A 315 -32.96 -5.27 22.56
CA LEU A 315 -33.25 -4.01 21.89
C LEU A 315 -34.51 -3.36 22.44
N ALA A 316 -35.56 -4.16 22.68
CA ALA A 316 -36.80 -3.62 23.24
C ALA A 316 -36.60 -3.14 24.66
N ALA A 317 -35.82 -3.86 25.46
CA ALA A 317 -35.52 -3.41 26.81
C ALA A 317 -34.63 -2.17 26.82
N GLN A 318 -33.86 -1.95 25.75
CA GLN A 318 -33.01 -0.77 25.68
C GLN A 318 -33.81 0.48 25.37
N LEU A 319 -34.81 0.36 24.47
CA LEU A 319 -35.66 1.51 24.15
C LEU A 319 -36.51 1.93 25.35
N LYS A 320 -36.91 0.98 26.18
CA LYS A 320 -37.72 1.30 27.36
C LYS A 320 -36.96 2.21 28.32
N LYS A 321 -35.67 1.94 28.51
CA LYS A 321 -34.85 2.82 29.35
C LYS A 321 -34.67 4.19 28.70
N MET A 322 -34.62 4.25 27.37
CA MET A 322 -34.45 5.52 26.70
C MET A 322 -35.73 6.36 26.73
N ARG A 323 -36.89 5.70 26.63
CA ARG A 323 -38.16 6.42 26.65
C ARG A 323 -38.40 7.14 27.97
N ARG A 324 -37.76 6.70 29.06
CA ARG A 324 -37.86 7.43 30.31
C ARG A 324 -37.08 8.73 30.30
N HIS A 325 -36.25 8.96 29.27
CA HIS A 325 -35.51 10.20 29.12
C HIS A 325 -35.72 10.82 27.75
N GLN A 326 -36.78 10.40 27.03
CA GLN A 326 -36.98 10.87 25.66
C GLN A 326 -37.44 12.31 25.59
N ARG A 327 -37.93 12.87 26.69
CA ARG A 327 -38.33 14.28 26.72
C ARG A 327 -37.14 15.21 26.48
N TYR A 328 -35.92 14.73 26.75
CA TYR A 328 -34.71 15.50 26.51
C TYR A 328 -34.61 15.92 25.04
N ASP A 329 -34.04 17.10 24.81
CA ASP A 329 -34.00 17.68 23.47
C ASP A 329 -32.83 17.12 22.66
N ALA A 330 -33.07 16.94 21.36
CA ALA A 330 -32.04 16.38 20.48
C ALA A 330 -30.98 17.42 20.12
N GLU A 331 -31.39 18.66 19.87
CA GLU A 331 -30.42 19.73 19.66
C GLU A 331 -29.62 20.03 20.91
N GLN A 332 -30.03 19.51 22.06
CA GLN A 332 -29.26 19.67 23.29
C GLN A 332 -28.10 18.68 23.36
N ILE A 333 -28.31 17.45 22.86
CA ILE A 333 -27.24 16.46 22.83
C ILE A 333 -26.10 16.93 21.93
N VAL A 334 -26.41 17.73 20.91
CA VAL A 334 -25.38 18.22 20.00
C VAL A 334 -24.54 19.30 20.64
N ARG A 335 -25.18 20.24 21.36
CA ARG A 335 -24.47 21.38 21.91
C ARG A 335 -23.41 20.94 22.92
N ASP A 336 -23.77 20.04 23.82
CA ASP A 336 -22.84 19.54 24.83
C ASP A 336 -22.00 18.37 24.33
N SER A 337 -22.07 18.04 23.05
CA SER A 337 -21.26 16.97 22.48
C SER A 337 -19.85 17.47 22.16
N ALA A 341 -20.37 22.31 13.32
CA ALA A 341 -20.00 22.66 11.94
C ALA A 341 -20.26 21.50 11.00
N GLY A 342 -19.27 21.17 10.18
CA GLY A 342 -19.42 20.12 9.19
C GLY A 342 -18.65 18.86 9.48
N ASP A 343 -18.47 18.54 10.76
CA ASP A 343 -17.82 17.30 11.13
C ASP A 343 -18.83 16.15 11.11
N GLU A 344 -18.36 14.95 11.43
CA GLU A 344 -19.19 13.76 11.28
C GLU A 344 -20.39 13.84 12.21
N PRO A 345 -21.54 13.33 11.80
CA PRO A 345 -22.74 13.38 12.64
C PRO A 345 -22.70 12.27 13.68
N LEU A 346 -23.72 12.27 14.54
CA LEU A 346 -23.80 11.26 15.59
C LEU A 346 -24.29 9.92 15.05
N PHE A 347 -25.29 9.93 14.18
CA PHE A 347 -25.89 8.71 13.66
C PHE A 347 -26.12 8.85 12.17
N GLY A 348 -26.32 7.71 11.51
CA GLY A 348 -26.60 7.68 10.10
C GLY A 348 -28.04 7.32 9.79
N PRO A 349 -28.37 6.02 9.86
CA PRO A 349 -29.73 5.60 9.58
C PRO A 349 -30.68 5.94 10.72
N VAL A 350 -31.95 6.11 10.36
CA VAL A 350 -33.00 6.49 11.30
C VAL A 350 -34.11 5.45 11.20
N LEU A 351 -34.34 4.73 12.30
CA LEU A 351 -35.36 3.69 12.34
C LEU A 351 -36.62 4.25 12.99
N ASN A 352 -37.75 4.16 12.27
CA ASN A 352 -39.04 4.65 12.75
C ASN A 352 -40.00 3.49 12.89
N ILE A 353 -40.64 3.40 14.05
CA ILE A 353 -41.63 2.37 14.33
C ILE A 353 -43.01 2.95 14.59
N LYS A 354 -43.15 4.28 14.59
CA LYS A 354 -44.42 4.90 14.88
C LYS A 354 -45.34 4.91 13.67
N VAL A 355 -46.64 5.01 13.95
CA VAL A 355 -47.68 5.16 12.95
C VAL A 355 -48.47 6.42 13.29
N PHE A 356 -48.77 7.23 12.28
CA PHE A 356 -49.45 8.50 12.47
C PHE A 356 -50.90 8.39 12.05
N ASP A 357 -51.79 9.02 12.83
CA ASP A 357 -53.23 8.93 12.61
C ASP A 357 -53.67 10.07 11.69
N TYR A 358 -54.00 9.72 10.45
CA TYR A 358 -54.49 10.68 9.47
C TYR A 358 -56.00 10.60 9.28
N GLN A 359 -56.69 9.83 10.12
CA GLN A 359 -58.10 9.54 9.91
C GLN A 359 -58.97 10.77 10.19
N LEU A 360 -59.88 11.06 9.26
CA LEU A 360 -60.89 12.10 9.44
C LEU A 360 -62.27 11.48 9.32
N ASP A 361 -63.24 12.08 10.00
CA ASP A 361 -64.63 11.62 9.96
C ASP A 361 -65.51 12.78 9.53
N ILE A 362 -65.72 12.91 8.22
CA ILE A 362 -66.62 13.88 7.63
C ILE A 362 -67.80 13.11 7.06
N PRO A 363 -69.05 13.40 7.47
CA PRO A 363 -70.19 12.59 7.05
C PRO A 363 -70.29 12.38 5.54
N ASP A 364 -70.26 11.12 5.12
CA ASP A 364 -70.38 10.73 3.71
C ASP A 364 -69.25 11.35 2.87
N VAL A 365 -68.05 11.39 3.44
CA VAL A 365 -66.87 11.93 2.76
C VAL A 365 -65.68 11.04 3.10
N GLN A 366 -65.03 10.49 2.06
CA GLN A 366 -63.82 9.70 2.24
C GLN A 366 -62.60 10.62 2.24
N ALA A 367 -61.75 10.47 3.25
CA ALA A 367 -60.60 11.33 3.44
C ALA A 367 -59.32 10.50 3.38
N GLN A 368 -58.38 10.91 2.53
CA GLN A 368 -57.11 10.22 2.37
C GLN A 368 -56.00 11.24 2.28
N THR A 369 -55.03 11.15 3.18
CA THR A 369 -53.92 12.09 3.24
C THR A 369 -52.76 11.57 2.39
N HIS A 370 -52.26 12.43 1.51
CA HIS A 370 -51.11 12.13 0.66
C HIS A 370 -49.98 13.08 1.01
N THR A 371 -48.79 12.53 1.22
CA THR A 371 -47.64 13.32 1.66
C THR A 371 -46.82 13.80 0.47
N LEU A 372 -46.48 15.08 0.47
CA LEU A 372 -45.68 15.70 -0.58
C LEU A 372 -44.26 16.04 -0.13
N ALA A 373 -44.13 16.69 1.02
CA ALA A 373 -42.83 17.16 1.52
C ALA A 373 -42.68 16.76 2.98
N THR A 374 -41.78 15.82 3.24
CA THR A 374 -41.48 15.41 4.61
C THR A 374 -40.31 16.19 5.20
N GLY A 375 -39.41 16.67 4.36
CA GLY A 375 -38.22 17.35 4.82
C GLY A 375 -36.96 16.68 4.31
N PRO A 376 -35.81 17.26 4.64
CA PRO A 376 -34.54 16.68 4.18
C PRO A 376 -34.11 15.50 5.02
N VAL A 377 -33.56 14.49 4.34
CA VAL A 377 -32.93 13.35 5.00
C VAL A 377 -31.43 13.44 4.75
N ASN A 378 -30.64 13.08 5.77
CA ASN A 378 -29.20 13.09 5.62
C ASN A 378 -28.70 11.81 4.97
N ASP A 379 -29.22 10.66 5.37
CA ASP A 379 -28.76 9.39 4.83
C ASP A 379 -29.91 8.49 4.44
N LEU A 380 -30.56 7.85 5.41
CA LEU A 380 -31.57 6.84 5.12
C LEU A 380 -32.51 6.69 6.30
N GLU A 381 -33.80 6.91 6.08
CA GLU A 381 -34.84 6.72 7.08
C GLU A 381 -35.67 5.49 6.71
N LEU A 382 -35.90 4.62 7.68
CA LEU A 382 -36.57 3.35 7.46
C LEU A 382 -37.70 3.18 8.46
N ALA A 383 -38.94 3.19 7.97
CA ALA A 383 -40.12 2.95 8.79
C ALA A 383 -40.71 1.59 8.46
N LEU A 384 -41.07 0.85 9.50
CA LEU A 384 -41.58 -0.51 9.35
C LEU A 384 -43.01 -0.59 9.86
N PHE A 385 -43.88 -1.24 9.09
CA PHE A 385 -45.30 -1.31 9.41
C PHE A 385 -45.78 -2.76 9.36
N PRO A 386 -45.86 -3.43 10.51
CA PRO A 386 -46.60 -4.71 10.57
C PRO A 386 -48.09 -4.43 10.64
N ASP A 387 -48.84 -4.94 9.66
CA ASP A 387 -50.25 -4.65 9.56
C ASP A 387 -51.06 -5.56 10.50
N VAL A 388 -52.37 -5.40 10.47
CA VAL A 388 -53.24 -6.18 11.33
C VAL A 388 -53.22 -7.66 10.93
N HIS A 389 -53.09 -7.95 9.64
CA HIS A 389 -53.08 -9.33 9.17
C HIS A 389 -51.77 -10.06 9.45
N GLY A 390 -50.72 -9.34 9.87
CA GLY A 390 -49.45 -9.94 10.16
C GLY A 390 -48.37 -9.71 9.12
N ASP A 391 -48.73 -9.20 7.94
CA ASP A 391 -47.72 -8.95 6.91
C ASP A 391 -46.91 -7.71 7.25
N LEU A 392 -45.90 -7.43 6.43
CA LEU A 392 -44.92 -6.40 6.71
C LEU A 392 -44.72 -5.52 5.50
N SER A 393 -44.89 -4.21 5.69
CA SER A 393 -44.57 -3.20 4.70
C SER A 393 -43.55 -2.23 5.27
N ILE A 394 -42.72 -1.68 4.41
CA ILE A 394 -41.68 -0.72 4.81
C ILE A 394 -41.77 0.51 3.93
N GLU A 395 -41.32 1.64 4.48
CA GLU A 395 -41.24 2.90 3.77
C GLU A 395 -39.81 3.40 3.88
N ILE A 396 -39.15 3.60 2.75
CA ILE A 396 -37.75 4.01 2.71
C ILE A 396 -37.66 5.43 2.17
N LEU A 397 -37.03 6.31 2.93
CA LEU A 397 -36.67 7.66 2.50
C LEU A 397 -35.16 7.74 2.42
N ALA A 398 -34.65 8.32 1.34
CA ALA A 398 -33.21 8.30 1.09
C ALA A 398 -32.74 9.59 0.44
N ASN A 399 -31.50 9.95 0.74
CA ASN A 399 -30.84 11.07 0.08
C ASN A 399 -30.57 10.72 -1.38
N LYS A 400 -30.95 11.62 -2.28
CA LYS A 400 -30.77 11.38 -3.71
C LYS A 400 -29.30 11.48 -4.14
N GLN A 401 -28.43 12.04 -3.30
CA GLN A 401 -27.00 12.05 -3.63
C GLN A 401 -26.31 10.76 -3.25
N ARG A 402 -26.81 10.05 -2.24
CA ARG A 402 -26.16 8.85 -1.73
C ARG A 402 -26.84 7.56 -2.15
N TYR A 403 -28.04 7.63 -2.74
CA TYR A 403 -28.79 6.44 -3.14
C TYR A 403 -29.50 6.69 -4.45
N ASP A 404 -29.88 5.59 -5.10
CA ASP A 404 -30.72 5.64 -6.30
C ASP A 404 -31.80 4.58 -6.18
N GLU A 405 -32.73 4.60 -7.14
CA GLU A 405 -33.87 3.69 -7.10
C GLU A 405 -33.48 2.22 -7.12
N PRO A 406 -32.64 1.73 -8.05
CA PRO A 406 -32.44 0.28 -8.11
C PRO A 406 -31.65 -0.30 -6.96
N THR A 407 -30.61 0.39 -6.46
CA THR A 407 -29.81 -0.18 -5.38
C THR A 407 -30.58 -0.24 -4.06
N LEU A 408 -31.65 0.53 -3.91
CA LEU A 408 -32.51 0.37 -2.74
C LEU A 408 -33.40 -0.86 -2.87
N ILE A 409 -33.96 -1.08 -4.06
CA ILE A 409 -34.71 -2.32 -4.31
C ILE A 409 -33.84 -3.53 -4.01
N GLN A 410 -32.56 -3.44 -4.37
CA GLN A 410 -31.64 -4.54 -4.16
C GLN A 410 -31.41 -4.81 -2.68
N HIS A 411 -31.22 -3.75 -1.89
CA HIS A 411 -31.03 -3.91 -0.45
C HIS A 411 -32.31 -4.42 0.20
N ALA A 412 -33.46 -3.90 -0.20
CA ALA A 412 -34.74 -4.38 0.33
C ALA A 412 -35.03 -5.81 -0.10
N GLU A 413 -34.39 -6.30 -1.16
CA GLU A 413 -34.48 -7.71 -1.49
C GLU A 413 -33.70 -8.56 -0.49
N ARG A 414 -32.55 -8.06 -0.04
CA ARG A 414 -31.76 -8.78 0.96
C ARG A 414 -32.53 -8.89 2.28
N LEU A 415 -33.37 -7.90 2.60
CA LEU A 415 -34.22 -8.01 3.78
C LEU A 415 -35.30 -9.06 3.59
N LYS A 416 -35.79 -9.23 2.36
CA LYS A 416 -36.81 -10.23 2.09
C LYS A 416 -36.28 -11.64 2.35
N MET A 417 -35.01 -11.90 2.01
CA MET A 417 -34.41 -13.19 2.29
C MET A 417 -33.87 -13.28 3.71
N LEU A 418 -33.51 -12.14 4.30
CA LEU A 418 -33.18 -12.10 5.72
C LEU A 418 -34.33 -12.67 6.55
N ILE A 419 -35.54 -12.14 6.33
CA ILE A 419 -36.71 -12.62 7.05
C ILE A 419 -36.98 -14.08 6.74
N ALA A 420 -36.81 -14.48 5.48
CA ALA A 420 -37.16 -15.83 5.08
C ALA A 420 -36.30 -16.87 5.76
N GLN A 421 -35.05 -16.54 6.09
CA GLN A 421 -34.15 -17.48 6.72
C GLN A 421 -34.46 -17.71 8.20
N PHE A 422 -35.11 -16.74 8.86
CA PHE A 422 -35.56 -16.94 10.23
C PHE A 422 -36.92 -17.61 10.30
N ALA A 423 -37.77 -17.41 9.31
CA ALA A 423 -39.03 -18.14 9.25
C ALA A 423 -38.80 -19.63 9.03
N ALA A 424 -37.71 -19.99 8.35
CA ALA A 424 -37.36 -21.39 8.19
C ALA A 424 -36.76 -21.95 9.48
N ASP A 425 -35.83 -21.22 10.09
CA ASP A 425 -35.19 -21.64 11.32
C ASP A 425 -35.10 -20.45 12.27
N PRO A 426 -36.02 -20.33 13.22
CA PRO A 426 -35.96 -19.21 14.18
C PRO A 426 -34.85 -19.35 15.21
N ALA A 427 -34.19 -20.50 15.29
CA ALA A 427 -33.01 -20.69 16.13
C ALA A 427 -31.73 -20.26 15.43
N LEU A 428 -31.84 -19.61 14.27
CA LEU A 428 -30.67 -19.17 13.54
C LEU A 428 -29.94 -18.06 14.30
N LEU A 429 -28.61 -18.08 14.21
CA LEU A 429 -27.81 -17.04 14.85
C LEU A 429 -27.74 -15.81 13.95
N CYS A 430 -27.71 -14.63 14.60
CA CYS A 430 -27.64 -13.38 13.85
C CYS A 430 -26.33 -13.22 13.10
N GLY A 431 -25.26 -13.88 13.54
CA GLY A 431 -23.98 -13.79 12.85
C GLY A 431 -23.87 -14.72 11.65
N ASP A 432 -24.70 -15.75 11.58
CA ASP A 432 -24.65 -16.73 10.50
C ASP A 432 -25.72 -16.50 9.44
N VAL A 433 -26.51 -15.43 9.57
CA VAL A 433 -27.57 -15.16 8.60
C VAL A 433 -26.96 -14.63 7.31
N ASP A 434 -27.50 -15.07 6.17
CA ASP A 434 -26.93 -14.75 4.87
C ASP A 434 -27.68 -13.57 4.25
N ILE A 435 -26.93 -12.55 3.85
CA ILE A 435 -27.50 -11.33 3.30
C ILE A 435 -27.01 -11.08 1.87
N MET A 436 -26.50 -12.11 1.19
CA MET A 436 -25.99 -11.98 -0.16
C MET A 436 -26.94 -12.63 -1.16
N LEU A 437 -27.20 -11.92 -2.25
CA LEU A 437 -28.18 -12.32 -3.26
C LEU A 437 -27.62 -13.42 -4.16
N PRO A 438 -28.51 -14.16 -4.86
CA PRO A 438 -28.02 -15.27 -5.69
C PRO A 438 -27.26 -14.83 -6.94
N GLY A 439 -27.41 -13.57 -7.38
CA GLY A 439 -26.66 -13.06 -8.50
C GLY A 439 -25.29 -12.54 -8.17
N GLU A 440 -24.95 -12.41 -6.88
CA GLU A 440 -23.63 -12.00 -6.44
C GLU A 440 -22.72 -13.18 -6.12
N TYR A 441 -23.28 -14.31 -5.67
CA TYR A 441 -22.49 -15.53 -5.58
C TYR A 441 -21.99 -15.95 -6.95
N ALA A 442 -22.80 -15.74 -7.99
CA ALA A 442 -22.38 -16.12 -9.35
C ALA A 442 -21.29 -15.19 -9.87
N GLN A 443 -21.39 -13.90 -9.55
CA GLN A 443 -20.37 -12.95 -10.00
C GLN A 443 -19.03 -13.24 -9.35
N LEU A 444 -19.04 -13.72 -8.10
CA LEU A 444 -17.81 -14.15 -7.44
C LEU A 444 -17.30 -15.47 -7.99
N ALA A 445 -18.17 -16.30 -8.56
CA ALA A 445 -17.72 -17.54 -9.20
C ALA A 445 -17.07 -17.27 -10.56
N GLN A 446 -17.36 -16.13 -11.17
CA GLN A 446 -16.74 -15.73 -12.43
C GLN A 446 -15.40 -15.04 -12.23
N LEU A 447 -15.25 -14.26 -11.16
CA LEU A 447 -14.00 -13.56 -10.92
C LEU A 447 -12.90 -14.52 -10.46
N ASN A 448 -13.26 -15.62 -9.82
CA ASN A 448 -12.29 -16.59 -9.32
C ASN A 448 -12.12 -17.79 -10.24
N ALA A 449 -12.63 -17.73 -11.47
CA ALA A 449 -12.47 -18.81 -12.44
C ALA A 449 -11.13 -18.66 -13.15
N THR A 450 -10.06 -18.80 -12.36
CA THR A 450 -8.70 -18.57 -12.81
C THR A 450 -7.96 -19.86 -13.12
N GLN A 451 -8.67 -20.97 -13.28
CA GLN A 451 -8.03 -22.27 -13.46
C GLN A 451 -7.28 -22.32 -14.79
N VAL A 452 -5.97 -22.56 -14.72
CA VAL A 452 -5.12 -22.67 -15.90
C VAL A 452 -4.17 -23.84 -15.67
N GLU A 453 -4.21 -24.82 -16.57
CA GLU A 453 -3.30 -25.96 -16.47
C GLU A 453 -1.87 -25.51 -16.73
N ILE A 454 -1.00 -25.70 -15.74
CA ILE A 454 0.42 -25.38 -15.87
C ILE A 454 1.20 -26.69 -15.80
N PRO A 455 2.39 -26.78 -16.39
CA PRO A 455 3.17 -28.02 -16.28
C PRO A 455 3.72 -28.21 -14.88
N GLU A 456 3.88 -29.47 -14.51
CA GLU A 456 4.48 -29.85 -13.21
C GLU A 456 5.99 -29.74 -13.35
N THR A 457 6.49 -28.52 -13.21
CA THR A 457 7.90 -28.22 -13.51
C THR A 457 8.51 -27.43 -12.35
N THR A 458 9.77 -27.04 -12.55
CA THR A 458 10.56 -26.32 -11.56
C THR A 458 11.22 -25.11 -12.22
N LEU A 459 11.89 -24.30 -11.39
CA LEU A 459 12.61 -23.14 -11.92
C LEU A 459 13.77 -23.57 -12.81
N SER A 460 14.50 -24.63 -12.42
CA SER A 460 15.66 -25.06 -13.19
C SER A 460 15.28 -25.63 -14.55
N ALA A 461 14.11 -26.26 -14.65
CA ALA A 461 13.68 -26.78 -15.94
C ALA A 461 13.23 -25.67 -16.87
N LEU A 462 12.66 -24.60 -16.33
CA LEU A 462 12.24 -23.47 -17.17
C LEU A 462 13.43 -22.69 -17.69
N VAL A 463 14.44 -22.48 -16.85
CA VAL A 463 15.64 -21.76 -17.28
C VAL A 463 16.43 -22.62 -18.27
N ALA A 464 16.49 -23.93 -18.04
CA ALA A 464 17.20 -24.81 -18.97
C ALA A 464 16.48 -24.92 -20.30
N GLU A 465 15.15 -24.77 -20.30
CA GLU A 465 14.39 -24.80 -21.55
C GLU A 465 14.76 -23.60 -22.43
N GLN A 466 14.76 -22.40 -21.86
CA GLN A 466 15.09 -21.21 -22.63
C GLN A 466 16.56 -21.20 -23.03
N ALA A 467 17.44 -21.74 -22.19
CA ALA A 467 18.86 -21.76 -22.52
C ALA A 467 19.16 -22.66 -23.72
N ALA A 468 18.35 -23.68 -23.94
CA ALA A 468 18.49 -24.48 -25.15
C ALA A 468 17.99 -23.73 -26.38
N LYS A 469 17.00 -22.85 -26.20
CA LYS A 469 16.47 -22.09 -27.33
C LYS A 469 17.47 -21.05 -27.81
N THR A 470 17.97 -20.22 -26.91
CA THR A 470 18.81 -19.07 -27.26
C THR A 470 20.13 -19.14 -26.49
N PRO A 471 21.00 -20.08 -26.83
CA PRO A 471 22.28 -20.20 -26.10
C PRO A 471 23.23 -19.05 -26.35
N ASP A 472 23.11 -18.34 -27.48
CA ASP A 472 24.04 -17.27 -27.81
C ASP A 472 23.56 -15.89 -27.39
N ALA A 473 22.28 -15.74 -27.07
CA ALA A 473 21.73 -14.46 -26.68
C ALA A 473 22.36 -13.98 -25.36
N PRO A 474 22.38 -12.66 -25.13
CA PRO A 474 22.88 -12.15 -23.85
C PRO A 474 21.86 -12.39 -22.75
N ALA A 475 22.37 -12.83 -21.58
CA ALA A 475 21.51 -13.20 -20.46
C ALA A 475 21.77 -12.36 -19.22
N LEU A 476 23.01 -12.34 -18.73
CA LEU A 476 23.34 -11.73 -17.46
C LEU A 476 24.55 -10.82 -17.63
N ALA A 477 24.49 -9.62 -17.06
CA ALA A 477 25.58 -8.67 -17.22
C ALA A 477 25.58 -7.67 -16.06
N ASP A 478 26.77 -7.35 -15.56
CA ASP A 478 26.96 -6.22 -14.66
C ASP A 478 28.00 -5.28 -15.26
N ALA A 479 28.72 -4.53 -14.41
CA ALA A 479 29.70 -3.57 -14.90
C ALA A 479 31.01 -4.22 -15.33
N ARG A 480 31.23 -5.50 -15.00
CA ARG A 480 32.46 -6.18 -15.38
C ARG A 480 32.24 -7.47 -16.13
N TYR A 481 30.98 -7.89 -16.33
CA TYR A 481 30.70 -9.18 -16.94
C TYR A 481 29.53 -9.06 -17.90
N LEU A 482 29.49 -10.01 -18.84
CA LEU A 482 28.33 -10.22 -19.70
C LEU A 482 28.31 -11.68 -20.10
N PHE A 483 27.27 -12.40 -19.68
CA PHE A 483 27.15 -13.83 -19.94
C PHE A 483 26.10 -14.10 -21.01
N SER A 484 26.38 -15.06 -21.88
CA SER A 484 25.35 -15.61 -22.74
C SER A 484 24.61 -16.70 -21.98
N TYR A 485 23.51 -17.18 -22.58
CA TYR A 485 22.71 -18.20 -21.90
C TYR A 485 23.50 -19.49 -21.70
N ARG A 486 24.25 -19.90 -22.73
CA ARG A 486 25.08 -21.09 -22.57
C ARG A 486 26.16 -20.87 -21.52
N GLU A 487 26.81 -19.71 -21.54
CA GLU A 487 27.83 -19.41 -20.55
C GLU A 487 27.25 -19.37 -19.14
N MET A 488 26.02 -18.88 -19.00
CA MET A 488 25.41 -18.77 -17.69
C MET A 488 25.11 -20.15 -17.10
N ARG A 489 24.55 -21.05 -17.92
CA ARG A 489 24.25 -22.39 -17.43
C ARG A 489 25.51 -23.17 -17.10
N GLU A 490 26.60 -22.93 -17.83
CA GLU A 490 27.87 -23.55 -17.49
C GLU A 490 28.32 -23.15 -16.09
N GLN A 491 28.15 -21.87 -15.74
CA GLN A 491 28.57 -21.41 -14.43
C GLN A 491 27.62 -21.88 -13.33
N VAL A 492 26.32 -21.98 -13.64
CA VAL A 492 25.36 -22.42 -12.66
C VAL A 492 25.58 -23.90 -12.32
N VAL A 493 25.77 -24.72 -13.34
CA VAL A 493 26.01 -26.15 -13.11
C VAL A 493 27.35 -26.34 -12.41
N ALA A 494 28.35 -25.53 -12.75
CA ALA A 494 29.64 -25.63 -12.08
C ALA A 494 29.53 -25.33 -10.59
N LEU A 495 28.76 -24.29 -10.24
CA LEU A 495 28.60 -23.95 -8.82
C LEU A 495 27.70 -24.96 -8.11
N ALA A 496 26.64 -25.42 -8.79
CA ALA A 496 25.75 -26.40 -8.18
C ALA A 496 26.45 -27.72 -7.90
N ASN A 497 27.43 -28.08 -8.73
CA ASN A 497 28.26 -29.25 -8.41
C ASN A 497 29.20 -28.96 -7.26
N LEU A 498 29.70 -27.73 -7.16
CA LEU A 498 30.52 -27.35 -6.02
C LEU A 498 29.71 -27.34 -4.73
N LEU A 499 28.44 -26.90 -4.81
CA LEU A 499 27.57 -26.96 -3.64
C LEU A 499 27.32 -28.40 -3.22
N ARG A 500 27.11 -29.28 -4.20
CA ARG A 500 26.95 -30.70 -3.89
C ARG A 500 28.22 -31.27 -3.28
N GLU A 501 29.38 -30.86 -3.78
CA GLU A 501 30.65 -31.34 -3.23
C GLU A 501 30.87 -30.87 -1.80
N ARG A 502 30.17 -29.83 -1.36
CA ARG A 502 30.25 -29.35 0.01
C ARG A 502 29.06 -29.78 0.86
N GLY A 503 28.26 -30.72 0.38
CA GLY A 503 27.23 -31.32 1.21
C GLY A 503 25.85 -30.70 1.10
N VAL A 504 25.51 -30.08 -0.02
CA VAL A 504 24.18 -29.54 -0.24
C VAL A 504 23.36 -30.59 -0.97
N LYS A 505 22.48 -31.26 -0.23
CA LYS A 505 21.59 -32.25 -0.81
C LYS A 505 20.23 -31.63 -1.11
N PRO A 506 19.44 -32.25 -1.99
CA PRO A 506 18.10 -31.72 -2.27
C PRO A 506 17.26 -31.63 -1.01
N GLY A 507 16.68 -30.45 -0.78
CA GLY A 507 15.88 -30.17 0.39
C GLY A 507 16.57 -29.30 1.43
N ASP A 508 17.80 -28.87 1.19
CA ASP A 508 18.52 -28.06 2.16
C ASP A 508 18.32 -26.57 1.90
N SER A 509 18.78 -25.76 2.84
CA SER A 509 18.78 -24.32 2.71
C SER A 509 20.22 -23.83 2.53
N VAL A 510 20.37 -22.78 1.73
CA VAL A 510 21.66 -22.12 1.54
C VAL A 510 21.45 -20.63 1.75
N ALA A 511 22.09 -20.09 2.78
CA ALA A 511 22.06 -18.65 3.02
C ALA A 511 23.02 -17.94 2.09
N VAL A 512 22.61 -16.75 1.64
CA VAL A 512 23.36 -15.98 0.65
C VAL A 512 23.54 -14.57 1.17
N ALA A 513 24.80 -14.16 1.35
CA ALA A 513 25.14 -12.78 1.75
C ALA A 513 26.16 -12.28 0.72
N LEU A 514 25.65 -11.82 -0.43
CA LEU A 514 26.50 -11.42 -1.54
C LEU A 514 26.17 -10.00 -1.98
N PRO A 515 27.17 -9.22 -2.38
CA PRO A 515 26.89 -7.92 -3.00
C PRO A 515 26.19 -8.13 -4.35
N ARG A 516 25.51 -7.09 -4.79
CA ARG A 516 24.75 -7.16 -6.05
C ARG A 516 25.73 -7.22 -7.21
N SER A 517 25.80 -8.37 -7.86
CA SER A 517 26.66 -8.58 -9.02
C SER A 517 26.10 -9.75 -9.81
N VAL A 518 26.84 -10.20 -10.83
CA VAL A 518 26.40 -11.35 -11.59
C VAL A 518 26.42 -12.61 -10.73
N PHE A 519 27.31 -12.66 -9.73
CA PHE A 519 27.44 -13.85 -8.90
C PHE A 519 26.30 -13.99 -7.89
N LEU A 520 25.59 -12.90 -7.59
CA LEU A 520 24.37 -13.02 -6.80
C LEU A 520 23.29 -13.78 -7.58
N THR A 521 23.11 -13.43 -8.86
CA THR A 521 22.14 -14.13 -9.69
C THR A 521 22.56 -15.58 -9.92
N LEU A 522 23.85 -15.80 -10.21
CA LEU A 522 24.33 -17.16 -10.44
C LEU A 522 24.11 -18.04 -9.22
N ALA A 523 24.35 -17.50 -8.03
CA ALA A 523 24.24 -18.30 -6.81
C ALA A 523 22.83 -18.83 -6.61
N LEU A 524 21.82 -17.98 -6.85
CA LEU A 524 20.44 -18.40 -6.65
C LEU A 524 20.06 -19.51 -7.63
N HIS A 525 20.44 -19.34 -8.90
CA HIS A 525 20.17 -20.39 -9.89
C HIS A 525 20.91 -21.68 -9.54
N ALA A 526 22.12 -21.57 -8.99
CA ALA A 526 22.88 -22.76 -8.63
C ALA A 526 22.25 -23.49 -7.45
N ILE A 527 21.70 -22.73 -6.49
CA ILE A 527 21.05 -23.34 -5.35
C ILE A 527 19.79 -24.09 -5.77
N VAL A 528 19.01 -23.50 -6.69
CA VAL A 528 17.83 -24.19 -7.21
C VAL A 528 18.26 -25.41 -8.04
N GLU A 529 19.33 -25.26 -8.81
CA GLU A 529 19.83 -26.37 -9.62
C GLU A 529 20.18 -27.57 -8.76
N ALA A 530 20.68 -27.34 -7.55
CA ALA A 530 21.02 -28.42 -6.63
C ALA A 530 19.81 -28.94 -5.85
N GLY A 531 18.62 -28.41 -6.10
CA GLY A 531 17.45 -28.86 -5.37
C GLY A 531 17.33 -28.29 -3.97
N ALA A 532 17.94 -27.14 -3.72
CA ALA A 532 17.91 -26.49 -2.42
C ALA A 532 17.16 -25.17 -2.52
N ALA A 533 16.80 -24.64 -1.35
CA ALA A 533 16.16 -23.34 -1.24
C ALA A 533 17.15 -22.32 -0.74
N TRP A 534 17.08 -21.11 -1.27
CA TRP A 534 18.01 -20.05 -0.89
C TRP A 534 17.40 -19.16 0.19
N LEU A 535 18.25 -18.68 1.08
CA LEU A 535 17.85 -17.79 2.17
C LEU A 535 18.63 -16.48 2.03
N PRO A 536 18.03 -15.43 1.48
CA PRO A 536 18.76 -14.17 1.32
C PRO A 536 18.96 -13.48 2.65
N LEU A 537 20.14 -12.89 2.82
CA LEU A 537 20.52 -12.19 4.04
C LEU A 537 20.92 -10.76 3.70
N ASP A 538 20.35 -9.80 4.42
CA ASP A 538 20.79 -8.42 4.33
C ASP A 538 21.98 -8.23 5.26
N THR A 539 23.14 -7.91 4.68
CA THR A 539 24.34 -7.68 5.48
C THR A 539 24.25 -6.40 6.31
N GLY A 540 23.30 -5.52 6.00
CA GLY A 540 23.08 -4.35 6.84
C GLY A 540 22.42 -4.64 8.17
N TYR A 541 21.89 -5.85 8.35
CA TYR A 541 21.31 -6.23 9.62
C TYR A 541 22.41 -6.50 10.64
N PRO A 542 22.15 -6.28 11.93
CA PRO A 542 23.17 -6.53 12.95
C PRO A 542 23.49 -8.02 13.06
N ASP A 543 24.66 -8.30 13.66
CA ASP A 543 25.14 -9.67 13.75
C ASP A 543 24.29 -10.53 14.67
N ASP A 544 23.61 -9.92 15.64
CA ASP A 544 22.76 -10.69 16.54
C ASP A 544 21.50 -11.18 15.86
N ARG A 545 21.02 -10.46 14.84
CA ARG A 545 19.82 -10.89 14.14
C ARG A 545 20.13 -11.92 13.06
N LEU A 546 21.25 -11.73 12.35
CA LEU A 546 21.65 -12.72 11.34
C LEU A 546 21.92 -14.07 11.97
N LYS A 547 22.60 -14.09 13.13
CA LYS A 547 22.84 -15.33 13.84
C LYS A 547 21.53 -15.95 14.30
N MET A 548 20.57 -15.12 14.70
CA MET A 548 19.26 -15.63 15.10
C MET A 548 18.52 -16.21 13.90
N MET A 549 18.61 -15.54 12.74
CA MET A 549 17.99 -16.06 11.53
C MET A 549 18.63 -17.39 11.11
N LEU A 550 19.95 -17.49 11.23
CA LEU A 550 20.64 -18.70 10.79
C LEU A 550 20.41 -19.86 11.74
N GLU A 551 20.14 -19.57 13.02
CA GLU A 551 19.83 -20.63 13.97
C GLU A 551 18.42 -21.16 13.81
N ASP A 552 17.53 -20.41 13.16
CA ASP A 552 16.16 -20.85 12.93
C ASP A 552 16.01 -21.61 11.62
N ALA A 553 16.71 -21.17 10.58
CA ALA A 553 16.66 -21.87 9.30
C ALA A 553 17.63 -23.04 9.26
N ARG A 554 18.80 -22.89 9.88
CA ARG A 554 19.87 -23.88 9.90
C ARG A 554 20.25 -24.30 8.49
N PRO A 555 20.88 -23.42 7.71
CA PRO A 555 21.24 -23.77 6.34
C PRO A 555 22.49 -24.64 6.31
N SER A 556 22.57 -25.50 5.28
CA SER A 556 23.71 -26.38 5.14
C SER A 556 24.98 -25.61 4.77
N LEU A 557 24.83 -24.50 4.06
CA LEU A 557 25.98 -23.74 3.58
C LEU A 557 25.63 -22.27 3.53
N LEU A 558 26.65 -21.42 3.66
CA LEU A 558 26.52 -19.98 3.52
C LEU A 558 27.43 -19.50 2.42
N ILE A 559 26.88 -18.77 1.45
CA ILE A 559 27.64 -18.23 0.32
C ILE A 559 27.81 -16.74 0.55
N THR A 560 29.05 -16.30 0.64
CA THR A 560 29.34 -14.89 0.90
C THR A 560 30.67 -14.54 0.25
N THR A 561 31.23 -13.40 0.62
CA THR A 561 32.55 -12.96 0.19
C THR A 561 33.52 -13.03 1.36
N ASP A 562 34.81 -12.93 1.04
CA ASP A 562 35.83 -12.97 2.09
C ASP A 562 35.74 -11.77 3.02
N ASP A 563 35.21 -10.64 2.53
CA ASP A 563 35.10 -9.45 3.35
C ASP A 563 34.01 -9.60 4.41
N GLN A 564 32.89 -10.22 4.05
CA GLN A 564 31.80 -10.44 5.00
C GLN A 564 32.01 -11.66 5.88
N LEU A 565 33.08 -12.43 5.64
CA LEU A 565 33.28 -13.69 6.36
C LEU A 565 33.56 -13.50 7.85
N PRO A 566 34.38 -12.55 8.30
CA PRO A 566 34.68 -12.48 9.75
C PRO A 566 33.48 -12.20 10.62
N ARG A 567 32.36 -11.75 10.05
CA ARG A 567 31.18 -11.46 10.86
C ARG A 567 30.46 -12.73 11.30
N PHE A 568 30.53 -13.80 10.51
CA PHE A 568 29.85 -15.04 10.80
C PHE A 568 30.72 -16.02 11.58
N SER A 569 31.82 -15.55 12.17
CA SER A 569 32.67 -16.43 12.96
C SER A 569 31.98 -16.83 14.26
N ASP A 570 31.21 -15.91 14.85
CA ASP A 570 30.47 -16.21 16.06
C ASP A 570 29.30 -17.15 15.82
N VAL A 571 29.05 -17.53 14.56
CA VAL A 571 27.96 -18.45 14.23
C VAL A 571 28.52 -19.87 14.27
N PRO A 572 28.08 -20.71 15.20
CA PRO A 572 28.60 -22.07 15.26
C PRO A 572 27.90 -23.00 14.27
N ASN A 573 28.65 -24.01 13.84
CA ASN A 573 28.13 -25.07 12.96
C ASN A 573 27.59 -24.49 11.65
N LEU A 574 28.43 -23.73 10.96
CA LEU A 574 28.04 -23.11 9.70
C LEU A 574 29.20 -23.16 8.72
N THR A 575 29.01 -23.85 7.61
CA THR A 575 30.02 -23.93 6.57
C THR A 575 29.93 -22.72 5.64
N SER A 576 31.08 -22.18 5.25
CA SER A 576 31.14 -21.01 4.40
C SER A 576 31.68 -21.36 3.03
N LEU A 577 31.35 -20.51 2.05
CA LEU A 577 31.85 -20.63 0.70
C LEU A 577 31.95 -19.24 0.09
N CYS A 578 33.12 -18.88 -0.41
CA CYS A 578 33.33 -17.59 -1.03
C CYS A 578 33.16 -17.72 -2.54
N TYR A 579 32.16 -17.03 -3.08
CA TYR A 579 31.86 -17.06 -4.51
C TYR A 579 31.95 -15.63 -5.03
N ASN A 580 33.10 -15.30 -5.65
CA ASN A 580 33.32 -13.97 -6.18
C ASN A 580 34.03 -14.00 -7.53
N ALA A 581 34.15 -15.16 -8.16
CA ALA A 581 34.86 -15.30 -9.42
C ALA A 581 34.27 -16.46 -10.19
N PRO A 582 34.28 -16.41 -11.52
CA PRO A 582 33.75 -17.51 -12.31
C PRO A 582 34.57 -18.78 -12.12
N LEU A 583 33.89 -19.93 -12.23
CA LEU A 583 34.52 -21.23 -12.11
C LEU A 583 34.84 -21.79 -13.49
N THR A 584 35.65 -22.85 -13.50
CA THR A 584 35.97 -23.52 -14.75
C THR A 584 34.72 -24.27 -15.25
N PRO A 585 34.30 -24.06 -16.48
CA PRO A 585 33.04 -24.67 -16.94
C PRO A 585 33.24 -26.10 -17.43
N GLN A 586 32.27 -26.96 -17.09
CA GLN A 586 32.28 -28.39 -17.47
C GLN A 586 30.86 -28.76 -17.91
N GLY A 587 30.51 -28.39 -19.13
CA GLY A 587 29.20 -28.70 -19.67
C GLY A 587 28.08 -27.86 -19.06
N SER A 588 26.93 -27.85 -19.72
CA SER A 588 25.77 -27.08 -19.27
C SER A 588 24.56 -27.96 -19.00
N ALA A 589 24.72 -29.28 -18.99
CA ALA A 589 23.59 -30.18 -18.85
C ALA A 589 22.93 -29.99 -17.49
N PRO A 590 21.59 -29.85 -17.43
CA PRO A 590 20.94 -29.64 -16.14
C PRO A 590 21.07 -30.86 -15.24
N LEU A 591 21.13 -30.59 -13.93
CA LEU A 591 21.34 -31.66 -12.95
C LEU A 591 20.08 -32.45 -12.63
N GLN A 592 18.89 -31.87 -12.89
CA GLN A 592 17.62 -32.56 -12.67
C GLN A 592 17.46 -33.02 -11.22
N LEU A 593 17.97 -32.22 -10.29
CA LEU A 593 17.77 -32.47 -8.87
C LEU A 593 16.53 -31.77 -8.32
N SER A 594 16.00 -30.79 -9.03
CA SER A 594 14.88 -29.99 -8.53
C SER A 594 13.57 -30.74 -8.76
N GLN A 595 12.67 -30.65 -7.77
CA GLN A 595 11.36 -31.26 -7.83
C GLN A 595 10.30 -30.21 -7.50
N PRO A 596 9.08 -30.38 -8.02
CA PRO A 596 8.05 -29.35 -7.78
C PRO A 596 7.64 -29.20 -6.32
N HIS A 597 7.73 -30.26 -5.52
CA HIS A 597 7.36 -30.20 -4.11
C HIS A 597 8.42 -29.57 -3.24
N HIS A 598 9.60 -29.29 -3.77
CA HIS A 598 10.67 -28.70 -2.98
C HIS A 598 10.36 -27.26 -2.60
N THR A 599 10.99 -26.81 -1.52
CA THR A 599 10.93 -25.39 -1.16
C THR A 599 11.84 -24.60 -2.09
N ALA A 600 11.34 -23.49 -2.60
CA ALA A 600 12.11 -22.66 -3.51
C ALA A 600 12.97 -21.65 -2.76
N TYR A 601 12.39 -20.92 -1.81
CA TYR A 601 13.14 -19.90 -1.09
C TYR A 601 12.48 -19.66 0.25
N ILE A 602 13.22 -18.99 1.15
CA ILE A 602 12.74 -18.63 2.47
C ILE A 602 13.02 -17.15 2.67
N ILE A 603 11.96 -16.33 2.73
CA ILE A 603 12.08 -14.91 3.02
C ILE A 603 11.63 -14.68 4.46
N PHE A 604 12.47 -14.01 5.24
CA PHE A 604 12.13 -13.68 6.62
C PHE A 604 11.37 -12.35 6.67
N THR A 605 10.36 -12.32 7.53
CA THR A 605 9.60 -11.11 7.81
C THR A 605 9.62 -10.85 9.31
N SER A 606 9.02 -9.73 9.71
CA SER A 606 8.94 -9.39 11.12
C SER A 606 7.74 -10.08 11.77
N GLY A 607 7.93 -10.56 12.99
CA GLY A 607 6.88 -11.21 13.74
C GLY A 607 6.43 -10.34 14.90
N SER A 608 5.13 -10.40 15.20
CA SER A 608 4.57 -9.58 16.28
C SER A 608 4.95 -10.06 17.67
N THR A 609 5.70 -11.16 17.78
CA THR A 609 6.12 -11.68 19.07
C THR A 609 7.56 -11.32 19.42
N GLY A 610 8.29 -10.67 18.51
CA GLY A 610 9.65 -10.27 18.80
C GLY A 610 10.68 -10.90 17.88
N ARG A 611 10.53 -12.19 17.61
CA ARG A 611 11.48 -12.86 16.73
C ARG A 611 10.95 -12.90 15.30
N PRO A 612 11.84 -12.79 14.32
CA PRO A 612 11.40 -12.87 12.92
C PRO A 612 10.95 -14.28 12.58
N LYS A 613 10.20 -14.37 11.48
CA LYS A 613 9.66 -15.64 10.99
C LYS A 613 10.00 -15.79 9.51
N GLY A 614 10.30 -17.01 9.10
CA GLY A 614 10.67 -17.31 7.73
C GLY A 614 9.50 -17.89 6.95
N VAL A 615 9.29 -17.36 5.75
CA VAL A 615 8.22 -17.80 4.87
C VAL A 615 8.83 -18.72 3.82
N MET A 616 8.43 -20.00 3.85
CA MET A 616 8.89 -20.99 2.89
C MET A 616 7.90 -21.04 1.73
N VAL A 617 8.37 -20.71 0.53
CA VAL A 617 7.54 -20.69 -0.67
C VAL A 617 7.92 -21.90 -1.52
N GLY A 618 6.93 -22.72 -1.84
CA GLY A 618 7.19 -23.93 -2.59
C GLY A 618 7.62 -23.65 -4.02
N GLN A 619 8.09 -24.72 -4.67
CA GLN A 619 8.58 -24.60 -6.04
C GLN A 619 7.42 -24.36 -7.00
N THR A 620 6.35 -25.14 -6.88
CA THR A 620 5.19 -24.97 -7.76
C THR A 620 4.54 -23.61 -7.57
N ALA A 621 4.64 -23.04 -6.36
CA ALA A 621 4.00 -21.75 -6.09
C ALA A 621 4.68 -20.63 -6.88
N ILE A 622 6.01 -20.66 -6.99
CA ILE A 622 6.70 -19.60 -7.71
C ILE A 622 6.66 -19.85 -9.23
N VAL A 623 6.53 -21.11 -9.65
CA VAL A 623 6.43 -21.41 -11.07
C VAL A 623 5.15 -20.84 -11.65
N ASN A 624 4.03 -21.00 -10.94
CA ASN A 624 2.76 -20.45 -11.42
C ASN A 624 2.81 -18.93 -11.49
N ARG A 625 3.45 -18.30 -10.51
CA ARG A 625 3.55 -16.84 -10.50
C ARG A 625 4.33 -16.33 -11.71
N LEU A 626 5.36 -17.06 -12.13
CA LEU A 626 6.21 -16.59 -13.22
C LEU A 626 5.58 -16.89 -14.58
N LEU A 627 5.00 -18.08 -14.75
CA LEU A 627 4.34 -18.40 -16.01
C LEU A 627 3.19 -17.45 -16.31
N TRP A 628 2.47 -17.02 -15.27
CA TRP A 628 1.46 -15.99 -15.46
C TRP A 628 2.10 -14.65 -15.80
N MET A 629 3.18 -14.30 -15.11
CA MET A 629 3.89 -13.06 -15.37
C MET A 629 4.29 -12.96 -16.84
N GLN A 630 4.79 -14.06 -17.41
CA GLN A 630 5.24 -14.05 -18.79
C GLN A 630 4.06 -14.12 -19.77
N ASN A 631 2.94 -14.70 -19.35
CA ASN A 631 1.78 -14.76 -20.22
C ASN A 631 1.04 -13.42 -20.27
N HIS A 632 0.88 -12.78 -19.11
CA HIS A 632 0.13 -11.53 -19.05
C HIS A 632 0.95 -10.33 -19.50
N TYR A 633 2.27 -10.35 -19.25
CA TYR A 633 3.17 -9.27 -19.62
C TYR A 633 4.35 -9.87 -20.39
N PRO A 634 4.16 -10.22 -21.65
CA PRO A 634 5.17 -11.02 -22.37
C PRO A 634 6.50 -10.30 -22.53
N LEU A 635 7.57 -11.04 -22.32
CA LEU A 635 8.93 -10.57 -22.55
C LEU A 635 9.51 -11.25 -23.78
N THR A 636 10.49 -10.60 -24.40
CA THR A 636 11.14 -11.15 -25.57
C THR A 636 12.66 -11.12 -25.41
N GLY A 637 13.39 -11.32 -26.50
CA GLY A 637 14.84 -11.29 -26.48
C GLY A 637 15.45 -9.92 -26.53
N GLU A 638 14.68 -8.89 -26.88
CA GLU A 638 15.15 -7.51 -26.90
C GLU A 638 14.72 -6.74 -25.66
N ASP A 639 14.16 -7.42 -24.67
CA ASP A 639 13.81 -6.77 -23.40
C ASP A 639 14.98 -6.86 -22.43
N VAL A 640 15.12 -5.83 -21.61
CA VAL A 640 16.20 -5.73 -20.63
C VAL A 640 15.56 -5.54 -19.26
N VAL A 641 15.61 -6.58 -18.43
CA VAL A 641 15.09 -6.51 -17.08
C VAL A 641 16.20 -6.03 -16.15
N ALA A 642 15.86 -5.13 -15.23
CA ALA A 642 16.80 -4.60 -14.26
C ALA A 642 16.68 -5.37 -12.95
N GLN A 643 17.82 -5.65 -12.34
CA GLN A 643 17.90 -6.22 -11.00
C GLN A 643 18.37 -5.12 -10.07
N LYS A 644 17.44 -4.53 -9.33
CA LYS A 644 17.75 -3.47 -8.38
C LYS A 644 17.10 -3.67 -7.03
N THR A 645 16.16 -4.60 -6.89
CA THR A 645 15.50 -4.84 -5.62
C THR A 645 16.41 -5.66 -4.71
N PRO A 646 16.64 -5.23 -3.47
CA PRO A 646 17.49 -6.02 -2.56
C PRO A 646 16.97 -7.44 -2.41
N CYS A 647 17.91 -8.39 -2.36
CA CYS A 647 17.57 -9.81 -2.35
C CYS A 647 16.70 -10.20 -1.16
N SER A 648 16.72 -9.40 -0.09
CA SER A 648 15.86 -9.70 1.06
C SER A 648 14.39 -9.59 0.71
N PHE A 649 14.04 -8.69 -0.21
CA PHE A 649 12.65 -8.52 -0.62
C PHE A 649 12.27 -9.57 -1.65
N ASP A 650 11.08 -10.16 -1.49
CA ASP A 650 10.64 -11.21 -2.39
C ASP A 650 10.23 -10.68 -3.76
N VAL A 651 10.25 -9.37 -3.98
CA VAL A 651 10.02 -8.86 -5.33
C VAL A 651 11.17 -9.27 -6.25
N SER A 652 12.40 -9.30 -5.71
CA SER A 652 13.56 -9.68 -6.50
C SER A 652 13.43 -11.07 -7.09
N VAL A 653 12.57 -11.91 -6.51
CA VAL A 653 12.46 -13.30 -6.96
C VAL A 653 12.12 -13.38 -8.44
N TRP A 654 11.18 -12.55 -8.89
CA TRP A 654 10.90 -12.55 -10.32
C TRP A 654 11.88 -11.71 -11.12
N GLU A 655 12.73 -10.91 -10.47
CA GLU A 655 13.81 -10.27 -11.20
C GLU A 655 14.93 -11.27 -11.53
N PHE A 656 15.13 -12.28 -10.67
CA PHE A 656 16.21 -13.23 -10.85
C PHE A 656 15.87 -14.38 -11.81
N PHE A 657 14.60 -14.60 -12.13
CA PHE A 657 14.23 -15.76 -12.92
C PHE A 657 13.35 -15.45 -14.11
N TRP A 658 12.41 -14.51 -13.98
CA TRP A 658 11.49 -14.20 -15.08
C TRP A 658 12.18 -13.87 -16.40
N PRO A 659 13.24 -13.05 -16.45
CA PRO A 659 13.90 -12.82 -17.75
C PRO A 659 14.50 -14.08 -18.36
N PHE A 660 14.77 -15.11 -17.56
CA PHE A 660 15.43 -16.31 -18.03
C PHE A 660 14.46 -17.42 -18.43
N ILE A 661 13.16 -17.22 -18.23
CA ILE A 661 12.16 -18.08 -18.84
C ILE A 661 11.59 -17.47 -20.11
N ALA A 662 12.22 -16.40 -20.62
CA ALA A 662 11.65 -15.64 -21.73
C ALA A 662 12.68 -15.37 -22.81
N GLY A 663 13.95 -15.25 -22.41
CA GLY A 663 15.02 -14.86 -23.32
C GLY A 663 15.49 -13.43 -23.16
N ALA A 664 14.97 -12.71 -22.17
CA ALA A 664 15.38 -11.34 -21.92
C ALA A 664 16.77 -11.28 -21.30
N LYS A 665 17.27 -10.07 -21.13
CA LYS A 665 18.58 -9.81 -20.55
C LYS A 665 18.41 -9.17 -19.18
N LEU A 666 19.16 -9.67 -18.20
CA LEU A 666 19.10 -9.19 -16.83
C LEU A 666 20.40 -8.45 -16.50
N VAL A 667 20.26 -7.21 -16.03
CA VAL A 667 21.40 -6.32 -15.79
C VAL A 667 21.45 -5.98 -14.31
N MET A 668 22.63 -6.10 -13.72
CA MET A 668 22.83 -5.83 -12.30
C MET A 668 23.04 -4.34 -12.09
N ALA A 669 22.21 -3.74 -11.23
CA ALA A 669 22.49 -2.38 -10.80
C ALA A 669 23.70 -2.36 -9.87
N GLU A 670 24.29 -1.18 -9.71
CA GLU A 670 25.33 -1.02 -8.71
C GLU A 670 24.74 -1.26 -7.32
N PRO A 671 25.55 -1.70 -6.37
CA PRO A 671 25.08 -1.75 -4.98
C PRO A 671 24.80 -0.34 -4.48
N GLU A 672 23.82 -0.23 -3.59
CA GLU A 672 23.38 1.03 -3.00
C GLU A 672 22.73 1.97 -4.01
N ALA A 673 22.42 1.47 -5.22
CA ALA A 673 21.88 2.30 -6.28
C ALA A 673 20.35 2.30 -6.36
N HIS A 674 19.69 1.32 -5.74
CA HIS A 674 18.24 1.35 -5.64
C HIS A 674 17.74 2.50 -4.78
N ARG A 675 18.63 3.15 -4.02
CA ARG A 675 18.27 4.28 -3.18
C ARG A 675 18.56 5.63 -3.83
N ASP A 676 19.16 5.65 -5.01
CA ASP A 676 19.57 6.90 -5.66
C ASP A 676 18.80 7.07 -6.96
N PRO A 677 17.88 8.04 -7.05
CA PRO A 677 17.19 8.25 -8.33
C PRO A 677 18.11 8.65 -9.46
N LEU A 678 19.15 9.45 -9.17
CA LEU A 678 20.05 9.90 -10.22
C LEU A 678 20.92 8.74 -10.73
N ALA A 679 21.42 7.91 -9.82
CA ALA A 679 22.10 6.68 -10.23
C ALA A 679 21.16 5.71 -10.92
N MET A 680 19.86 5.79 -10.63
CA MET A 680 18.87 4.98 -11.35
C MET A 680 18.64 5.50 -12.75
N GLN A 681 18.75 6.82 -12.97
CA GLN A 681 18.60 7.37 -14.30
C GLN A 681 19.76 6.98 -15.19
N GLN A 682 20.99 7.06 -14.67
CA GLN A 682 22.15 6.62 -15.43
C GLN A 682 22.07 5.13 -15.72
N PHE A 683 21.59 4.34 -14.76
CA PHE A 683 21.52 2.89 -14.94
C PHE A 683 20.53 2.51 -16.02
N PHE A 684 19.40 3.21 -16.09
CA PHE A 684 18.41 2.89 -17.12
C PHE A 684 18.93 3.21 -18.51
N ALA A 685 19.58 4.37 -18.67
CA ALA A 685 20.11 4.76 -19.98
C ALA A 685 21.31 3.93 -20.38
N GLU A 686 22.04 3.35 -19.43
CA GLU A 686 23.26 2.63 -19.74
C GLU A 686 22.97 1.31 -20.44
N TYR A 687 21.99 0.56 -19.94
CA TYR A 687 21.65 -0.75 -20.50
C TYR A 687 20.41 -0.73 -21.38
N GLY A 688 19.67 0.37 -21.43
CA GLY A 688 18.42 0.39 -22.15
C GLY A 688 17.38 -0.50 -21.49
N VAL A 689 17.17 -0.29 -20.19
CA VAL A 689 16.24 -1.12 -19.44
C VAL A 689 14.83 -0.95 -19.98
N THR A 690 14.13 -2.07 -20.16
CA THR A 690 12.75 -2.09 -20.61
C THR A 690 11.76 -2.39 -19.50
N THR A 691 12.14 -3.26 -18.57
CA THR A 691 11.25 -3.73 -17.51
C THR A 691 11.91 -3.54 -16.16
N THR A 692 11.17 -3.00 -15.20
CA THR A 692 11.70 -2.76 -13.87
C THR A 692 10.52 -2.71 -12.88
N HIS A 693 10.85 -2.54 -11.61
CA HIS A 693 9.86 -2.50 -10.54
C HIS A 693 10.05 -1.23 -9.72
N PHE A 694 8.99 -0.82 -9.03
CA PHE A 694 9.06 0.35 -8.18
C PHE A 694 8.14 0.18 -6.97
N VAL A 695 8.54 0.78 -5.86
CA VAL A 695 7.65 0.97 -4.72
C VAL A 695 7.05 2.36 -4.85
N PRO A 696 5.75 2.54 -4.62
CA PRO A 696 5.11 3.85 -4.84
C PRO A 696 5.81 5.01 -4.16
N SER A 697 6.46 4.79 -3.02
CA SER A 697 7.24 5.85 -2.40
C SER A 697 8.51 6.15 -3.20
N MET A 698 9.12 5.13 -3.80
CA MET A 698 10.30 5.34 -4.62
C MET A 698 9.93 5.93 -5.98
N LEU A 699 8.81 5.47 -6.56
CA LEU A 699 8.32 6.05 -7.80
C LEU A 699 7.99 7.52 -7.63
N ALA A 700 7.49 7.92 -6.45
CA ALA A 700 7.22 9.33 -6.19
C ALA A 700 8.52 10.12 -6.08
N ALA A 701 9.55 9.53 -5.47
CA ALA A 701 10.84 10.20 -5.36
C ALA A 701 11.60 10.19 -6.68
N PHE A 702 11.32 9.21 -7.54
CA PHE A 702 11.96 9.15 -8.84
C PHE A 702 11.38 10.20 -9.79
N VAL A 703 10.06 10.36 -9.77
CA VAL A 703 9.41 11.37 -10.59
C VAL A 703 9.84 12.77 -10.14
N ALA A 704 10.08 12.95 -8.84
CA ALA A 704 10.49 14.25 -8.32
C ALA A 704 11.88 14.66 -8.79
N SER A 705 12.71 13.70 -9.21
CA SER A 705 14.03 13.98 -9.75
C SER A 705 14.04 14.06 -11.27
N LEU A 706 12.89 13.86 -11.91
CA LEU A 706 12.81 13.77 -13.36
C LEU A 706 12.35 15.10 -13.96
N THR A 707 13.02 15.50 -15.03
CA THR A 707 12.57 16.53 -15.94
C THR A 707 12.22 15.86 -17.27
N PRO A 708 11.29 16.42 -18.05
CA PRO A 708 10.96 15.80 -19.35
C PRO A 708 12.17 15.60 -20.25
N GLN A 709 13.22 16.42 -20.08
CA GLN A 709 14.45 16.19 -20.82
C GLN A 709 15.17 14.94 -20.32
N THR A 710 15.29 14.79 -19.00
CA THR A 710 15.89 13.59 -18.44
C THR A 710 14.95 12.40 -18.50
N ALA A 711 13.65 12.63 -18.58
CA ALA A 711 12.69 11.53 -18.66
C ALA A 711 12.78 10.79 -19.99
N ARG A 712 13.18 11.49 -21.05
CA ARG A 712 13.38 10.87 -22.36
C ARG A 712 14.82 10.49 -22.61
N GLN A 713 15.74 10.82 -21.69
CA GLN A 713 17.13 10.44 -21.78
C GLN A 713 17.45 9.20 -20.95
N SER A 714 16.49 8.68 -20.19
CA SER A 714 16.73 7.52 -19.35
C SER A 714 15.54 6.57 -19.36
N CYS A 715 14.33 7.11 -19.23
CA CYS A 715 13.12 6.30 -19.19
C CYS A 715 12.50 6.09 -20.57
N ALA A 716 13.21 6.43 -21.65
CA ALA A 716 12.63 6.30 -22.98
C ALA A 716 12.50 4.84 -23.40
N THR A 717 13.36 3.96 -22.89
CA THR A 717 13.37 2.56 -23.29
C THR A 717 12.43 1.70 -22.43
N LEU A 718 11.74 2.29 -21.46
CA LEU A 718 10.86 1.52 -20.58
C LEU A 718 9.58 1.14 -21.32
N LYS A 719 9.31 -0.16 -21.40
CA LYS A 719 8.09 -0.66 -22.03
C LYS A 719 7.02 -1.03 -21.02
N GLN A 720 7.39 -1.43 -19.81
CA GLN A 720 6.43 -1.77 -18.77
CA GLN A 720 6.42 -1.73 -18.77
C GLN A 720 7.10 -1.65 -17.41
N VAL A 721 6.39 -1.06 -16.45
CA VAL A 721 6.88 -0.85 -15.10
C VAL A 721 5.84 -1.39 -14.12
N PHE A 722 6.30 -2.02 -13.05
CA PHE A 722 5.42 -2.63 -12.07
C PHE A 722 5.59 -1.96 -10.71
N CYS A 723 4.47 -1.67 -10.06
CA CYS A 723 4.44 -1.14 -8.70
C CYS A 723 3.77 -2.17 -7.78
N SER A 724 4.32 -2.32 -6.59
CA SER A 724 3.72 -3.18 -5.57
C SER A 724 4.21 -2.72 -4.20
N GLY A 725 3.68 -3.35 -3.16
CA GLY A 725 4.13 -3.12 -1.80
C GLY A 725 3.36 -2.06 -1.03
N GLU A 726 2.75 -1.09 -1.72
CA GLU A 726 2.04 0.00 -1.04
C GLU A 726 0.79 0.36 -1.84
N ALA A 727 -0.04 1.19 -1.22
CA ALA A 727 -1.18 1.77 -1.93
C ALA A 727 -0.68 2.73 -2.98
N LEU A 728 -1.05 2.49 -4.24
CA LEU A 728 -0.50 3.24 -5.36
C LEU A 728 -1.39 4.43 -5.66
N PRO A 729 -0.96 5.66 -5.38
CA PRO A 729 -1.83 6.82 -5.62
C PRO A 729 -2.04 7.06 -7.11
N ALA A 730 -3.31 7.25 -7.49
CA ALA A 730 -3.64 7.44 -8.90
C ALA A 730 -3.02 8.72 -9.45
N ASP A 731 -2.99 9.79 -8.65
CA ASP A 731 -2.39 11.04 -9.11
C ASP A 731 -0.92 10.85 -9.49
N LEU A 732 -0.23 9.93 -8.80
CA LEU A 732 1.16 9.64 -9.14
C LEU A 732 1.25 8.93 -10.50
N CYS A 733 0.34 8.01 -10.78
CA CYS A 733 0.36 7.31 -12.05
C CYS A 733 0.13 8.26 -13.21
N ARG A 734 -0.76 9.23 -13.03
CA ARG A 734 -1.01 10.22 -14.07
C ARG A 734 0.19 11.14 -14.25
N GLU A 735 0.86 11.48 -13.15
CA GLU A 735 2.11 12.24 -13.23
C GLU A 735 3.22 11.42 -13.86
N TRP A 736 3.17 10.09 -13.72
CA TRP A 736 4.12 9.21 -14.38
C TRP A 736 3.77 8.98 -15.84
N GLN A 737 2.49 9.04 -16.18
CA GLN A 737 2.06 8.85 -17.56
C GLN A 737 2.39 10.06 -18.43
N GLN A 738 2.41 11.25 -17.84
CA GLN A 738 2.74 12.45 -18.59
C GLN A 738 4.23 12.56 -18.87
N LEU A 739 5.06 12.14 -17.91
CA LEU A 739 6.51 12.26 -18.07
C LEU A 739 7.02 11.28 -19.12
N THR A 740 6.58 10.04 -19.06
CA THR A 740 7.15 8.96 -19.87
C THR A 740 6.16 8.34 -20.83
N GLY A 741 4.92 8.13 -20.42
CA GLY A 741 3.99 7.37 -21.23
C GLY A 741 4.25 5.89 -21.25
N ALA A 742 5.06 5.37 -20.31
CA ALA A 742 5.38 3.96 -20.21
C ALA A 742 4.33 3.25 -19.37
N PRO A 743 3.77 2.13 -19.86
CA PRO A 743 2.71 1.45 -19.12
C PRO A 743 3.14 1.08 -17.70
N LEU A 744 2.21 1.24 -16.77
CA LEU A 744 2.42 0.99 -15.35
C LEU A 744 1.38 -0.02 -14.87
N HIS A 745 1.80 -0.94 -14.00
CA HIS A 745 0.93 -2.01 -13.54
C HIS A 745 1.02 -2.13 -12.03
N ASN A 746 -0.15 -2.13 -11.38
CA ASN A 746 -0.24 -2.30 -9.93
C ASN A 746 -0.39 -3.78 -9.60
N LEU A 747 0.48 -4.27 -8.73
CA LEU A 747 0.46 -5.65 -8.27
C LEU A 747 0.33 -5.67 -6.75
N TYR A 748 -0.39 -6.66 -6.24
CA TYR A 748 -0.60 -6.80 -4.79
C TYR A 748 -0.32 -8.23 -4.38
N GLY A 749 0.17 -8.39 -3.15
CA GLY A 749 0.33 -9.69 -2.56
C GLY A 749 1.31 -9.68 -1.40
N PRO A 750 1.08 -10.53 -0.41
CA PRO A 750 2.04 -10.70 0.69
C PRO A 750 3.12 -11.71 0.29
N THR A 751 4.13 -11.83 1.17
CA THR A 751 5.18 -12.81 0.97
C THR A 751 4.62 -14.24 1.01
N GLU A 752 3.58 -14.46 1.82
CA GLU A 752 3.00 -15.79 1.97
C GLU A 752 2.27 -16.27 0.72
N ALA A 753 2.12 -15.43 -0.30
CA ALA A 753 1.38 -15.79 -1.51
C ALA A 753 2.26 -15.71 -2.75
N ALA A 754 3.56 -15.95 -2.57
CA ALA A 754 4.52 -15.99 -3.68
C ALA A 754 4.50 -14.70 -4.49
N VAL A 755 5.16 -13.66 -3.97
CA VAL A 755 5.37 -12.38 -4.61
C VAL A 755 4.07 -11.60 -4.72
N ASP A 756 3.30 -11.83 -5.78
CA ASP A 756 2.12 -11.03 -6.07
C ASP A 756 0.93 -11.92 -6.39
N VAL A 757 -0.25 -11.50 -5.91
CA VAL A 757 -1.46 -12.30 -5.98
C VAL A 757 -2.56 -11.66 -6.82
N SER A 758 -2.48 -10.37 -7.13
CA SER A 758 -3.48 -9.73 -7.97
C SER A 758 -2.81 -8.67 -8.83
N TRP A 759 -3.55 -8.23 -9.86
CA TRP A 759 -3.02 -7.31 -10.87
C TRP A 759 -4.11 -6.33 -11.28
N TYR A 760 -3.68 -5.13 -11.70
CA TYR A 760 -4.60 -4.13 -12.22
C TYR A 760 -3.83 -3.08 -13.01
N PRO A 761 -4.29 -2.70 -14.20
CA PRO A 761 -3.59 -1.69 -14.99
C PRO A 761 -3.66 -0.32 -14.34
N ALA A 762 -2.52 0.37 -14.30
CA ALA A 762 -2.41 1.69 -13.72
C ALA A 762 -2.10 2.75 -14.78
N PHE A 763 -2.59 2.56 -15.99
CA PHE A 763 -2.35 3.49 -17.09
C PHE A 763 -3.54 3.46 -18.04
N GLY A 764 -3.55 4.38 -18.99
CA GLY A 764 -4.52 4.32 -20.05
C GLY A 764 -5.94 4.55 -19.55
N GLU A 765 -6.86 3.73 -20.06
CA GLU A 765 -8.28 3.95 -19.79
C GLU A 765 -8.65 3.56 -18.36
N GLU A 766 -8.07 2.47 -17.85
CA GLU A 766 -8.38 2.04 -16.49
C GLU A 766 -8.00 3.10 -15.47
N LEU A 767 -6.88 3.77 -15.68
CA LEU A 767 -6.43 4.82 -14.76
C LEU A 767 -7.37 6.02 -14.77
N ALA A 768 -7.95 6.35 -15.93
CA ALA A 768 -8.86 7.48 -16.02
C ALA A 768 -10.23 7.17 -15.41
N GLN A 769 -10.59 5.89 -15.32
CA GLN A 769 -11.86 5.47 -14.72
C GLN A 769 -11.73 5.17 -13.24
N VAL A 770 -10.56 5.37 -12.65
CA VAL A 770 -10.37 5.15 -11.22
C VAL A 770 -10.95 6.34 -10.46
N ARG A 771 -11.99 6.09 -9.66
CA ARG A 771 -12.62 7.15 -8.87
C ARG A 771 -11.93 7.37 -7.53
N GLY A 772 -11.39 6.32 -6.92
CA GLY A 772 -10.79 6.43 -5.62
C GLY A 772 -9.44 7.14 -5.65
N SER A 773 -8.84 7.23 -4.47
CA SER A 773 -7.55 7.90 -4.34
C SER A 773 -6.40 6.97 -4.74
N SER A 774 -6.54 5.66 -4.52
CA SER A 774 -5.51 4.69 -4.84
C SER A 774 -5.99 3.76 -5.94
N VAL A 775 -5.04 3.29 -6.75
CA VAL A 775 -5.37 2.33 -7.81
C VAL A 775 -5.78 1.01 -7.18
N PRO A 776 -6.86 0.37 -7.66
CA PRO A 776 -7.28 -0.90 -7.07
C PRO A 776 -6.18 -1.96 -7.17
N ILE A 777 -6.23 -2.92 -6.25
CA ILE A 777 -5.28 -4.03 -6.31
C ILE A 777 -5.68 -5.07 -7.35
N GLY A 778 -6.93 -5.03 -7.81
CA GLY A 778 -7.29 -5.66 -9.06
C GLY A 778 -7.91 -7.06 -9.03
N TYR A 779 -7.53 -7.87 -10.02
CA TYR A 779 -8.10 -9.18 -10.28
C TYR A 779 -7.10 -10.28 -9.96
N PRO A 780 -7.58 -11.49 -9.67
CA PRO A 780 -6.66 -12.56 -9.25
C PRO A 780 -5.84 -13.10 -10.43
N VAL A 781 -4.62 -13.52 -10.10
CA VAL A 781 -3.71 -14.12 -11.08
C VAL A 781 -4.11 -15.57 -11.30
N TRP A 782 -3.26 -16.33 -11.98
CA TRP A 782 -3.60 -17.70 -12.36
C TRP A 782 -3.75 -18.59 -11.13
N ASN A 783 -4.82 -19.41 -11.14
CA ASN A 783 -5.06 -20.42 -10.11
C ASN A 783 -5.08 -19.81 -8.71
N THR A 784 -5.78 -18.68 -8.59
CA THR A 784 -5.79 -17.90 -7.36
C THR A 784 -7.18 -17.35 -7.11
N GLY A 785 -7.59 -17.33 -5.84
CA GLY A 785 -8.87 -16.76 -5.47
C GLY A 785 -8.77 -15.66 -4.44
N LEU A 786 -9.83 -14.85 -4.34
CA LEU A 786 -9.98 -13.80 -3.34
C LEU A 786 -11.34 -13.93 -2.69
N ARG A 787 -11.43 -13.67 -1.39
CA ARG A 787 -12.64 -13.97 -0.63
C ARG A 787 -13.32 -12.73 -0.07
N ILE A 788 -12.64 -11.96 0.79
CA ILE A 788 -13.23 -10.82 1.49
C ILE A 788 -14.40 -11.29 2.34
N LEU A 789 -14.13 -11.65 3.59
CA LEU A 789 -15.13 -12.24 4.47
C LEU A 789 -15.28 -11.39 5.74
N ASP A 790 -16.35 -11.65 6.48
CA ASP A 790 -16.64 -10.94 7.71
C ASP A 790 -16.04 -11.70 8.90
N ALA A 791 -16.50 -11.39 10.12
CA ALA A 791 -15.97 -12.05 11.31
C ALA A 791 -16.48 -13.48 11.45
N MET A 792 -17.67 -13.77 10.92
CA MET A 792 -18.21 -15.11 10.95
C MET A 792 -17.88 -15.91 9.69
N MET A 793 -16.92 -15.43 8.89
CA MET A 793 -16.42 -16.12 7.70
C MET A 793 -17.48 -16.24 6.61
N HIS A 794 -18.34 -15.23 6.48
CA HIS A 794 -19.34 -15.12 5.43
C HIS A 794 -18.96 -14.01 4.45
N PRO A 795 -19.28 -14.16 3.17
CA PRO A 795 -18.92 -13.12 2.20
C PRO A 795 -19.71 -11.83 2.41
N VAL A 796 -19.15 -10.74 1.91
CA VAL A 796 -19.76 -9.42 2.06
C VAL A 796 -20.17 -8.89 0.69
N PRO A 797 -21.27 -8.14 0.60
CA PRO A 797 -21.71 -7.60 -0.70
C PRO A 797 -20.72 -6.57 -1.23
N PRO A 798 -20.86 -6.15 -2.49
CA PRO A 798 -19.89 -5.22 -3.06
C PRO A 798 -19.94 -3.84 -2.38
N GLY A 799 -18.80 -3.16 -2.40
CA GLY A 799 -18.66 -1.89 -1.75
C GLY A 799 -18.52 -1.93 -0.24
N VAL A 800 -18.63 -3.11 0.37
CA VAL A 800 -18.59 -3.27 1.82
C VAL A 800 -17.23 -3.82 2.22
N ALA A 801 -16.65 -3.28 3.28
CA ALA A 801 -15.32 -3.67 3.72
C ALA A 801 -15.36 -5.03 4.41
N GLY A 802 -14.32 -5.83 4.18
CA GLY A 802 -14.20 -7.13 4.80
C GLY A 802 -12.74 -7.52 4.97
N ASP A 803 -12.53 -8.71 5.53
CA ASP A 803 -11.19 -9.25 5.71
C ASP A 803 -10.77 -10.03 4.47
N LEU A 804 -9.63 -9.66 3.90
CA LEU A 804 -9.16 -10.27 2.66
C LEU A 804 -8.45 -11.59 2.94
N TYR A 805 -8.87 -12.63 2.24
CA TYR A 805 -8.24 -13.95 2.30
C TYR A 805 -7.76 -14.34 0.90
N LEU A 806 -6.81 -15.26 0.86
CA LEU A 806 -6.20 -15.70 -0.40
C LEU A 806 -6.28 -17.22 -0.49
N THR A 807 -6.75 -17.72 -1.64
CA THR A 807 -6.77 -19.13 -1.94
C THR A 807 -6.04 -19.38 -3.25
N GLY A 808 -5.49 -20.58 -3.39
CA GLY A 808 -4.97 -21.00 -4.67
C GLY A 808 -3.65 -21.73 -4.54
N ILE A 809 -3.07 -22.01 -5.71
CA ILE A 809 -1.81 -22.76 -5.80
C ILE A 809 -0.59 -21.94 -5.39
N GLN A 810 -0.75 -20.64 -5.17
CA GLN A 810 0.38 -19.75 -4.90
C GLN A 810 0.66 -19.58 -3.42
N LEU A 811 -0.10 -20.23 -2.55
CA LEU A 811 0.13 -20.11 -1.11
C LEU A 811 1.48 -20.70 -0.72
N ALA A 812 2.04 -20.15 0.35
CA ALA A 812 3.30 -20.66 0.86
C ALA A 812 3.11 -22.02 1.52
N GLN A 813 4.22 -22.73 1.73
CA GLN A 813 4.16 -23.97 2.48
C GLN A 813 3.87 -23.74 3.95
N GLY A 814 4.18 -22.55 4.45
CA GLY A 814 3.97 -22.19 5.83
C GLY A 814 5.16 -21.44 6.38
N TYR A 815 5.15 -21.21 7.68
CA TYR A 815 6.24 -20.52 8.35
C TYR A 815 7.27 -21.52 8.85
N LEU A 816 8.54 -21.17 8.72
CA LEU A 816 9.64 -22.06 9.07
C LEU A 816 9.79 -22.10 10.59
N GLY A 817 9.61 -23.27 11.17
CA GLY A 817 9.75 -23.46 12.60
C GLY A 817 8.59 -22.97 13.44
N ARG A 818 7.48 -22.57 12.82
CA ARG A 818 6.39 -21.88 13.51
C ARG A 818 5.06 -22.53 13.13
N PRO A 819 4.75 -23.69 13.71
CA PRO A 819 3.42 -24.28 13.46
C PRO A 819 2.30 -23.47 14.08
N ASP A 820 2.55 -22.78 15.19
CA ASP A 820 1.52 -21.96 15.80
C ASP A 820 1.14 -20.79 14.90
N LEU A 821 2.13 -20.14 14.28
CA LEU A 821 1.83 -19.06 13.36
C LEU A 821 1.14 -19.58 12.10
N THR A 822 1.59 -20.72 11.57
CA THR A 822 1.01 -21.29 10.36
C THR A 822 -0.47 -21.57 10.55
N ALA A 823 -0.82 -22.29 11.62
CA ALA A 823 -2.22 -22.63 11.88
C ALA A 823 -3.06 -21.39 12.16
N SER A 824 -2.44 -20.26 12.49
CA SER A 824 -3.17 -19.04 12.77
C SER A 824 -3.41 -18.19 11.52
N ARG A 825 -2.42 -18.12 10.61
CA ARG A 825 -2.56 -17.33 9.39
C ARG A 825 -2.99 -18.15 8.19
N PHE A 826 -2.55 -19.42 8.09
CA PHE A 826 -2.96 -20.32 7.01
C PHE A 826 -4.10 -21.18 7.53
N ILE A 827 -5.32 -20.67 7.42
CA ILE A 827 -6.47 -21.28 8.07
C ILE A 827 -7.24 -22.13 7.07
N ALA A 828 -8.24 -22.84 7.57
CA ALA A 828 -9.10 -23.67 6.73
C ALA A 828 -9.98 -22.81 5.84
N ASP A 829 -10.39 -23.38 4.71
CA ASP A 829 -11.23 -22.69 3.74
C ASP A 829 -12.60 -23.32 3.69
N PRO A 830 -13.63 -22.67 4.25
CA PRO A 830 -14.97 -23.29 4.27
C PRO A 830 -15.65 -23.35 2.92
N PHE A 831 -15.15 -22.65 1.91
CA PHE A 831 -15.72 -22.69 0.57
C PHE A 831 -15.01 -23.66 -0.36
N ALA A 832 -13.91 -24.27 0.10
CA ALA A 832 -13.20 -25.30 -0.68
C ALA A 832 -12.80 -26.40 0.29
N PRO A 833 -13.64 -27.44 0.42
CA PRO A 833 -13.40 -28.47 1.45
C PRO A 833 -12.02 -29.11 1.39
N GLY A 834 -11.31 -29.04 2.51
CA GLY A 834 -9.98 -29.59 2.63
C GLY A 834 -8.85 -28.66 2.23
N GLU A 835 -9.15 -27.68 1.38
CA GLU A 835 -8.13 -26.74 0.92
C GLU A 835 -7.81 -25.73 2.02
N ARG A 836 -6.86 -24.85 1.72
CA ARG A 836 -6.35 -23.90 2.69
C ARG A 836 -6.49 -22.48 2.15
N MET A 837 -6.36 -21.51 3.06
CA MET A 837 -6.76 -20.14 2.79
C MET A 837 -5.95 -19.22 3.71
N TYR A 838 -5.27 -18.24 3.12
CA TYR A 838 -4.33 -17.41 3.88
C TYR A 838 -4.97 -16.12 4.35
N ARG A 839 -4.76 -15.80 5.63
CA ARG A 839 -5.32 -14.62 6.27
C ARG A 839 -4.35 -13.46 6.08
N THR A 840 -4.75 -12.47 5.27
CA THR A 840 -3.83 -11.40 4.92
C THR A 840 -3.69 -10.36 6.03
N GLY A 841 -4.76 -10.10 6.75
CA GLY A 841 -4.80 -8.94 7.63
C GLY A 841 -5.07 -7.65 6.90
N ASP A 842 -5.45 -7.70 5.62
CA ASP A 842 -5.79 -6.53 4.84
C ASP A 842 -7.31 -6.36 4.78
N VAL A 843 -7.76 -5.13 4.87
CA VAL A 843 -9.17 -4.78 4.75
C VAL A 843 -9.42 -4.33 3.32
N ALA A 844 -10.42 -4.94 2.67
CA ALA A 844 -10.68 -4.68 1.27
C ALA A 844 -12.18 -4.78 1.01
N ARG A 845 -12.56 -4.37 -0.21
CA ARG A 845 -13.96 -4.40 -0.62
C ARG A 845 -14.02 -4.64 -2.13
N TRP A 846 -15.19 -5.06 -2.59
CA TRP A 846 -15.42 -5.31 -4.00
C TRP A 846 -15.93 -4.05 -4.69
N LEU A 847 -15.45 -3.80 -5.90
CA LEU A 847 -15.92 -2.70 -6.73
C LEU A 847 -16.93 -3.22 -7.75
N ASP A 848 -17.59 -2.28 -8.43
CA ASP A 848 -18.64 -2.63 -9.38
C ASP A 848 -18.11 -3.41 -10.58
N ASN A 849 -16.83 -3.27 -10.90
CA ASN A 849 -16.25 -4.00 -12.03
C ASN A 849 -15.56 -5.28 -11.59
N GLY A 850 -15.76 -5.71 -10.34
CA GLY A 850 -15.15 -6.91 -9.83
C GLY A 850 -13.77 -6.74 -9.24
N ALA A 851 -13.13 -5.59 -9.45
CA ALA A 851 -11.80 -5.36 -8.91
C ALA A 851 -11.85 -5.10 -7.41
N VAL A 852 -10.78 -5.49 -6.72
CA VAL A 852 -10.66 -5.35 -5.28
C VAL A 852 -9.91 -4.05 -4.97
N GLU A 853 -10.41 -3.29 -4.00
CA GLU A 853 -9.80 -2.05 -3.57
C GLU A 853 -9.27 -2.21 -2.16
N TYR A 854 -7.97 -1.95 -1.98
CA TYR A 854 -7.36 -2.02 -0.66
C TYR A 854 -7.80 -0.83 0.20
N LEU A 855 -8.16 -1.10 1.45
CA LEU A 855 -8.65 -0.08 2.35
C LEU A 855 -7.77 0.13 3.58
N GLY A 856 -7.12 -0.90 4.09
CA GLY A 856 -6.27 -0.74 5.25
C GLY A 856 -5.95 -2.09 5.89
N ARG A 857 -5.43 -2.02 7.10
CA ARG A 857 -5.05 -3.20 7.88
C ARG A 857 -6.01 -3.42 9.03
N SER A 858 -5.97 -4.64 9.60
CA SER A 858 -6.73 -4.98 10.78
C SER A 858 -5.82 -5.31 11.96
N ASP A 859 -4.52 -5.07 11.84
CA ASP A 859 -3.58 -5.38 12.90
C ASP A 859 -2.61 -4.20 13.05
N ASP A 860 -1.55 -4.41 13.83
CA ASP A 860 -0.53 -3.40 14.09
C ASP A 860 0.63 -3.46 13.11
N GLN A 861 0.48 -4.12 11.97
CA GLN A 861 1.52 -4.17 10.97
C GLN A 861 1.45 -2.94 10.08
N LEU A 862 2.60 -2.31 9.85
CA LEU A 862 2.67 -1.11 9.03
C LEU A 862 3.56 -1.36 7.82
N LYS A 863 3.38 -0.50 6.81
CA LYS A 863 4.09 -0.61 5.53
C LYS A 863 4.71 0.76 5.24
N ILE A 864 5.90 1.00 5.78
CA ILE A 864 6.56 2.29 5.65
C ILE A 864 7.46 2.26 4.43
N ARG A 865 7.09 3.02 3.39
CA ARG A 865 7.85 3.13 2.16
C ARG A 865 8.12 1.74 1.56
N GLY A 866 7.15 0.85 1.69
CA GLY A 866 7.24 -0.49 1.16
C GLY A 866 7.87 -1.52 2.10
N GLN A 867 8.36 -1.10 3.27
CA GLN A 867 9.05 -1.99 4.19
C GLN A 867 8.05 -2.54 5.20
N ARG A 868 7.91 -3.86 5.23
CA ARG A 868 6.99 -4.53 6.14
C ARG A 868 7.54 -4.47 7.57
N ILE A 869 6.85 -3.73 8.44
CA ILE A 869 7.29 -3.50 9.80
C ILE A 869 6.15 -3.86 10.74
N GLU A 870 6.46 -4.66 11.77
CA GLU A 870 5.50 -5.04 12.79
C GLU A 870 5.82 -4.26 14.06
N LEU A 871 4.92 -3.36 14.45
CA LEU A 871 5.14 -2.57 15.66
C LEU A 871 5.23 -3.43 16.91
N GLY A 872 4.65 -4.63 16.88
CA GLY A 872 4.76 -5.51 18.04
C GLY A 872 6.19 -5.91 18.34
N GLU A 873 6.99 -6.16 17.30
CA GLU A 873 8.38 -6.56 17.52
C GLU A 873 9.19 -5.44 18.16
N ILE A 874 9.04 -4.21 17.64
CA ILE A 874 9.83 -3.09 18.16
C ILE A 874 9.47 -2.82 19.61
N ASP A 875 8.22 -3.04 20.01
CA ASP A 875 7.83 -2.84 21.40
C ASP A 875 8.41 -3.92 22.29
N ARG A 876 8.43 -5.17 21.83
CA ARG A 876 8.97 -6.26 22.64
C ARG A 876 10.45 -6.07 22.93
N VAL A 877 11.20 -5.50 21.99
CA VAL A 877 12.63 -5.30 22.20
C VAL A 877 12.88 -4.13 23.14
N MET A 878 12.04 -3.09 23.07
CA MET A 878 12.23 -1.94 23.95
C MET A 878 11.75 -2.21 25.37
N GLN A 879 10.81 -3.14 25.55
CA GLN A 879 10.38 -3.53 26.88
C GLN A 879 11.37 -4.50 27.54
N ALA A 880 12.35 -4.99 26.79
CA ALA A 880 13.45 -5.78 27.34
C ALA A 880 14.68 -4.94 27.66
N LEU A 881 14.62 -3.64 27.43
CA LEU A 881 15.75 -2.76 27.71
C LEU A 881 15.95 -2.62 29.22
N PRO A 882 17.15 -2.23 29.64
CA PRO A 882 17.40 -2.06 31.09
C PRO A 882 16.49 -0.99 31.69
N ASP A 883 15.72 -1.40 32.69
CA ASP A 883 14.87 -0.50 33.49
C ASP A 883 13.87 0.23 32.59
N VAL A 884 12.99 -0.54 31.95
CA VAL A 884 11.95 0.01 31.09
C VAL A 884 10.63 -0.65 31.48
N GLU A 885 9.74 0.13 32.07
CA GLU A 885 8.45 -0.37 32.52
C GLU A 885 7.47 -0.49 31.36
N GLN A 886 7.39 0.55 30.53
CA GLN A 886 6.46 0.57 29.41
C GLN A 886 7.17 1.15 28.19
N ALA A 887 6.73 0.70 27.01
CA ALA A 887 7.31 1.14 25.75
C ALA A 887 6.27 1.06 24.65
N VAL A 888 6.21 2.09 23.81
CA VAL A 888 5.26 2.19 22.71
C VAL A 888 5.97 2.73 21.48
N THR A 889 5.82 2.05 20.35
CA THR A 889 6.29 2.54 19.06
C THR A 889 5.11 3.17 18.33
N HIS A 890 5.40 4.25 17.58
CA HIS A 890 4.35 4.96 16.87
C HIS A 890 4.92 5.52 15.57
N ALA A 891 4.12 5.44 14.51
CA ALA A 891 4.49 5.99 13.21
C ALA A 891 3.77 7.31 13.00
N CYS A 892 4.54 8.36 12.71
CA CYS A 892 3.98 9.68 12.49
C CYS A 892 4.92 10.49 11.62
N VAL A 893 4.38 11.57 11.06
CA VAL A 893 5.17 12.50 10.25
C VAL A 893 5.69 13.58 11.19
N ILE A 894 6.99 13.52 11.50
CA ILE A 894 7.57 14.44 12.48
C ILE A 894 7.51 15.87 11.98
N ASN A 895 7.82 16.08 10.70
CA ASN A 895 7.91 17.42 10.12
C ASN A 895 7.05 17.48 8.88
N GLN A 896 6.22 18.53 8.79
CA GLN A 896 5.31 18.68 7.66
C GLN A 896 5.96 19.34 6.45
N ALA A 897 7.17 19.88 6.59
CA ALA A 897 7.91 20.36 5.43
C ALA A 897 8.54 19.21 4.64
N ALA A 898 8.56 18.01 5.19
CA ALA A 898 9.09 16.83 4.52
C ALA A 898 7.99 15.94 3.95
N ALA A 899 6.74 16.38 3.99
CA ALA A 899 5.61 15.60 3.50
C ALA A 899 5.42 15.69 1.99
N THR A 900 6.44 16.14 1.26
CA THR A 900 6.34 16.27 -0.20
C THR A 900 6.54 14.89 -0.82
N GLY A 901 5.45 14.24 -1.19
CA GLY A 901 5.51 12.97 -1.89
C GLY A 901 5.90 11.79 -1.02
N GLY A 902 5.53 10.59 -1.46
CA GLY A 902 5.90 9.36 -0.78
C GLY A 902 5.34 9.25 0.63
N ASP A 903 5.89 8.27 1.35
CA ASP A 903 5.53 7.99 2.74
C ASP A 903 6.56 8.66 3.63
N ALA A 904 6.15 9.69 4.35
CA ALA A 904 7.05 10.47 5.21
C ALA A 904 7.02 10.02 6.66
N ARG A 905 6.46 8.85 6.95
CA ARG A 905 6.31 8.42 8.33
C ARG A 905 7.66 8.03 8.94
N GLN A 906 7.76 8.21 10.25
CA GLN A 906 8.93 7.85 11.03
C GLN A 906 8.51 7.00 12.21
N LEU A 907 9.43 6.20 12.72
CA LEU A 907 9.21 5.39 13.91
C LEU A 907 9.69 6.15 15.14
N VAL A 908 8.75 6.50 16.02
CA VAL A 908 9.04 7.22 17.25
C VAL A 908 8.70 6.33 18.42
N GLY A 909 9.67 6.12 19.31
CA GLY A 909 9.50 5.28 20.48
C GLY A 909 9.30 6.11 21.73
N TYR A 910 8.40 5.64 22.59
CA TYR A 910 8.06 6.31 23.84
C TYR A 910 8.31 5.35 25.00
N LEU A 911 9.09 5.80 25.97
CA LEU A 911 9.55 4.95 27.06
C LEU A 911 9.07 5.47 28.40
N VAL A 912 8.89 4.54 29.34
CA VAL A 912 8.56 4.84 30.72
C VAL A 912 9.50 4.02 31.60
N SER A 913 10.31 4.71 32.40
CA SER A 913 11.25 4.00 33.26
C SER A 913 10.54 3.39 34.46
N GLN A 914 11.02 2.21 34.86
CA GLN A 914 10.43 1.52 36.00
C GLN A 914 10.79 2.16 37.33
N SER A 915 11.93 2.84 37.40
CA SER A 915 12.39 3.49 38.62
C SER A 915 12.06 4.97 38.68
N GLY A 916 11.60 5.56 37.57
CA GLY A 916 11.38 6.99 37.51
C GLY A 916 12.60 7.80 37.13
N LEU A 917 13.74 7.16 36.93
CA LEU A 917 14.99 7.83 36.62
C LEU A 917 15.12 8.09 35.12
N PRO A 918 15.84 9.14 34.74
CA PRO A 918 16.07 9.38 33.31
C PRO A 918 16.78 8.19 32.67
N LEU A 919 16.43 7.93 31.41
CA LEU A 919 16.83 6.69 30.75
C LEU A 919 18.07 6.82 29.87
N ASP A 920 18.49 8.04 29.52
CA ASP A 920 19.53 8.26 28.52
C ASP A 920 19.18 7.53 27.22
N THR A 921 18.21 8.13 26.50
CA THR A 921 17.62 7.46 25.35
C THR A 921 18.62 7.25 24.23
N SER A 922 19.58 8.17 24.05
CA SER A 922 20.55 8.02 22.97
C SER A 922 21.40 6.77 23.14
N ALA A 923 21.69 6.38 24.39
CA ALA A 923 22.41 5.13 24.63
C ALA A 923 21.50 3.92 24.50
N LEU A 924 20.20 4.08 24.75
CA LEU A 924 19.26 3.00 24.50
C LEU A 924 19.05 2.82 22.99
N GLN A 925 19.06 3.91 22.25
CA GLN A 925 18.93 3.83 20.78
C GLN A 925 20.10 3.07 20.17
N ALA A 926 21.30 3.26 20.72
CA ALA A 926 22.46 2.53 20.21
C ALA A 926 22.39 1.05 20.54
N GLN A 927 21.76 0.70 21.66
CA GLN A 927 21.57 -0.71 22.00
C GLN A 927 20.58 -1.38 21.06
N LEU A 928 19.48 -0.69 20.75
CA LEU A 928 18.47 -1.23 19.84
C LEU A 928 19.06 -1.50 18.46
N ARG A 929 20.07 -0.73 18.04
CA ARG A 929 20.62 -0.90 16.70
C ARG A 929 21.41 -2.19 16.56
N GLU A 930 21.81 -2.80 17.69
CA GLU A 930 22.47 -4.10 17.67
C GLU A 930 21.49 -5.26 17.68
N THR A 931 20.20 -4.99 17.67
CA THR A 931 19.16 -6.01 17.68
C THR A 931 18.19 -5.89 16.51
N LEU A 932 17.75 -4.66 16.19
CA LEU A 932 16.74 -4.46 15.16
C LEU A 932 17.38 -4.02 13.84
N PRO A 933 16.74 -4.33 12.72
CA PRO A 933 17.23 -3.83 11.44
C PRO A 933 17.17 -2.31 11.40
N PRO A 934 17.99 -1.69 10.55
CA PRO A 934 18.04 -0.21 10.53
C PRO A 934 16.70 0.46 10.34
N HIS A 935 15.80 -0.12 9.54
CA HIS A 935 14.51 0.51 9.30
C HIS A 935 13.53 0.31 10.45
N MET A 936 13.78 -0.66 11.33
CA MET A 936 12.92 -0.92 12.48
C MET A 936 13.43 -0.28 13.76
N VAL A 937 14.53 0.49 13.70
CA VAL A 937 15.06 1.19 14.85
C VAL A 937 14.42 2.58 14.90
N PRO A 938 13.77 2.95 16.01
CA PRO A 938 13.16 4.28 16.09
C PRO A 938 14.20 5.38 15.91
N VAL A 939 13.82 6.42 15.16
CA VAL A 939 14.72 7.54 14.94
C VAL A 939 14.80 8.45 16.16
N VAL A 940 13.77 8.45 17.01
CA VAL A 940 13.76 9.27 18.22
C VAL A 940 13.15 8.44 19.35
N LEU A 941 13.80 8.47 20.52
CA LEU A 941 13.29 7.82 21.72
C LEU A 941 13.02 8.91 22.76
N LEU A 942 11.76 9.03 23.17
CA LEU A 942 11.34 10.05 24.13
C LEU A 942 10.78 9.38 25.37
N GLN A 943 11.25 9.82 26.54
CA GLN A 943 10.80 9.28 27.81
C GLN A 943 9.60 10.06 28.32
N LEU A 944 8.62 9.34 28.85
CA LEU A 944 7.40 9.95 29.35
C LEU A 944 7.18 9.59 30.81
N PRO A 945 6.68 10.54 31.63
CA PRO A 945 6.38 10.23 33.02
C PRO A 945 5.34 9.11 33.15
N GLN A 946 4.18 9.32 32.55
CA GLN A 946 3.14 8.31 32.48
C GLN A 946 2.74 8.12 31.03
N LEU A 947 2.44 6.87 30.67
CA LEU A 947 1.97 6.59 29.32
C LEU A 947 0.59 7.21 29.14
N PRO A 948 0.38 8.04 28.12
CA PRO A 948 -0.88 8.77 28.00
C PRO A 948 -2.08 7.87 27.68
N LEU A 949 -2.73 7.35 28.71
CA LEU A 949 -3.94 6.57 28.55
C LEU A 949 -5.15 7.50 28.40
N SER A 950 -6.33 6.90 28.25
CA SER A 950 -7.58 7.65 28.20
C SER A 950 -8.55 7.11 29.23
N ALA A 951 -9.81 7.56 29.19
CA ALA A 951 -10.81 6.99 30.10
C ALA A 951 -11.03 5.52 29.83
N ASN A 952 -10.76 5.07 28.61
CA ASN A 952 -10.84 3.64 28.30
C ASN A 952 -9.69 2.88 28.95
N GLY A 953 -8.49 3.42 28.87
CA GLY A 953 -7.28 2.68 29.16
C GLY A 953 -6.66 2.00 27.96
N LYS A 954 -6.89 2.52 26.74
CA LYS A 954 -6.46 1.89 25.50
C LYS A 954 -5.35 2.66 24.81
N LEU A 955 -4.66 3.55 25.53
CA LEU A 955 -3.55 4.35 25.01
C LEU A 955 -4.00 5.23 23.85
N ASP A 956 -4.24 6.51 24.14
CA ASP A 956 -4.59 7.46 23.10
C ASP A 956 -3.32 7.84 22.34
N ARG A 957 -3.24 7.44 21.06
CA ARG A 957 -2.07 7.72 20.25
C ARG A 957 -2.03 9.16 19.74
N LYS A 958 -3.15 9.88 19.81
CA LYS A 958 -3.16 11.30 19.44
C LYS A 958 -2.62 12.19 20.55
N ALA A 959 -2.49 11.67 21.78
CA ALA A 959 -1.85 12.40 22.87
C ALA A 959 -0.35 12.20 22.90
N LEU A 960 0.18 11.26 22.12
CA LEU A 960 1.61 11.02 22.05
C LEU A 960 2.31 12.26 21.50
N PRO A 961 3.18 12.91 22.27
CA PRO A 961 3.76 14.18 21.82
C PRO A 961 4.80 13.97 20.74
N LEU A 962 4.66 14.71 19.64
CA LEU A 962 5.65 14.68 18.58
C LEU A 962 6.96 15.28 19.09
N PRO A 963 8.11 14.77 18.63
CA PRO A 963 9.38 15.32 19.08
C PRO A 963 9.59 16.73 18.56
N GLU A 964 10.18 17.57 19.41
CA GLU A 964 10.44 18.96 19.05
C GLU A 964 11.56 19.05 18.01
N LEU A 965 11.54 20.15 17.26
CA LEU A 965 12.53 20.37 16.22
C LEU A 965 13.81 20.99 16.79
N ARG A 972 26.81 20.96 20.21
CA ARG A 972 26.21 22.29 20.08
C ARG A 972 27.21 23.28 19.52
N ALA A 973 28.38 22.78 19.12
CA ALA A 973 29.37 23.61 18.45
C ALA A 973 28.76 24.18 17.18
N PRO A 974 28.55 25.50 17.10
CA PRO A 974 27.84 26.07 15.95
C PRO A 974 28.50 25.71 14.63
N LYS A 975 27.66 25.43 13.62
CA LYS A 975 27.99 24.90 12.30
C LYS A 975 29.49 24.78 12.02
N ALA A 976 30.00 25.65 11.13
CA ALA A 976 31.40 25.78 10.76
C ALA A 976 31.52 26.72 9.56
N GLY A 977 32.54 26.49 8.73
CA GLY A 977 32.72 27.24 7.51
C GLY A 977 32.55 26.40 6.26
N SER A 978 32.88 25.11 6.36
CA SER A 978 32.64 24.14 5.29
C SER A 978 31.30 23.43 5.43
N GLU A 979 30.88 23.15 6.67
CA GLU A 979 29.56 22.58 6.93
C GLU A 979 28.48 23.64 7.06
N THR A 980 28.77 24.88 6.67
CA THR A 980 27.76 25.93 6.65
C THR A 980 26.85 25.83 5.44
N ILE A 981 27.29 25.16 4.37
CA ILE A 981 26.46 25.00 3.18
C ILE A 981 25.48 23.85 3.37
N ILE A 982 25.93 22.76 3.99
CA ILE A 982 25.05 21.62 4.20
C ILE A 982 24.04 21.91 5.30
N ALA A 983 24.45 22.67 6.32
CA ALA A 983 23.51 23.08 7.36
C ALA A 983 22.43 24.01 6.81
N ALA A 984 22.77 24.79 5.78
CA ALA A 984 21.76 25.58 5.08
C ALA A 984 20.88 24.73 4.18
N ALA A 985 21.34 23.55 3.77
CA ALA A 985 20.52 22.65 2.96
C ALA A 985 19.46 21.94 3.78
N PHE A 986 19.75 21.64 5.05
CA PHE A 986 18.73 21.09 5.94
C PHE A 986 17.57 22.06 6.07
N SER A 987 17.88 23.35 6.28
CA SER A 987 16.84 24.35 6.50
C SER A 987 15.92 24.47 5.28
N SER A 988 16.44 24.24 4.08
CA SER A 988 15.60 24.27 2.90
C SER A 988 14.58 23.13 2.92
N LEU A 989 15.07 21.89 3.02
CA LEU A 989 14.19 20.73 2.92
C LEU A 989 13.36 20.53 4.19
N LEU A 990 13.99 20.65 5.36
CA LEU A 990 13.30 20.39 6.62
C LEU A 990 12.45 21.57 7.08
N GLY A 991 12.55 22.73 6.43
CA GLY A 991 11.74 23.87 6.82
C GLY A 991 11.98 24.35 8.23
N CYS A 992 13.19 24.14 8.77
CA CYS A 992 13.52 24.59 10.10
C CYS A 992 15.00 24.93 10.15
N ASP A 993 15.32 26.01 10.87
CA ASP A 993 16.67 26.54 10.90
C ASP A 993 17.54 25.69 11.82
N VAL A 994 18.55 25.04 11.26
CA VAL A 994 19.47 24.19 12.00
C VAL A 994 20.80 24.93 12.10
N GLN A 995 21.18 25.32 13.33
CA GLN A 995 22.35 26.15 13.55
C GLN A 995 23.47 25.48 14.32
N ASP A 996 23.28 24.28 14.85
CA ASP A 996 24.27 23.62 15.68
C ASP A 996 24.52 22.22 15.15
N ALA A 997 25.80 21.90 14.89
CA ALA A 997 26.22 20.61 14.37
C ALA A 997 25.75 19.47 15.28
N ASP A 998 25.90 18.24 14.81
CA ASP A 998 25.28 17.06 15.44
C ASP A 998 23.77 17.18 15.44
N ALA A 999 23.23 17.83 14.41
CA ALA A 999 21.80 17.90 14.16
C ALA A 999 21.43 16.72 13.27
N ASP A 1000 20.75 15.73 13.85
CA ASP A 1000 20.39 14.53 13.12
C ASP A 1000 19.35 14.83 12.06
N PHE A 1001 19.65 14.45 10.82
CA PHE A 1001 18.74 14.74 9.72
C PHE A 1001 17.37 14.08 9.92
N PHE A 1002 17.35 12.88 10.49
CA PHE A 1002 16.09 12.16 10.64
C PHE A 1002 15.30 12.63 11.85
N ALA A 1003 15.97 12.85 12.99
CA ALA A 1003 15.29 13.33 14.18
C ALA A 1003 14.67 14.70 13.98
N LEU A 1004 15.03 15.42 12.93
CA LEU A 1004 14.38 16.67 12.56
C LEU A 1004 13.22 16.47 11.60
N GLY A 1005 12.86 15.22 11.28
CA GLY A 1005 11.76 14.94 10.39
C GLY A 1005 12.16 14.43 9.02
N GLY A 1006 13.45 14.29 8.74
CA GLY A 1006 13.88 13.78 7.46
C GLY A 1006 13.74 12.27 7.36
N HIS A 1007 13.63 11.80 6.11
CA HIS A 1007 13.50 10.39 5.82
C HIS A 1007 14.31 10.07 4.57
N SER A 1008 14.37 8.78 4.23
CA SER A 1008 15.26 8.35 3.15
C SER A 1008 14.78 8.81 1.78
N LEU A 1009 13.51 9.18 1.64
CA LEU A 1009 13.07 9.80 0.40
C LEU A 1009 13.55 11.24 0.30
N LEU A 1010 13.62 11.96 1.43
CA LEU A 1010 14.13 13.32 1.43
C LEU A 1010 15.66 13.36 1.42
N ALA A 1011 16.32 12.27 1.79
CA ALA A 1011 17.76 12.19 1.65
C ALA A 1011 18.19 12.13 0.18
N MET A 1012 17.31 11.65 -0.70
CA MET A 1012 17.62 11.64 -2.13
C MET A 1012 17.62 13.07 -2.68
N LYS A 1013 16.69 13.91 -2.22
CA LYS A 1013 16.70 15.31 -2.61
C LYS A 1013 17.82 16.07 -1.92
N LEU A 1014 18.22 15.62 -0.72
CA LEU A 1014 19.32 16.27 -0.01
C LEU A 1014 20.65 16.02 -0.72
N ALA A 1015 20.94 14.76 -1.04
CA ALA A 1015 22.19 14.44 -1.70
C ALA A 1015 22.27 15.04 -3.10
N ALA A 1016 21.12 15.16 -3.79
CA ALA A 1016 21.10 15.82 -5.09
C ALA A 1016 21.28 17.33 -5.00
N GLN A 1017 20.95 17.93 -3.86
CA GLN A 1017 21.11 19.36 -3.69
C GLN A 1017 22.55 19.72 -3.31
N LEU A 1018 23.20 18.87 -2.50
CA LEU A 1018 24.59 19.13 -2.15
C LEU A 1018 25.52 18.88 -3.33
N SER A 1019 25.16 17.97 -4.22
CA SER A 1019 26.01 17.67 -5.38
C SER A 1019 26.10 18.84 -6.36
N ARG A 1020 25.11 19.74 -6.34
CA ARG A 1020 25.19 20.96 -7.13
C ARG A 1020 25.92 22.07 -6.40
N GLN A 1021 25.97 22.02 -5.06
CA GLN A 1021 26.67 23.02 -4.26
C GLN A 1021 28.09 22.60 -3.91
N VAL A 1022 28.51 21.40 -4.32
CA VAL A 1022 29.88 20.92 -4.13
C VAL A 1022 30.33 20.29 -5.44
N ALA A 1023 31.64 20.44 -5.73
CA ALA A 1023 32.19 19.81 -6.92
C ALA A 1023 32.22 18.29 -6.81
N ARG A 1024 32.12 17.74 -5.61
CA ARG A 1024 32.14 16.30 -5.41
C ARG A 1024 30.73 15.75 -5.34
N GLN A 1025 30.57 14.50 -5.81
CA GLN A 1025 29.27 13.85 -5.80
C GLN A 1025 28.91 13.40 -4.40
N VAL A 1026 27.62 13.48 -4.07
CA VAL A 1026 27.09 13.03 -2.79
C VAL A 1026 25.95 12.07 -3.06
N THR A 1027 26.08 10.81 -2.57
CA THR A 1027 25.06 9.80 -2.76
C THR A 1027 24.10 9.80 -1.56
N PRO A 1028 22.82 9.51 -1.80
CA PRO A 1028 21.87 9.44 -0.67
C PRO A 1028 22.21 8.38 0.35
N GLY A 1029 23.07 7.42 0.00
CA GLY A 1029 23.53 6.45 0.99
C GLY A 1029 24.56 6.97 1.95
N GLN A 1030 25.31 8.00 1.57
CA GLN A 1030 26.21 8.66 2.51
C GLN A 1030 25.43 9.31 3.65
N VAL A 1031 24.23 9.80 3.37
CA VAL A 1031 23.39 10.37 4.42
C VAL A 1031 22.92 9.28 5.38
N MET A 1032 22.67 8.07 4.85
CA MET A 1032 22.18 6.97 5.68
C MET A 1032 23.16 6.63 6.80
N VAL A 1033 24.42 6.34 6.43
CA VAL A 1033 25.39 5.88 7.42
C VAL A 1033 25.78 6.98 8.38
N ALA A 1034 25.69 8.25 7.95
CA ALA A 1034 26.09 9.38 8.77
C ALA A 1034 25.14 10.55 8.49
N SER A 1035 24.14 10.70 9.35
CA SER A 1035 23.14 11.75 9.22
C SER A 1035 23.41 12.80 10.30
N THR A 1036 24.22 13.80 9.94
CA THR A 1036 24.66 14.83 10.87
C THR A 1036 25.35 15.93 10.08
N VAL A 1037 25.16 17.18 10.52
CA VAL A 1037 25.80 18.31 9.85
C VAL A 1037 27.32 18.12 9.79
N ALA A 1038 27.94 17.89 10.94
CA ALA A 1038 29.39 17.78 11.01
C ALA A 1038 29.92 16.42 10.60
N LYS A 1039 29.11 15.37 10.71
CA LYS A 1039 29.58 14.03 10.36
C LYS A 1039 29.47 13.75 8.87
N LEU A 1040 28.49 14.35 8.20
CA LEU A 1040 28.42 14.27 6.75
C LEU A 1040 29.38 15.22 6.07
N ALA A 1041 29.79 16.29 6.76
CA ALA A 1041 30.78 17.20 6.19
C ALA A 1041 32.16 16.57 6.14
N THR A 1042 32.45 15.63 7.05
CA THR A 1042 33.75 14.95 7.01
C THR A 1042 33.84 13.98 5.85
N ILE A 1043 32.71 13.47 5.38
CA ILE A 1043 32.70 12.54 4.26
C ILE A 1043 32.56 13.30 2.95
N MET A 1054 39.20 1.94 -8.41
CA MET A 1054 40.12 3.06 -8.41
C MET A 1054 41.22 2.87 -7.35
N GLY A 1055 41.91 1.74 -7.43
CA GLY A 1055 42.98 1.48 -6.50
C GLY A 1055 44.22 2.29 -6.84
N PHE A 1056 44.86 2.82 -5.81
CA PHE A 1056 46.06 3.63 -5.97
C PHE A 1056 47.35 2.82 -5.86
N GLU A 1057 47.26 1.51 -5.70
CA GLU A 1057 48.43 0.68 -5.52
C GLU A 1057 49.12 0.40 -6.85
N THR A 1058 50.19 -0.40 -6.79
CA THR A 1058 50.93 -0.74 -8.00
C THR A 1058 50.09 -1.62 -8.93
N ILE A 1059 49.34 -2.57 -8.36
CA ILE A 1059 48.52 -3.49 -9.14
C ILE A 1059 47.06 -3.07 -9.02
N LEU A 1060 46.39 -2.96 -10.15
CA LEU A 1060 44.97 -2.62 -10.18
C LEU A 1060 44.16 -3.85 -10.56
N PRO A 1061 43.49 -4.52 -9.58
CA PRO A 1061 42.69 -5.73 -9.89
C PRO A 1061 41.35 -5.38 -10.53
N LEU A 1062 41.39 -5.11 -11.84
CA LEU A 1062 40.19 -4.72 -12.57
C LEU A 1062 39.14 -5.83 -12.54
N ARG A 1063 39.53 -7.04 -12.92
CA ARG A 1063 38.63 -8.18 -12.88
C ARG A 1063 39.46 -9.43 -12.67
N GLU A 1064 39.25 -10.10 -11.54
CA GLU A 1064 39.97 -11.33 -11.20
C GLU A 1064 39.11 -12.52 -11.59
N GLY A 1065 39.49 -13.19 -12.66
CA GLY A 1065 38.81 -14.39 -13.14
C GLY A 1065 39.54 -15.65 -12.73
N ASN A 1066 39.57 -16.62 -13.64
CA ASN A 1066 40.18 -17.92 -13.38
C ASN A 1066 41.28 -18.26 -14.37
N GLY A 1067 41.05 -18.07 -15.65
CA GLY A 1067 41.98 -18.48 -16.67
C GLY A 1067 43.10 -17.49 -16.93
N PRO A 1068 43.36 -17.21 -18.21
CA PRO A 1068 44.49 -16.35 -18.58
C PRO A 1068 44.29 -14.92 -18.10
N THR A 1069 45.41 -14.19 -18.04
CA THR A 1069 45.45 -12.85 -17.50
C THR A 1069 45.93 -11.88 -18.58
N LEU A 1070 45.13 -10.84 -18.84
CA LEU A 1070 45.48 -9.78 -19.78
C LEU A 1070 46.00 -8.59 -19.00
N PHE A 1071 47.27 -8.23 -19.23
CA PHE A 1071 47.91 -7.14 -18.51
C PHE A 1071 47.78 -5.84 -19.30
N CYS A 1072 47.15 -4.84 -18.69
CA CYS A 1072 46.98 -3.53 -19.29
C CYS A 1072 47.94 -2.55 -18.63
N PHE A 1073 48.71 -1.84 -19.43
CA PHE A 1073 49.74 -0.94 -18.91
C PHE A 1073 49.24 0.49 -18.85
N HIS A 1074 49.72 1.22 -17.84
CA HIS A 1074 49.22 2.54 -17.55
C HIS A 1074 49.66 3.54 -18.62
N PRO A 1075 48.85 4.57 -18.89
CA PRO A 1075 49.29 5.64 -19.78
C PRO A 1075 50.16 6.67 -19.07
N ALA A 1076 50.26 7.88 -19.64
CA ALA A 1076 51.08 8.92 -19.05
C ALA A 1076 50.57 9.39 -17.70
N SER A 1077 49.27 9.21 -17.42
CA SER A 1077 48.76 9.56 -16.09
C SER A 1077 49.28 8.60 -15.03
N GLY A 1078 49.61 7.38 -15.41
CA GLY A 1078 50.07 6.38 -14.47
C GLY A 1078 48.98 5.58 -13.79
N PHE A 1079 47.81 5.45 -14.43
CA PHE A 1079 46.69 4.70 -13.86
C PHE A 1079 45.92 4.01 -14.96
N ALA A 1080 45.66 2.72 -14.77
CA ALA A 1080 44.92 1.91 -15.74
C ALA A 1080 43.41 1.95 -15.52
N TRP A 1081 42.89 3.05 -14.97
CA TRP A 1081 41.47 3.14 -14.65
C TRP A 1081 40.61 3.10 -15.92
N GLN A 1082 41.12 3.61 -17.03
CA GLN A 1082 40.33 3.69 -18.25
C GLN A 1082 40.11 2.34 -18.91
N PHE A 1083 40.79 1.29 -18.46
CA PHE A 1083 40.58 -0.06 -18.96
C PHE A 1083 39.41 -0.76 -18.27
N SER A 1084 38.57 -0.02 -17.54
CA SER A 1084 37.40 -0.63 -16.91
C SER A 1084 36.39 -1.09 -17.94
N VAL A 1085 36.26 -0.36 -19.06
CA VAL A 1085 35.25 -0.68 -20.06
C VAL A 1085 35.64 -1.83 -20.97
N LEU A 1086 36.89 -2.31 -20.90
CA LEU A 1086 37.30 -3.44 -21.73
C LEU A 1086 36.79 -4.76 -21.18
N SER A 1087 36.56 -4.84 -19.87
CA SER A 1087 36.31 -6.12 -19.22
C SER A 1087 35.04 -6.79 -19.75
N ARG A 1088 33.97 -6.02 -19.92
CA ARG A 1088 32.69 -6.62 -20.31
C ARG A 1088 32.73 -7.25 -21.69
N TYR A 1089 33.67 -6.86 -22.54
CA TYR A 1089 33.76 -7.41 -23.88
C TYR A 1089 34.63 -8.66 -23.96
N LEU A 1090 35.10 -9.17 -22.83
CA LEU A 1090 35.99 -10.33 -22.81
C LEU A 1090 35.27 -11.54 -22.23
N ASP A 1091 35.81 -12.71 -22.55
CA ASP A 1091 35.29 -13.95 -21.99
C ASP A 1091 35.40 -13.91 -20.47
N PRO A 1092 34.37 -14.29 -19.73
CA PRO A 1092 34.39 -14.13 -18.26
C PRO A 1092 35.52 -14.88 -17.57
N GLN A 1093 36.10 -15.91 -18.20
CA GLN A 1093 37.21 -16.62 -17.59
C GLN A 1093 38.47 -15.76 -17.53
N TRP A 1094 38.56 -14.73 -18.36
CA TRP A 1094 39.78 -13.92 -18.45
C TRP A 1094 39.91 -13.00 -17.24
N SER A 1095 41.08 -13.03 -16.61
CA SER A 1095 41.43 -12.03 -15.61
C SER A 1095 41.99 -10.80 -16.31
N ILE A 1096 41.88 -9.65 -15.64
CA ILE A 1096 42.36 -8.38 -16.16
C ILE A 1096 43.07 -7.66 -15.04
N ILE A 1097 44.40 -7.56 -15.13
CA ILE A 1097 45.22 -6.91 -14.13
C ILE A 1097 45.97 -5.78 -14.82
N GLY A 1098 45.58 -4.54 -14.51
CA GLY A 1098 46.33 -3.38 -14.95
C GLY A 1098 47.34 -2.98 -13.91
N ILE A 1099 48.56 -2.67 -14.38
CA ILE A 1099 49.63 -2.21 -13.51
C ILE A 1099 49.90 -0.75 -13.80
N GLN A 1100 50.32 -0.02 -12.76
CA GLN A 1100 50.38 1.43 -12.80
C GLN A 1100 51.60 1.90 -12.02
N SER A 1101 51.76 3.22 -11.94
CA SER A 1101 52.90 3.84 -11.28
C SER A 1101 52.41 4.89 -10.29
N PRO A 1102 52.36 4.56 -8.99
CA PRO A 1102 51.81 5.51 -8.00
C PRO A 1102 52.86 6.47 -7.42
N ARG A 1103 52.45 7.25 -6.43
CA ARG A 1103 53.31 8.19 -5.73
C ARG A 1103 52.98 8.25 -4.23
N PRO A 1104 53.99 8.45 -3.37
CA PRO A 1104 55.42 8.51 -3.70
C PRO A 1104 55.97 7.10 -3.86
N ASN A 1105 57.28 6.99 -4.07
CA ASN A 1105 57.93 5.69 -4.29
C ASN A 1105 57.27 4.95 -5.46
N GLY A 1106 57.36 5.56 -6.64
CA GLY A 1106 56.76 5.01 -7.83
C GLY A 1106 57.76 4.87 -8.96
N PRO A 1107 57.48 3.94 -9.88
CA PRO A 1107 58.46 3.67 -10.95
C PRO A 1107 58.72 4.84 -11.86
N MET A 1108 57.75 5.74 -12.07
CA MET A 1108 57.98 6.89 -12.94
C MET A 1108 58.72 8.01 -12.20
N GLN A 1109 58.54 8.12 -10.89
CA GLN A 1109 59.21 9.16 -10.11
C GLN A 1109 60.66 8.83 -9.83
N THR A 1110 60.99 7.54 -9.71
CA THR A 1110 62.32 7.10 -9.30
C THR A 1110 63.23 6.73 -10.47
N ALA A 1111 62.69 6.56 -11.67
CA ALA A 1111 63.48 6.10 -12.81
C ALA A 1111 64.14 7.28 -13.51
N ALA A 1112 65.43 7.12 -13.83
CA ALA A 1112 66.13 8.08 -14.67
C ALA A 1112 65.91 7.77 -16.15
N ASN A 1113 65.89 6.49 -16.51
CA ASN A 1113 65.64 6.04 -17.87
C ASN A 1113 64.25 5.42 -17.95
N LEU A 1114 63.70 5.41 -19.17
CA LEU A 1114 62.43 4.70 -19.39
C LEU A 1114 62.63 3.19 -19.38
N ASP A 1115 63.86 2.70 -19.53
CA ASP A 1115 64.13 1.29 -19.37
C ASP A 1115 64.25 0.87 -17.91
N GLU A 1116 64.53 1.81 -17.02
CA GLU A 1116 64.54 1.49 -15.60
C GLU A 1116 63.13 1.15 -15.10
N VAL A 1117 62.13 1.85 -15.62
CA VAL A 1117 60.74 1.55 -15.26
C VAL A 1117 60.20 0.42 -16.12
N CYS A 1118 60.60 0.35 -17.39
CA CYS A 1118 60.16 -0.74 -18.26
C CYS A 1118 60.63 -2.09 -17.73
N GLU A 1119 61.80 -2.13 -17.09
CA GLU A 1119 62.28 -3.34 -16.43
C GLU A 1119 61.82 -3.44 -14.98
N ALA A 1120 61.21 -2.38 -14.44
CA ALA A 1120 60.62 -2.45 -13.11
C ALA A 1120 59.23 -3.05 -13.12
N HIS A 1121 58.46 -2.84 -14.20
CA HIS A 1121 57.20 -3.55 -14.38
C HIS A 1121 57.40 -5.00 -14.79
N LEU A 1122 58.57 -5.33 -15.34
CA LEU A 1122 58.92 -6.74 -15.56
C LEU A 1122 59.10 -7.49 -14.24
N ALA A 1123 59.24 -6.78 -13.12
CA ALA A 1123 59.28 -7.45 -11.82
C ALA A 1123 57.89 -7.78 -11.32
N THR A 1124 56.93 -6.87 -11.52
CA THR A 1124 55.56 -7.14 -11.09
C THR A 1124 54.82 -8.08 -12.04
N LEU A 1125 55.19 -8.07 -13.33
CA LEU A 1125 54.51 -8.90 -14.30
C LEU A 1125 55.04 -10.33 -14.29
N LEU A 1126 56.35 -10.50 -14.15
CA LEU A 1126 56.94 -11.83 -14.18
C LEU A 1126 56.70 -12.62 -12.90
N GLU A 1127 56.46 -11.95 -11.78
CA GLU A 1127 56.25 -12.68 -10.53
C GLU A 1127 54.87 -13.34 -10.49
N GLN A 1128 53.88 -12.74 -11.15
CA GLN A 1128 52.53 -13.28 -11.18
C GLN A 1128 52.29 -14.19 -12.38
N GLN A 1129 53.17 -14.15 -13.38
CA GLN A 1129 53.21 -15.13 -14.46
C GLN A 1129 54.66 -15.45 -14.76
N PRO A 1130 55.31 -16.25 -13.90
CA PRO A 1130 56.72 -16.58 -14.13
C PRO A 1130 56.99 -17.14 -15.51
N HIS A 1131 56.04 -17.91 -16.03
CA HIS A 1131 56.11 -18.46 -17.36
C HIS A 1131 54.81 -18.13 -18.08
N GLY A 1132 54.92 -17.83 -19.38
CA GLY A 1132 53.77 -17.38 -20.15
C GLY A 1132 52.80 -18.46 -20.56
N PRO A 1133 52.11 -18.27 -21.69
CA PRO A 1133 52.20 -17.11 -22.60
C PRO A 1133 51.60 -15.82 -22.02
N TYR A 1134 51.87 -14.69 -22.68
CA TYR A 1134 51.52 -13.37 -22.17
C TYR A 1134 50.58 -12.63 -23.12
N TYR A 1135 49.74 -11.78 -22.53
CA TYR A 1135 48.76 -10.99 -23.26
C TYR A 1135 48.85 -9.57 -22.73
N LEU A 1136 49.29 -8.64 -23.58
CA LEU A 1136 49.65 -7.29 -23.16
C LEU A 1136 48.94 -6.26 -24.01
N LEU A 1137 48.47 -5.19 -23.35
CA LEU A 1137 47.78 -4.08 -24.00
C LEU A 1137 48.35 -2.78 -23.45
N GLY A 1138 48.47 -1.77 -24.32
CA GLY A 1138 49.24 -0.58 -23.96
C GLY A 1138 48.51 0.75 -23.92
N TYR A 1139 48.16 1.27 -25.10
CA TYR A 1139 47.66 2.63 -25.30
C TYR A 1139 48.69 3.70 -24.95
N SER A 1140 49.18 4.40 -25.98
CA SER A 1140 50.03 5.59 -25.83
C SER A 1140 51.28 5.23 -25.06
N LEU A 1141 51.57 5.87 -23.92
CA LEU A 1141 52.81 5.60 -23.20
C LEU A 1141 52.89 4.14 -22.74
N GLY A 1142 51.74 3.58 -22.35
CA GLY A 1142 51.69 2.15 -22.06
C GLY A 1142 51.95 1.28 -23.27
N GLY A 1143 51.72 1.81 -24.47
CA GLY A 1143 52.00 1.03 -25.67
C GLY A 1143 53.48 0.81 -25.88
N THR A 1144 54.27 1.89 -25.85
CA THR A 1144 55.72 1.74 -25.88
C THR A 1144 56.25 1.07 -24.62
N LEU A 1145 55.52 1.15 -23.51
CA LEU A 1145 55.90 0.44 -22.30
C LEU A 1145 55.65 -1.06 -22.38
N ALA A 1146 54.72 -1.49 -23.24
CA ALA A 1146 54.47 -2.90 -23.47
C ALA A 1146 55.35 -3.46 -24.57
N GLN A 1147 55.54 -2.71 -25.66
CA GLN A 1147 56.43 -3.13 -26.74
C GLN A 1147 57.88 -3.22 -26.30
N GLY A 1148 58.23 -2.68 -25.13
CA GLY A 1148 59.55 -2.86 -24.58
C GLY A 1148 59.61 -4.09 -23.69
N ILE A 1149 58.51 -4.38 -23.00
CA ILE A 1149 58.42 -5.60 -22.20
C ILE A 1149 58.16 -6.80 -23.10
N ALA A 1150 57.36 -6.62 -24.15
CA ALA A 1150 57.10 -7.72 -25.08
C ALA A 1150 58.39 -8.24 -25.71
N ALA A 1151 59.41 -7.40 -25.81
CA ALA A 1151 60.70 -7.84 -26.34
C ALA A 1151 61.68 -8.23 -25.24
N ARG A 1152 61.60 -7.57 -24.07
CA ARG A 1152 62.38 -8.02 -22.93
C ARG A 1152 61.96 -9.41 -22.46
N LEU A 1153 60.73 -9.81 -22.76
CA LEU A 1153 60.30 -11.17 -22.48
C LEU A 1153 60.72 -12.14 -23.59
N ARG A 1154 60.90 -11.65 -24.81
CA ARG A 1154 61.44 -12.47 -25.88
C ARG A 1154 62.94 -12.68 -25.75
N ALA A 1155 63.59 -12.07 -24.75
CA ALA A 1155 64.90 -12.54 -24.33
C ALA A 1155 64.78 -13.87 -23.61
N ARG A 1156 63.68 -14.07 -22.89
CA ARG A 1156 63.25 -15.38 -22.42
C ARG A 1156 62.62 -16.08 -23.65
N GLY A 1157 62.23 -17.35 -23.61
CA GLY A 1157 62.05 -18.17 -22.42
C GLY A 1157 60.57 -18.48 -22.36
N GLU A 1158 59.77 -17.49 -22.81
CA GLU A 1158 58.33 -17.63 -22.92
C GLU A 1158 57.85 -16.87 -24.15
N GLN A 1159 56.62 -17.18 -24.58
CA GLN A 1159 56.06 -16.64 -25.80
C GLN A 1159 55.02 -15.57 -25.49
N VAL A 1160 54.94 -14.57 -26.38
CA VAL A 1160 53.99 -13.47 -26.25
C VAL A 1160 52.87 -13.72 -27.26
N ALA A 1161 51.68 -14.05 -26.76
CA ALA A 1161 50.58 -14.45 -27.65
C ALA A 1161 49.82 -13.25 -28.20
N PHE A 1162 49.65 -12.20 -27.39
CA PHE A 1162 48.89 -11.03 -27.81
C PHE A 1162 49.58 -9.76 -27.32
N LEU A 1163 49.87 -8.86 -28.26
CA LEU A 1163 50.42 -7.54 -27.95
C LEU A 1163 49.56 -6.51 -28.67
N GLY A 1164 48.74 -5.78 -27.91
CA GLY A 1164 47.86 -4.77 -28.46
C GLY A 1164 48.35 -3.37 -28.13
N LEU A 1165 48.25 -2.48 -29.10
CA LEU A 1165 48.67 -1.08 -28.95
C LEU A 1165 47.55 -0.18 -29.43
N LEU A 1166 47.11 0.73 -28.56
CA LEU A 1166 46.01 1.65 -28.85
C LEU A 1166 46.59 2.99 -29.28
N ASP A 1167 46.70 3.18 -30.60
CA ASP A 1167 47.21 4.42 -31.20
C ASP A 1167 48.57 4.81 -30.62
N THR A 1168 49.45 3.82 -30.49
CA THR A 1168 50.79 4.05 -29.96
C THR A 1168 51.75 4.33 -31.11
N TRP A 1169 52.72 5.21 -30.86
CA TRP A 1169 53.74 5.53 -31.84
C TRP A 1169 55.12 5.35 -31.24
N PRO A 1170 56.09 4.93 -32.06
CA PRO A 1170 57.46 4.82 -31.55
C PRO A 1170 57.99 6.19 -31.17
N PRO A 1171 58.85 6.26 -30.16
CA PRO A 1171 59.39 7.57 -29.73
C PRO A 1171 60.30 8.21 -30.76
N GLU A 1172 60.71 7.49 -31.80
CA GLU A 1172 61.51 8.08 -32.87
C GLU A 1172 60.67 8.86 -33.87
N THR A 1173 59.34 8.85 -33.72
CA THR A 1173 58.47 9.59 -34.62
C THR A 1173 58.30 11.03 -34.15
N LEU A 1184 63.38 18.03 -27.52
CA LEU A 1184 61.98 17.68 -27.22
C LEU A 1184 61.08 18.04 -28.40
N ASP A 1185 60.10 17.19 -28.66
CA ASP A 1185 59.20 17.37 -29.80
C ASP A 1185 57.98 18.19 -29.39
N PRO A 1186 57.61 19.22 -30.18
CA PRO A 1186 56.35 19.94 -29.92
C PRO A 1186 55.15 19.21 -30.49
N GLU A 1187 53.96 19.80 -30.37
CA GLU A 1187 52.72 19.28 -30.97
C GLU A 1187 52.29 17.94 -30.36
N VAL A 1188 53.25 17.13 -29.89
CA VAL A 1188 52.89 15.96 -29.09
C VAL A 1188 52.65 16.35 -27.64
N LEU A 1189 53.16 17.50 -27.21
CA LEU A 1189 52.83 18.05 -25.90
C LEU A 1189 51.41 18.61 -25.87
N ALA A 1190 50.88 19.05 -27.01
CA ALA A 1190 49.48 19.41 -27.11
C ALA A 1190 48.58 18.18 -27.13
N GLU A 1191 49.11 17.03 -27.56
CA GLU A 1191 48.33 15.80 -27.57
C GLU A 1191 48.23 15.19 -26.17
N ILE A 1192 49.38 15.02 -25.50
CA ILE A 1192 49.35 14.47 -24.15
C ILE A 1192 48.70 15.45 -23.18
N ASN A 1193 48.67 16.74 -23.51
CA ASN A 1193 47.85 17.67 -22.74
C ASN A 1193 46.37 17.32 -22.88
N ARG A 1194 45.94 17.00 -24.11
CA ARG A 1194 44.57 16.53 -24.30
C ARG A 1194 44.33 15.21 -23.59
N GLU A 1195 45.38 14.39 -23.44
CA GLU A 1195 45.27 13.19 -22.61
C GLU A 1195 45.08 13.56 -21.14
N ARG A 1196 45.78 14.60 -20.67
CA ARG A 1196 45.59 15.05 -19.29
C ARG A 1196 44.24 15.72 -19.11
N GLU A 1197 43.79 16.48 -20.11
CA GLU A 1197 42.49 17.14 -20.02
C GLU A 1197 41.36 16.12 -19.97
N ALA A 1198 41.40 15.12 -20.85
CA ALA A 1198 40.33 14.13 -20.88
C ALA A 1198 40.36 13.21 -19.67
N PHE A 1199 41.55 12.89 -19.15
CA PHE A 1199 41.64 12.03 -17.97
C PHE A 1199 41.06 12.72 -16.74
N LEU A 1200 41.33 14.01 -16.59
CA LEU A 1200 40.81 14.74 -15.43
C LEU A 1200 39.32 15.02 -15.54
N ALA A 1201 38.79 15.14 -16.76
CA ALA A 1201 37.37 15.39 -16.94
C ALA A 1201 36.52 14.15 -16.64
N ALA A 1202 37.12 12.98 -16.55
CA ALA A 1202 36.40 11.75 -16.24
C ALA A 1202 36.45 11.38 -14.76
N GLN A 1203 37.11 12.19 -13.94
CA GLN A 1203 37.15 11.98 -12.50
C GLN A 1203 36.06 12.74 -11.76
N GLN A 1204 35.13 13.36 -12.49
CA GLN A 1204 34.02 14.14 -11.93
C GLN A 1204 34.50 15.29 -11.05
N GLY A 1205 35.78 15.67 -11.16
CA GLY A 1205 36.31 16.73 -10.32
C GLY A 1205 36.28 16.40 -8.85
N SER A 1206 36.47 15.14 -8.49
CA SER A 1206 36.41 14.73 -7.09
C SER A 1206 37.60 15.26 -6.31
N THR A 1207 38.79 14.79 -6.62
CA THR A 1207 39.99 15.24 -5.92
C THR A 1207 41.22 15.18 -6.82
N GLU A 1210 44.00 18.83 -2.68
CA GLU A 1210 43.74 17.48 -3.19
C GLU A 1210 45.02 16.66 -3.23
N LEU A 1211 44.89 15.36 -2.99
CA LEU A 1211 46.03 14.44 -3.05
C LEU A 1211 46.38 14.06 -4.48
N PHE A 1212 45.54 14.41 -5.47
CA PHE A 1212 45.76 14.05 -6.86
C PHE A 1212 46.65 15.04 -7.61
N THR A 1213 47.58 15.68 -6.92
CA THR A 1213 48.74 16.22 -7.61
C THR A 1213 49.63 15.10 -8.12
N THR A 1214 49.39 13.87 -7.67
CA THR A 1214 50.04 12.69 -8.23
C THR A 1214 49.73 12.54 -9.72
N ILE A 1215 48.52 12.90 -10.14
CA ILE A 1215 48.12 12.74 -11.54
C ILE A 1215 48.95 13.65 -12.43
N GLU A 1216 48.90 14.96 -12.19
CA GLU A 1216 49.68 15.90 -13.00
C GLU A 1216 51.17 15.72 -12.80
N GLY A 1217 51.59 15.25 -11.62
CA GLY A 1217 52.99 14.96 -11.40
C GLY A 1217 53.49 13.87 -12.33
N ASN A 1218 52.68 12.84 -12.56
CA ASN A 1218 53.11 11.73 -13.41
C ASN A 1218 53.30 12.18 -14.85
N TYR A 1219 52.43 13.07 -15.34
CA TYR A 1219 52.61 13.63 -16.67
C TYR A 1219 53.92 14.40 -16.77
N ALA A 1220 54.28 15.13 -15.71
CA ALA A 1220 55.54 15.88 -15.72
C ALA A 1220 56.74 14.94 -15.74
N ASP A 1221 56.66 13.83 -15.01
CA ASP A 1221 57.71 12.82 -15.07
C ASP A 1221 57.58 11.90 -16.28
N ALA A 1222 56.47 11.99 -17.02
CA ALA A 1222 56.35 11.23 -18.26
C ALA A 1222 57.01 11.97 -19.42
N VAL A 1223 56.86 13.29 -19.47
CA VAL A 1223 57.44 14.07 -20.56
C VAL A 1223 58.96 13.92 -20.57
N ARG A 1224 59.58 14.04 -19.40
CA ARG A 1224 61.03 13.91 -19.32
C ARG A 1224 61.49 12.47 -19.54
N LEU A 1225 60.59 11.50 -19.41
CA LEU A 1225 60.91 10.11 -19.68
C LEU A 1225 60.80 9.75 -21.16
N LEU A 1226 60.01 10.51 -21.93
CA LEU A 1226 59.83 10.25 -23.36
C LEU A 1226 60.95 10.82 -24.21
N THR A 1227 61.88 11.58 -23.64
CA THR A 1227 62.93 12.22 -24.41
C THR A 1227 64.21 11.39 -24.49
N THR A 1228 64.25 10.23 -23.85
CA THR A 1228 65.41 9.34 -23.87
C THR A 1228 64.98 7.91 -24.20
N ALA A 1229 64.00 7.78 -25.08
CA ALA A 1229 63.37 6.49 -25.35
C ALA A 1229 63.90 5.89 -26.65
N HIS A 1230 63.79 4.56 -26.74
CA HIS A 1230 64.39 3.80 -27.83
C HIS A 1230 63.60 2.52 -28.04
N SER A 1231 63.13 2.30 -29.27
CA SER A 1231 62.27 1.16 -29.61
C SER A 1231 63.09 -0.10 -29.84
N VAL A 1232 62.65 -1.20 -29.24
CA VAL A 1232 63.36 -2.48 -29.28
C VAL A 1232 62.79 -3.36 -30.41
N PRO A 1233 63.51 -4.41 -30.85
CA PRO A 1233 63.10 -5.15 -32.05
C PRO A 1233 61.71 -5.78 -32.00
N PHE A 1234 61.54 -6.83 -31.18
CA PHE A 1234 60.30 -7.61 -31.14
C PHE A 1234 59.87 -8.08 -32.52
N ASP A 1235 60.32 -9.27 -32.91
CA ASP A 1235 60.07 -9.78 -34.26
C ASP A 1235 58.67 -10.33 -34.44
N GLY A 1236 57.88 -10.45 -33.37
CA GLY A 1236 56.64 -11.17 -33.41
C GLY A 1236 55.49 -10.38 -34.02
N LYS A 1237 54.28 -10.83 -33.71
CA LYS A 1237 53.05 -10.23 -34.23
C LYS A 1237 52.35 -9.43 -33.14
N ALA A 1238 51.90 -8.23 -33.50
CA ALA A 1238 51.20 -7.35 -32.57
C ALA A 1238 49.98 -6.76 -33.25
N THR A 1239 49.02 -6.32 -32.44
CA THR A 1239 47.75 -5.78 -32.90
C THR A 1239 47.74 -4.26 -32.70
N LEU A 1240 47.33 -3.53 -33.74
CA LEU A 1240 47.34 -2.08 -33.72
C LEU A 1240 45.94 -1.54 -33.93
N PHE A 1241 45.57 -0.54 -33.12
CA PHE A 1241 44.32 0.18 -33.25
C PHE A 1241 44.66 1.65 -33.52
N VAL A 1242 44.29 2.15 -34.69
CA VAL A 1242 44.72 3.45 -35.17
C VAL A 1242 43.53 4.38 -35.27
N ALA A 1243 43.74 5.65 -34.92
CA ALA A 1243 42.72 6.69 -35.05
C ALA A 1243 42.86 7.34 -36.42
N GLU A 1244 41.79 7.26 -37.22
CA GLU A 1244 41.86 7.73 -38.60
C GLU A 1244 41.91 9.25 -38.68
N ARG A 1245 41.36 9.94 -37.69
CA ARG A 1245 41.29 11.40 -37.71
C ARG A 1245 42.58 12.08 -37.27
N THR A 1246 43.68 11.33 -37.14
CA THR A 1246 44.97 11.91 -36.77
C THR A 1246 46.07 11.45 -37.71
N SER A 1252 51.10 7.46 -41.50
CA SER A 1252 51.55 6.17 -42.01
C SER A 1252 51.87 5.21 -40.88
N PRO A 1253 50.85 4.53 -40.34
CA PRO A 1253 51.09 3.60 -39.23
C PRO A 1253 51.89 2.37 -39.64
N GLU A 1254 51.89 2.01 -40.92
CA GLU A 1254 52.55 0.79 -41.35
C GLU A 1254 54.06 0.93 -41.31
N ARG A 1255 54.60 1.85 -42.12
CA ARG A 1255 56.06 1.99 -42.22
C ARG A 1255 56.68 2.54 -40.94
N ALA A 1256 55.93 3.37 -40.19
CA ALA A 1256 56.46 3.91 -38.95
C ALA A 1256 56.70 2.84 -37.90
N TRP A 1257 56.00 1.72 -37.97
CA TRP A 1257 56.20 0.58 -37.08
C TRP A 1257 56.97 -0.56 -37.72
N SER A 1258 57.26 -0.47 -39.02
CA SER A 1258 57.76 -1.60 -39.79
C SER A 1258 58.94 -2.34 -39.16
N PRO A 1259 60.04 -1.68 -38.76
CA PRO A 1259 61.19 -2.45 -38.28
C PRO A 1259 61.19 -2.67 -36.77
N TRP A 1260 60.01 -2.75 -36.17
CA TRP A 1260 59.92 -3.04 -34.74
C TRP A 1260 58.78 -4.01 -34.44
N ILE A 1261 58.16 -4.56 -35.48
CA ILE A 1261 57.10 -5.55 -35.40
C ILE A 1261 56.87 -6.09 -36.80
N ALA A 1262 57.38 -7.30 -37.07
CA ALA A 1262 57.32 -7.85 -38.42
C ALA A 1262 55.88 -7.96 -38.91
N GLU A 1263 54.98 -8.37 -38.04
CA GLU A 1263 53.56 -8.53 -38.36
C GLU A 1263 52.76 -7.40 -37.72
N LEU A 1264 51.95 -6.74 -38.55
CA LEU A 1264 50.97 -5.76 -38.11
C LEU A 1264 49.64 -6.09 -38.77
N ASP A 1265 48.75 -6.73 -38.02
CA ASP A 1265 47.33 -6.58 -38.26
C ASP A 1265 46.88 -5.25 -37.66
N ILE A 1266 46.03 -4.54 -38.39
CA ILE A 1266 45.60 -3.20 -37.98
C ILE A 1266 44.12 -3.05 -38.25
N TYR A 1267 43.46 -2.23 -37.43
CA TYR A 1267 42.03 -2.01 -37.51
C TYR A 1267 41.75 -0.51 -37.49
N ARG A 1268 40.73 -0.12 -38.23
CA ARG A 1268 40.40 1.28 -38.45
C ARG A 1268 39.26 1.71 -37.54
N GLN A 1269 39.40 2.91 -36.96
CA GLN A 1269 38.38 3.51 -36.11
C GLN A 1269 38.36 5.00 -36.35
N ASP A 1270 37.16 5.57 -36.49
CA ASP A 1270 36.99 6.99 -36.75
C ASP A 1270 36.93 7.74 -35.42
N CYS A 1271 38.09 8.13 -34.92
CA CYS A 1271 38.20 8.88 -33.68
C CYS A 1271 39.56 9.56 -33.67
N ALA A 1272 39.90 10.18 -32.54
CA ALA A 1272 41.19 10.83 -32.33
C ALA A 1272 42.03 10.00 -31.38
N HIS A 1273 43.28 10.45 -31.17
CA HIS A 1273 44.14 9.80 -30.19
C HIS A 1273 43.58 9.91 -28.78
N VAL A 1274 42.71 10.89 -28.53
CA VAL A 1274 42.15 11.09 -27.20
C VAL A 1274 40.97 10.16 -26.97
N ASP A 1275 40.15 9.92 -28.00
CA ASP A 1275 38.91 9.18 -27.87
C ASP A 1275 39.00 7.76 -28.41
N ILE A 1276 40.21 7.22 -28.55
CA ILE A 1276 40.35 5.82 -28.92
C ILE A 1276 40.25 4.89 -27.72
N ILE A 1277 40.37 5.42 -26.50
CA ILE A 1277 40.17 4.65 -25.29
C ILE A 1277 38.79 4.92 -24.67
N SER A 1278 37.96 5.70 -25.36
CA SER A 1278 36.66 6.06 -24.83
C SER A 1278 35.73 4.85 -24.81
N PRO A 1279 34.73 4.84 -23.91
CA PRO A 1279 33.78 3.71 -23.88
C PRO A 1279 33.05 3.50 -25.20
N GLY A 1280 32.77 4.57 -25.95
CA GLY A 1280 32.11 4.41 -27.23
C GLY A 1280 33.02 3.78 -28.28
N THR A 1281 34.33 3.93 -28.14
CA THR A 1281 35.25 3.35 -29.10
C THR A 1281 35.50 1.87 -28.81
N PHE A 1282 35.58 1.50 -27.53
CA PHE A 1282 35.65 0.09 -27.16
C PHE A 1282 34.41 -0.69 -27.57
N GLU A 1283 33.32 0.00 -27.94
CA GLU A 1283 32.14 -0.66 -28.46
C GLU A 1283 32.46 -1.45 -29.73
N LYS A 1284 33.50 -1.04 -30.46
CA LYS A 1284 34.01 -1.77 -31.61
C LYS A 1284 35.36 -2.42 -31.35
N ILE A 1285 36.23 -1.76 -30.59
CA ILE A 1285 37.53 -2.33 -30.28
C ILE A 1285 37.38 -3.57 -29.40
N GLY A 1286 36.46 -3.51 -28.43
CA GLY A 1286 36.29 -4.55 -27.44
C GLY A 1286 36.15 -5.96 -27.99
N PRO A 1287 35.14 -6.19 -28.84
CA PRO A 1287 34.98 -7.52 -29.42
C PRO A 1287 36.19 -8.01 -30.20
N ILE A 1288 37.01 -7.09 -30.72
CA ILE A 1288 38.19 -7.50 -31.47
C ILE A 1288 39.19 -8.21 -30.57
N ILE A 1289 39.40 -7.70 -29.35
CA ILE A 1289 40.34 -8.34 -28.43
C ILE A 1289 39.85 -9.72 -28.04
N ARG A 1290 38.54 -9.85 -27.78
CA ARG A 1290 37.99 -11.16 -27.45
C ARG A 1290 38.16 -12.15 -28.60
N ALA A 1291 37.90 -11.70 -29.83
CA ALA A 1291 38.03 -12.58 -30.99
C ALA A 1291 39.48 -12.96 -31.26
N THR A 1292 40.43 -12.10 -30.86
CA THR A 1292 41.84 -12.40 -31.07
C THR A 1292 42.41 -13.28 -29.96
N LEU A 1293 41.93 -13.10 -28.73
CA LEU A 1293 42.47 -13.80 -27.56
C LEU A 1293 42.11 -15.29 -27.52
N ASN A 1294 41.38 -15.80 -28.51
CA ASN A 1294 41.06 -17.22 -28.56
C ASN A 1294 41.23 -17.77 -29.98
N PHE B 5 -9.75 -7.73 18.46
CA PHE B 5 -10.17 -6.57 17.67
C PHE B 5 -10.31 -6.94 16.19
N SER B 6 -11.48 -6.64 15.63
CA SER B 6 -11.78 -6.87 14.22
C SER B 6 -11.72 -8.36 13.87
N ASN B 7 -10.56 -8.84 13.45
CA ASN B 7 -10.43 -10.22 12.99
C ASN B 7 -10.65 -11.18 14.15
N PRO B 8 -11.49 -12.21 13.97
CA PRO B 8 -11.74 -13.15 15.07
C PRO B 8 -10.54 -13.99 15.47
N PHE B 9 -9.49 -14.05 14.63
CA PHE B 9 -8.30 -14.81 15.00
C PHE B 9 -7.33 -14.01 15.86
N ASP B 10 -7.42 -12.68 15.83
CA ASP B 10 -6.56 -11.83 16.65
C ASP B 10 -7.09 -11.64 18.06
N ASP B 11 -8.16 -12.35 18.43
CA ASP B 11 -8.76 -12.22 19.75
C ASP B 11 -7.98 -13.04 20.76
N PRO B 12 -7.23 -12.41 21.66
CA PRO B 12 -6.42 -13.17 22.62
C PRO B 12 -7.24 -13.93 23.64
N GLN B 13 -8.47 -13.49 23.91
CA GLN B 13 -9.36 -14.20 24.83
C GLN B 13 -10.20 -15.25 24.14
N GLY B 14 -10.05 -15.42 22.83
CA GLY B 14 -10.89 -16.35 22.10
C GLY B 14 -10.46 -17.79 22.27
N ALA B 15 -11.42 -18.69 22.13
CA ALA B 15 -11.18 -20.12 22.12
C ALA B 15 -11.13 -20.62 20.68
N PHE B 16 -10.32 -21.64 20.44
CA PHE B 16 -10.07 -22.12 19.09
C PHE B 16 -9.99 -23.63 19.05
N TYR B 17 -10.73 -24.24 18.11
CA TYR B 17 -10.46 -25.61 17.74
C TYR B 17 -9.10 -25.72 17.06
N ILE B 18 -8.60 -26.94 16.96
CA ILE B 18 -7.44 -27.25 16.14
C ILE B 18 -7.86 -28.34 15.17
N LEU B 19 -7.87 -28.01 13.88
CA LEU B 19 -8.36 -28.90 12.84
C LEU B 19 -7.19 -29.45 12.02
N ARG B 20 -7.48 -30.51 11.27
CA ARG B 20 -6.46 -31.19 10.48
C ARG B 20 -7.09 -31.76 9.22
N ASN B 21 -6.44 -31.54 8.08
CA ASN B 21 -6.94 -32.03 6.80
C ASN B 21 -6.25 -33.35 6.44
N ALA B 22 -6.47 -33.82 5.22
CA ALA B 22 -5.89 -35.08 4.78
C ALA B 22 -4.39 -34.96 4.59
N GLN B 23 -3.89 -33.77 4.24
CA GLN B 23 -2.47 -33.54 4.02
C GLN B 23 -1.70 -33.28 5.30
N GLY B 24 -2.28 -33.57 6.47
CA GLY B 24 -1.59 -33.37 7.73
C GLY B 24 -1.28 -31.94 8.05
N GLN B 25 -2.13 -31.01 7.63
CA GLN B 25 -1.96 -29.60 7.93
C GLN B 25 -2.93 -29.18 9.02
N PHE B 26 -2.48 -28.26 9.87
CA PHE B 26 -3.24 -27.84 11.04
C PHE B 26 -3.74 -26.41 10.87
N SER B 27 -5.00 -26.21 11.23
CA SER B 27 -5.65 -24.91 11.19
C SER B 27 -6.41 -24.67 12.48
N LEU B 28 -6.27 -23.47 13.03
CA LEU B 28 -7.12 -23.05 14.12
C LEU B 28 -8.47 -22.62 13.58
N TRP B 29 -9.52 -22.89 14.35
CA TRP B 29 -10.85 -22.44 13.98
C TRP B 29 -11.53 -21.83 15.20
N PRO B 30 -12.04 -20.61 15.10
CA PRO B 30 -12.67 -19.99 16.27
C PRO B 30 -13.93 -20.74 16.68
N GLN B 31 -14.11 -20.86 18.00
CA GLN B 31 -15.22 -21.65 18.54
C GLN B 31 -16.57 -21.12 18.05
N GLN B 32 -16.68 -19.82 17.79
CA GLN B 32 -17.96 -19.20 17.47
C GLN B 32 -18.37 -19.37 16.02
N CYS B 33 -17.57 -20.03 15.20
CA CYS B 33 -17.86 -20.15 13.77
C CYS B 33 -18.19 -21.59 13.40
N VAL B 34 -19.04 -21.74 12.38
CA VAL B 34 -19.42 -23.06 11.90
C VAL B 34 -18.21 -23.77 11.32
N LEU B 35 -18.02 -25.03 11.72
CA LEU B 35 -16.82 -25.76 11.34
C LEU B 35 -16.76 -25.96 9.82
N PRO B 36 -15.58 -25.86 9.22
CA PRO B 36 -15.46 -26.03 7.77
C PRO B 36 -15.36 -27.49 7.37
N ALA B 37 -15.82 -27.77 6.16
CA ALA B 37 -15.81 -29.13 5.65
C ALA B 37 -14.42 -29.52 5.15
N GLY B 38 -14.11 -30.81 5.26
CA GLY B 38 -12.81 -31.32 4.87
C GLY B 38 -11.77 -31.31 5.97
N TRP B 39 -12.13 -30.94 7.19
CA TRP B 39 -11.20 -30.86 8.30
C TRP B 39 -11.75 -31.65 9.48
N ASP B 40 -10.86 -32.36 10.17
CA ASP B 40 -11.23 -33.11 11.36
C ASP B 40 -10.84 -32.33 12.60
N ILE B 41 -11.69 -32.41 13.63
CA ILE B 41 -11.38 -31.79 14.91
C ILE B 41 -10.34 -32.65 15.61
N VAL B 42 -9.22 -32.03 15.99
CA VAL B 42 -8.16 -32.70 16.74
C VAL B 42 -8.19 -32.32 18.21
N CYS B 43 -8.24 -31.02 18.49
CA CYS B 43 -8.30 -30.51 19.86
C CYS B 43 -9.61 -29.75 20.05
N GLN B 44 -10.18 -29.90 21.24
CA GLN B 44 -11.32 -29.09 21.63
C GLN B 44 -10.86 -27.64 21.85
N PRO B 45 -11.81 -26.67 21.85
CA PRO B 45 -11.40 -25.26 21.98
C PRO B 45 -10.50 -24.96 23.17
N GLN B 46 -9.34 -24.38 22.88
CA GLN B 46 -8.34 -24.02 23.89
C GLN B 46 -7.98 -22.55 23.75
N SER B 47 -7.11 -22.09 24.65
CA SER B 47 -6.68 -20.70 24.65
C SER B 47 -5.71 -20.44 23.49
N GLN B 48 -5.41 -19.15 23.29
CA GLN B 48 -4.44 -18.77 22.26
C GLN B 48 -3.06 -19.34 22.56
N ALA B 49 -2.64 -19.27 23.83
CA ALA B 49 -1.35 -19.83 24.23
C ALA B 49 -1.40 -21.34 24.43
N SER B 50 -2.58 -21.90 24.71
CA SER B 50 -2.70 -23.35 24.80
C SER B 50 -2.59 -24.00 23.43
N CYS B 51 -3.20 -23.38 22.41
CA CYS B 51 -3.03 -23.86 21.04
C CYS B 51 -1.58 -23.72 20.58
N GLN B 52 -0.90 -22.66 21.01
CA GLN B 52 0.51 -22.49 20.66
C GLN B 52 1.37 -23.60 21.27
N GLN B 53 1.01 -24.04 22.48
CA GLN B 53 1.79 -25.08 23.15
C GLN B 53 1.54 -26.45 22.54
N TRP B 54 0.31 -26.72 22.10
CA TRP B 54 0.00 -27.99 21.48
C TRP B 54 0.61 -28.09 20.08
N LEU B 55 0.52 -27.02 19.30
CA LEU B 55 1.00 -27.05 17.92
C LEU B 55 2.52 -27.21 17.85
N GLU B 56 3.24 -26.59 18.77
CA GLU B 56 4.70 -26.69 18.77
C GLU B 56 5.19 -28.09 19.13
N ALA B 57 4.32 -28.93 19.71
CA ALA B 57 4.70 -30.27 20.11
C ALA B 57 4.14 -31.37 19.20
N HIS B 58 3.22 -31.04 18.29
CA HIS B 58 2.58 -32.05 17.45
C HIS B 58 2.72 -31.78 15.96
N TRP B 59 3.34 -30.67 15.56
CA TRP B 59 3.54 -30.36 14.14
C TRP B 59 4.96 -29.83 13.98
N ARG B 60 5.91 -30.74 13.76
CA ARG B 60 7.31 -30.38 13.61
C ARG B 60 7.87 -30.79 12.25
N THR B 61 7.00 -31.13 11.29
CA THR B 61 7.41 -31.45 9.93
C THR B 61 7.41 -30.23 9.02
N LEU B 62 7.58 -29.03 9.58
CA LEU B 62 7.37 -27.78 8.85
C LEU B 62 8.69 -27.14 8.42
N THR B 63 9.68 -27.93 8.04
CA THR B 63 10.96 -27.44 7.58
C THR B 63 11.17 -27.77 6.10
N PRO B 64 12.02 -27.03 5.40
CA PRO B 64 12.21 -27.29 3.96
C PRO B 64 12.79 -28.67 3.66
N THR B 65 13.50 -29.28 4.61
CA THR B 65 14.00 -30.64 4.42
C THR B 65 12.92 -31.69 4.63
N ASN B 66 11.71 -31.28 5.05
CA ASN B 66 10.59 -32.20 5.15
C ASN B 66 9.75 -32.25 3.88
N PHE B 67 9.80 -31.21 3.06
CA PHE B 67 9.14 -31.19 1.76
C PHE B 67 10.01 -31.80 0.67
N THR B 68 11.07 -32.52 1.04
CA THR B 68 12.02 -33.05 0.08
C THR B 68 11.50 -34.28 -0.67
N GLN B 69 10.37 -34.84 -0.27
CA GLN B 69 9.98 -36.13 -0.84
C GLN B 69 8.56 -36.16 -1.41
N LEU B 70 7.55 -36.02 -0.56
CA LEU B 70 6.17 -36.22 -1.00
C LEU B 70 5.76 -35.19 -2.04
O1 75C C . 12.61 4.12 4.28
C1 75C C . -0.25 -3.32 -0.81
C2 75C C . -0.85 -2.75 -3.05
C3 75C C . 1.22 -4.88 -1.12
O2 75C C . -0.17 -7.22 3.14
C4 75C C . 6.21 -7.67 -0.60
N1 75C C . 4.10 -6.63 1.70
S1 75C C . 5.17 -7.81 1.89
C5 75C C . 5.43 -8.53 0.42
N2 75C C . -1.71 -1.83 -2.56
C6 75C C . -1.83 -1.65 -1.24
N3 75C C . 4.99 -9.28 -1.97
O3 75C C . -0.78 -4.71 3.10
C7 75C C . 2.74 -7.19 1.55
N4 75C C . -1.12 -2.38 -0.37
C8 75C C . -0.10 -3.51 -2.17
N5 75C C . -0.73 -2.92 -4.39
N6 75C C . 0.82 -4.50 -2.35
N7 75C C . 0.58 -4.17 -0.19
C9 75C C . 5.71 -7.99 -2.01
C10 75C C . 4.77 -6.94 -2.57
S2 75C C . 6.12 -5.94 -0.29
P1 75C C . 14.21 4.55 3.52
C11 75C C . 7.28 -5.05 -1.28
O4 75C C . 6.38 -7.27 2.45
C12 75C C . 8.73 -5.36 -0.90
O5 75C C . 4.62 -8.78 2.80
O6 75C C . 15.78 4.19 4.40
N8 75C C . 9.27 -4.11 -0.40
C13 75C C . 10.14 -3.36 -0.93
O7 75C C . 10.65 -3.60 -2.01
O8 75C C . 14.31 3.81 1.94
C14 75C C . 10.52 -2.10 -0.17
C15 75C C . 11.64 -1.39 -0.91
N9 75C C . 11.94 -0.19 -0.15
C16 75C C . 13.09 0.31 0.01
O9 75C C . 14.09 -0.18 -0.48
C17 75C C . 13.19 1.56 0.85
O10 75C C . 12.03 1.65 1.69
C18 75C C . 13.29 2.84 0.02
C19 75C C . 13.28 4.02 0.98
C20 75C C . 14.57 2.86 -0.81
C21 75C C . 12.09 2.95 -0.91
O11 75C C . 4.67 -7.15 -3.98
C22 75C C . 0.73 -4.28 1.28
C23 75C C . -0.35 -5.20 1.83
C24 75C C . 0.33 -6.54 1.99
C25 75C C . 1.79 -6.18 2.17
O12 75C C . 1.99 -4.89 1.58
CL CL D . 0.08 0.81 6.13
#